data_9UAV
#
_entry.id   9UAV
#
_cell.length_a   1.00
_cell.length_b   1.00
_cell.length_c   1.00
_cell.angle_alpha   90.00
_cell.angle_beta   90.00
_cell.angle_gamma   90.00
#
_symmetry.space_group_name_H-M   'P 1'
#
loop_
_entity.id
_entity.type
_entity.pdbx_description
1 polymer 'E3 ubiquitin-protein ligase synoviolin'
2 polymer 'Protein sel-1 homolog 1'
3 polymer 'Endoplasmic reticulum lectin 1'
4 polymer ALA-ASN-ALA
5 branched alpha-D-mannopyranose-(1-3)-[alpha-D-mannopyranose-(1-6)]alpha-D-mannopyranose-(1-6)-[alpha-D-mannopyranose-(1-4)]alpha-D-mannopyranose-(1-4)-2-acetamido-2-deoxy-beta-D-glucopyranose-(1-4)-2-acetamido-2-deoxy-beta-D-glucopyranose
6 non-polymer 2-acetamido-2-deoxy-beta-D-glucopyranose
#
loop_
_entity_poly.entity_id
_entity_poly.type
_entity_poly.pdbx_seq_one_letter_code
_entity_poly.pdbx_strand_id
1 'polypeptide(L)'
;MFRTAVMMAASLALTGAVVAHAYYLKHQFYPTVVYLTKSSPSMAVLYIQAFVLVFLLGKVMGKVFFGQLRAAEMEHLLER
SWYAVTETCLAFTVFRDDFSPRFVALFTLLLFLKCFHWLAEDRVDFMERSPNISWLFHCRIVSLMFLLGILDFLFVSHAY
HSILTRGASVQLVFGFEYAILMTMVLTIFIKYVLHSVDLQSENPWDNKAVYMLYTELFTGFIKVLLYMAFMTIMIKVHTF
PLFAIRPMYLAMRQFKKAVTDAIMSR
;
A,B
2 'polypeptide(L)'
;AKRRQMQEAEMMYQTGMKILNGSNKKSQKREAYRYLQKAASMNHTKALERVSYALLFGDYLPQNIQAAREMFEKLTEEGS
PKGQTALGFLYASGLGVNSSQAKALVYYTFGALGGNLIAHMVLGYRYWAGIGVLQSCESALTHYRLVANHVASDISLTGG
SVVQRIRLPDEVENPGMNSGMLEEDLIQYYQFLAEKGDVQAQVGLGQLHLHGGRGVEQNHQRAFDYFNLAANAGNSHAMA
FLGKMYSEGSDIVPQSNETALHYFKKAADMGNPVGQSGLGMAYLYGRGVQVNYDLALKYFQKAAEQGWVDGQLQLGSMYY
NGIGVKRDYKQALKYFNLASQGGHILAFYNLAQMHASGTGVMRSCHTAVELFKNVCERGRWSERLMTAYNSYKDGDYNAA
VIQYLLLAEQGYEVAQSNAAFILDQREASIVGENETYPRALLHWNRAASQGYTVARIKLGDYHFYGFGTDVDYETAFIHY
RLASEQQHSAQAMFNLGYMHEKGLGIKQDIHLAKRFYDMAAEASPDAQVPVFLALCKLGVVYFLQYIRE
;
C,D
3 'polypeptide(L)'
;LSDDIPFRVNWPGTEFSLPTTGVLYKEDNYVIMTTAHKEKYKCILPLVTSGDEEEEKDYKGPNPRELLEPLFKQSSCSYR
IESYWTYEVCHGKHIRQYHEEKETGQKINIHEYYLGNMLAKNLLFEKEREAEEKEKSNEIPTKNIEGQMTPYYPVGMGNG
TPCSLKQNRPRSSTVMYICHPESKHEILSVAEVTTCEYEVVILTPLLCSHPKYRFRASPVNDIFCQSLPGSPFKPLTLRQ
LEQQEEILR
;
E,F
4 'polypeptide(L)' ANA G,H
#
loop_
_chem_comp.id
_chem_comp.type
_chem_comp.name
_chem_comp.formula
MAN D-saccharide, alpha linking alpha-D-mannopyranose 'C6 H12 O6'
NAG D-saccharide, beta linking 2-acetamido-2-deoxy-beta-D-glucopyranose 'C8 H15 N O6'
#
# COMPACT_ATOMS: atom_id res chain seq x y z
N MET A 1 52.76 40.54 -23.99
CA MET A 1 51.39 40.12 -23.77
C MET A 1 51.05 38.88 -24.58
N PHE A 2 52.09 38.20 -25.07
CA PHE A 2 51.89 36.99 -25.86
C PHE A 2 51.26 35.88 -25.04
N ARG A 3 51.70 35.71 -23.79
CA ARG A 3 51.17 34.65 -22.94
C ARG A 3 49.68 34.87 -22.65
N THR A 4 49.29 36.12 -22.37
CA THR A 4 47.89 36.43 -22.13
C THR A 4 47.03 36.15 -23.36
N ALA A 5 47.53 36.52 -24.53
CA ALA A 5 46.82 36.23 -25.77
C ALA A 5 46.68 34.73 -26.00
N VAL A 6 47.75 33.97 -25.71
CA VAL A 6 47.69 32.52 -25.87
C VAL A 6 46.68 31.91 -24.91
N MET A 7 46.67 32.37 -23.66
CA MET A 7 45.70 31.87 -22.69
C MET A 7 44.28 32.20 -23.10
N MET A 8 44.05 33.42 -23.59
CA MET A 8 42.72 33.80 -24.05
C MET A 8 42.30 32.96 -25.25
N ALA A 9 43.23 32.69 -26.17
CA ALA A 9 42.91 31.85 -27.33
C ALA A 9 42.57 30.42 -26.91
N ALA A 10 43.33 29.88 -25.94
CA ALA A 10 43.02 28.54 -25.44
C ALA A 10 41.65 28.49 -24.77
N SER A 11 41.33 29.53 -23.98
CA SER A 11 40.02 29.60 -23.34
C SER A 11 38.91 29.71 -24.38
N LEU A 12 39.13 30.50 -25.42
CA LEU A 12 38.15 30.63 -26.51
C LEU A 12 37.96 29.30 -27.23
N ALA A 13 39.05 28.58 -27.47
CA ALA A 13 38.95 27.25 -28.06
C ALA A 13 38.14 26.30 -27.18
N LEU A 14 38.37 26.35 -25.86
CA LEU A 14 37.62 25.49 -24.94
C LEU A 14 36.12 25.80 -24.96
N THR A 15 35.75 27.09 -24.90
CA THR A 15 34.32 27.39 -24.90
C THR A 15 33.69 27.08 -26.27
N GLY A 16 34.44 27.28 -27.35
CA GLY A 16 33.95 26.85 -28.66
C GLY A 16 33.73 25.36 -28.74
N ALA A 17 34.65 24.58 -28.15
CA ALA A 17 34.48 23.13 -28.11
C ALA A 17 33.24 22.74 -27.32
N VAL A 18 33.00 23.37 -26.17
CA VAL A 18 31.84 22.96 -25.37
C VAL A 18 30.53 23.36 -26.06
N VAL A 19 30.47 24.53 -26.71
CA VAL A 19 29.22 24.88 -27.38
C VAL A 19 28.98 24.00 -28.60
N ALA A 20 30.05 23.65 -29.34
CA ALA A 20 29.89 22.71 -30.45
C ALA A 20 29.42 21.35 -29.95
N HIS A 21 30.00 20.85 -28.86
CA HIS A 21 29.56 19.58 -28.29
C HIS A 21 28.10 19.64 -27.87
N ALA A 22 27.68 20.76 -27.27
CA ALA A 22 26.28 20.90 -26.87
C ALA A 22 25.36 20.94 -28.08
N TYR A 23 25.73 21.74 -29.09
CA TYR A 23 24.87 21.89 -30.26
C TYR A 23 24.76 20.60 -31.06
N TYR A 24 25.78 19.73 -31.00
CA TYR A 24 25.69 18.48 -31.73
C TYR A 24 24.61 17.56 -31.16
N LEU A 25 24.46 17.54 -29.83
CA LEU A 25 23.43 16.70 -29.22
C LEU A 25 22.03 17.21 -29.55
N LYS A 26 21.72 18.44 -29.14
CA LYS A 26 20.41 19.04 -29.37
C LYS A 26 20.57 20.16 -30.41
N HIS A 27 20.08 19.92 -31.62
CA HIS A 27 20.42 20.77 -32.75
C HIS A 27 19.74 22.14 -32.72
N GLN A 28 18.89 22.42 -31.75
CA GLN A 28 18.15 23.68 -31.71
C GLN A 28 18.70 24.61 -30.64
N PHE A 29 18.37 25.90 -30.81
CA PHE A 29 18.87 26.95 -29.92
C PHE A 29 18.50 26.70 -28.47
N TYR A 30 17.20 26.68 -28.17
CA TYR A 30 16.75 26.57 -26.79
C TYR A 30 17.24 25.31 -26.08
N PRO A 31 17.13 24.10 -26.63
CA PRO A 31 17.72 22.95 -25.91
C PRO A 31 19.23 23.04 -25.77
N THR A 32 19.94 23.61 -26.75
CA THR A 32 21.39 23.79 -26.61
C THR A 32 21.71 24.64 -25.40
N VAL A 33 21.08 25.81 -25.29
CA VAL A 33 21.37 26.70 -24.18
C VAL A 33 20.92 26.10 -22.87
N VAL A 34 19.76 25.43 -22.84
CA VAL A 34 19.28 24.88 -21.58
C VAL A 34 20.17 23.74 -21.11
N TYR A 35 20.70 22.93 -22.05
CA TYR A 35 21.60 21.86 -21.65
C TYR A 35 22.94 22.42 -21.17
N LEU A 36 23.44 23.46 -21.85
CA LEU A 36 24.65 24.13 -21.39
C LEU A 36 24.47 24.66 -19.97
N THR A 37 23.31 25.25 -19.69
CA THR A 37 23.04 25.74 -18.34
C THR A 37 22.97 24.59 -17.33
N LYS A 38 22.34 23.48 -17.72
CA LYS A 38 22.05 22.44 -16.74
C LYS A 38 23.28 21.62 -16.37
N SER A 39 24.10 21.24 -17.35
CA SER A 39 25.16 20.29 -17.08
C SER A 39 26.35 20.95 -16.39
N SER A 40 26.94 20.23 -15.43
CA SER A 40 27.98 20.81 -14.59
C SER A 40 29.25 21.22 -15.33
N PRO A 41 29.88 20.38 -16.18
CA PRO A 41 31.08 20.87 -16.88
C PRO A 41 30.83 22.06 -17.78
N SER A 42 29.65 22.16 -18.40
CA SER A 42 29.35 23.29 -19.27
C SER A 42 29.26 24.60 -18.49
N MET A 43 28.58 24.60 -17.35
CA MET A 43 28.55 25.83 -16.58
C MET A 43 29.93 26.12 -16.00
N ALA A 44 30.70 25.10 -15.66
CA ALA A 44 32.04 25.34 -15.13
C ALA A 44 32.94 26.00 -16.17
N VAL A 45 32.92 25.49 -17.41
CA VAL A 45 33.81 26.05 -18.45
C VAL A 45 33.36 27.46 -18.81
N LEU A 46 32.04 27.71 -18.85
CA LEU A 46 31.59 29.08 -19.07
C LEU A 46 31.96 29.99 -17.90
N TYR A 47 31.97 29.47 -16.67
CA TYR A 47 32.45 30.26 -15.54
C TYR A 47 33.93 30.61 -15.71
N ILE A 48 34.75 29.67 -16.18
CA ILE A 48 36.16 29.98 -16.45
C ILE A 48 36.28 31.04 -17.52
N GLN A 49 35.47 30.94 -18.58
CA GLN A 49 35.50 31.96 -19.63
C GLN A 49 35.13 33.33 -19.07
N ALA A 50 34.11 33.37 -18.22
CA ALA A 50 33.71 34.63 -17.60
C ALA A 50 34.81 35.20 -16.73
N PHE A 51 35.48 34.33 -15.96
CA PHE A 51 36.59 34.78 -15.13
C PHE A 51 37.74 35.33 -15.97
N VAL A 52 38.07 34.65 -17.07
CA VAL A 52 39.15 35.12 -17.95
C VAL A 52 38.78 36.46 -18.58
N LEU A 53 37.54 36.58 -19.04
CA LEU A 53 37.10 37.84 -19.64
C LEU A 53 37.12 38.97 -18.62
N VAL A 54 36.70 38.68 -17.39
CA VAL A 54 36.70 39.68 -16.33
C VAL A 54 38.13 40.10 -15.99
N PHE A 55 39.06 39.14 -15.97
CA PHE A 55 40.46 39.47 -15.70
C PHE A 55 41.03 40.36 -16.81
N LEU A 56 40.72 40.03 -18.07
CA LEU A 56 41.19 40.85 -19.18
C LEU A 56 40.60 42.25 -19.12
N LEU A 57 39.30 42.35 -18.80
CA LEU A 57 38.65 43.65 -18.68
C LEU A 57 39.24 44.46 -17.54
N GLY A 58 39.53 43.81 -16.41
CA GLY A 58 40.16 44.49 -15.30
C GLY A 58 41.55 44.99 -15.63
N LYS A 59 42.33 44.19 -16.37
CA LYS A 59 43.65 44.64 -16.81
C LYS A 59 43.53 45.84 -17.73
N VAL A 60 42.57 45.81 -18.66
CA VAL A 60 42.36 46.94 -19.57
C VAL A 60 41.95 48.19 -18.80
N MET A 61 41.05 48.04 -17.83
CA MET A 61 40.60 49.17 -17.03
C MET A 61 41.73 49.75 -16.20
N GLY A 62 42.55 48.88 -15.60
CA GLY A 62 43.71 49.35 -14.86
C GLY A 62 44.72 50.08 -15.74
N LYS A 63 44.93 49.58 -16.96
CA LYS A 63 45.79 50.28 -17.91
C LYS A 63 45.23 51.64 -18.29
N VAL A 64 43.92 51.74 -18.51
CA VAL A 64 43.31 53.00 -18.92
C VAL A 64 43.32 54.00 -17.78
N PHE A 65 42.92 53.58 -16.58
CA PHE A 65 42.77 54.48 -15.45
C PHE A 65 44.06 54.69 -14.65
N PHE A 66 45.09 53.90 -14.92
CA PHE A 66 46.38 54.05 -14.25
C PHE A 66 47.48 53.89 -15.28
N GLY A 67 48.36 54.89 -15.38
CA GLY A 67 49.43 54.84 -16.36
C GLY A 67 50.40 53.71 -16.08
N GLN A 68 50.82 53.56 -14.83
CA GLN A 68 51.76 52.51 -14.45
C GLN A 68 51.63 52.26 -12.96
N LEU A 69 51.60 50.98 -12.58
CA LEU A 69 51.56 50.61 -11.18
C LEU A 69 52.90 50.92 -10.51
N ARG A 70 52.84 51.19 -9.20
CA ARG A 70 54.04 51.50 -8.46
C ARG A 70 54.80 50.26 -8.00
N ALA A 71 54.29 49.07 -8.30
CA ALA A 71 54.90 47.78 -7.92
C ALA A 71 55.06 47.64 -6.41
N ALA A 72 54.22 48.32 -5.63
CA ALA A 72 54.27 48.24 -4.18
C ALA A 72 52.92 48.05 -3.53
N GLU A 73 51.83 48.04 -4.31
CA GLU A 73 50.50 47.82 -3.78
C GLU A 73 49.87 46.56 -4.35
N MET A 74 50.58 45.84 -5.22
CA MET A 74 50.07 44.59 -5.78
C MET A 74 49.83 43.55 -4.70
N GLU A 75 50.76 43.40 -3.75
CA GLU A 75 50.55 42.47 -2.65
C GLU A 75 49.41 42.92 -1.74
N HIS A 76 49.31 44.22 -1.48
CA HIS A 76 48.21 44.74 -0.67
C HIS A 76 46.86 44.50 -1.34
N LEU A 77 46.79 44.73 -2.65
CA LEU A 77 45.57 44.45 -3.39
C LEU A 77 45.27 42.96 -3.41
N LEU A 78 46.30 42.13 -3.55
CA LEU A 78 46.07 40.69 -3.60
C LEU A 78 45.53 40.19 -2.27
N GLU A 79 46.09 40.68 -1.16
CA GLU A 79 45.62 40.30 0.17
C GLU A 79 44.19 40.75 0.40
N ARG A 80 43.87 41.99 0.02
CA ARG A 80 42.50 42.47 0.15
C ARG A 80 41.54 41.67 -0.73
N SER A 81 41.96 41.34 -1.95
CA SER A 81 41.13 40.53 -2.84
C SER A 81 40.88 39.13 -2.27
N TRP A 82 41.92 38.52 -1.70
CA TRP A 82 41.75 37.22 -1.06
C TRP A 82 40.79 37.28 0.12
N TYR A 83 40.90 38.34 0.93
CA TYR A 83 39.96 38.51 2.04
C TYR A 83 38.53 38.71 1.53
N ALA A 84 38.37 39.53 0.50
CA ALA A 84 37.03 39.82 -0.02
C ALA A 84 36.42 38.57 -0.64
N VAL A 85 37.22 37.80 -1.38
CA VAL A 85 36.74 36.56 -1.99
C VAL A 85 36.33 35.55 -0.92
N THR A 86 37.13 35.43 0.15
CA THR A 86 36.76 34.53 1.24
C THR A 86 35.47 34.99 1.92
N GLU A 87 35.33 36.30 2.15
CA GLU A 87 34.12 36.81 2.77
C GLU A 87 32.89 36.57 1.89
N THR A 88 33.02 36.81 0.58
CA THR A 88 31.91 36.59 -0.34
C THR A 88 31.54 35.11 -0.41
N CYS A 89 32.53 34.22 -0.44
CA CYS A 89 32.24 32.79 -0.45
C CYS A 89 31.53 32.36 0.83
N LEU A 90 31.98 32.89 1.98
CA LEU A 90 31.33 32.57 3.25
C LEU A 90 29.89 33.08 3.26
N ALA A 91 29.66 34.29 2.77
CA ALA A 91 28.30 34.84 2.70
C ALA A 91 27.41 34.01 1.80
N PHE A 92 27.93 33.60 0.63
CA PHE A 92 27.15 32.78 -0.29
C PHE A 92 26.80 31.42 0.31
N THR A 93 27.77 30.80 1.00
CA THR A 93 27.53 29.49 1.59
C THR A 93 26.63 29.57 2.82
N VAL A 94 26.63 30.70 3.52
CA VAL A 94 25.79 30.84 4.71
C VAL A 94 24.36 31.22 4.32
N PHE A 95 24.19 32.11 3.34
CA PHE A 95 22.85 32.48 2.91
C PHE A 95 22.12 31.37 2.16
N ARG A 96 22.84 30.31 1.75
CA ARG A 96 22.26 29.19 1.01
C ARG A 96 21.54 29.66 -0.26
N ASP A 97 22.13 30.63 -0.95
CA ASP A 97 21.54 31.16 -2.17
C ASP A 97 21.65 30.21 -3.35
N ASP A 98 22.40 29.11 -3.22
CA ASP A 98 22.60 28.07 -4.23
C ASP A 98 23.36 28.59 -5.44
N PHE A 99 23.89 27.68 -6.26
CA PHE A 99 24.66 28.07 -7.43
C PHE A 99 23.69 28.29 -8.60
N SER A 100 23.48 29.55 -8.94
CA SER A 100 22.61 29.96 -10.03
C SER A 100 23.34 30.97 -10.90
N PRO A 101 23.01 31.05 -12.20
CA PRO A 101 23.64 32.02 -13.09
C PRO A 101 23.01 33.40 -13.02
N ARG A 102 22.78 33.87 -11.79
CA ARG A 102 22.28 35.22 -11.55
C ARG A 102 22.94 35.93 -10.37
N PHE A 103 23.52 35.22 -9.41
CA PHE A 103 24.14 35.86 -8.26
C PHE A 103 25.65 35.71 -8.18
N VAL A 104 26.25 34.77 -8.92
CA VAL A 104 27.70 34.64 -8.89
C VAL A 104 28.35 35.87 -9.50
N ALA A 105 27.73 36.43 -10.54
CA ALA A 105 28.29 37.62 -11.16
C ALA A 105 28.23 38.80 -10.21
N LEU A 106 27.24 38.82 -9.32
CA LEU A 106 27.14 39.91 -8.35
C LEU A 106 28.36 39.90 -7.43
N PHE A 107 28.74 38.72 -6.97
CA PHE A 107 29.91 38.57 -6.11
C PHE A 107 31.19 38.93 -6.87
N THR A 108 31.28 38.51 -8.14
CA THR A 108 32.46 38.86 -8.93
C THR A 108 32.56 40.37 -9.14
N LEU A 109 31.43 41.02 -9.42
CA LEU A 109 31.40 42.48 -9.58
C LEU A 109 31.78 43.18 -8.28
N LEU A 110 31.27 42.67 -7.15
CA LEU A 110 31.63 43.26 -5.86
C LEU A 110 33.11 43.13 -5.58
N LEU A 111 33.71 41.97 -5.89
CA LEU A 111 35.15 41.80 -5.69
C LEU A 111 35.93 42.74 -6.60
N PHE A 112 35.49 42.90 -7.85
CA PHE A 112 36.16 43.81 -8.76
C PHE A 112 36.06 45.26 -8.27
N LEU A 113 34.89 45.65 -7.77
CA LEU A 113 34.73 46.99 -7.23
C LEU A 113 35.59 47.21 -5.99
N LYS A 114 35.70 46.19 -5.14
CA LYS A 114 36.56 46.31 -3.96
C LYS A 114 38.01 46.48 -4.37
N CYS A 115 38.45 45.73 -5.40
CA CYS A 115 39.81 45.87 -5.90
C CYS A 115 40.04 47.27 -6.47
N PHE A 116 39.05 47.79 -7.21
CA PHE A 116 39.15 49.14 -7.74
C PHE A 116 39.21 50.18 -6.63
N HIS A 117 38.43 50.00 -5.56
CA HIS A 117 38.47 50.91 -4.43
C HIS A 117 39.82 50.87 -3.73
N TRP A 118 40.38 49.66 -3.56
CA TRP A 118 41.69 49.54 -2.95
C TRP A 118 42.76 50.21 -3.80
N LEU A 119 42.68 50.03 -5.13
CA LEU A 119 43.61 50.70 -6.03
C LEU A 119 43.47 52.22 -5.96
N ALA A 120 42.23 52.72 -5.88
CA ALA A 120 42.01 54.16 -5.76
C ALA A 120 42.59 54.70 -4.45
N GLU A 121 42.41 53.95 -3.36
CA GLU A 121 43.00 54.33 -2.07
C GLU A 121 44.52 54.37 -2.14
N ASP A 122 45.13 53.36 -2.77
CA ASP A 122 46.58 53.35 -2.93
C ASP A 122 47.05 54.50 -3.82
N ARG A 123 46.32 54.79 -4.88
CA ARG A 123 46.66 55.90 -5.77
C ARG A 123 46.60 57.24 -5.03
N VAL A 124 45.57 57.44 -4.22
CA VAL A 124 45.47 58.66 -3.42
C VAL A 124 46.61 58.74 -2.40
N ASP A 125 46.95 57.61 -1.76
CA ASP A 125 48.07 57.59 -0.83
C ASP A 125 49.38 57.94 -1.52
N PHE A 126 49.61 57.40 -2.73
CA PHE A 126 50.81 57.74 -3.48
C PHE A 126 50.82 59.20 -3.90
N MET A 127 49.67 59.73 -4.33
CA MET A 127 49.59 61.13 -4.71
C MET A 127 49.80 62.06 -3.53
N GLU A 128 49.49 61.60 -2.32
CA GLU A 128 49.72 62.42 -1.12
C GLU A 128 51.20 62.74 -0.94
N ARG A 129 52.09 61.90 -1.46
CA ARG A 129 53.53 62.13 -1.40
C ARG A 129 54.14 62.25 -2.79
N SER A 130 53.34 62.69 -3.77
CA SER A 130 53.81 62.83 -5.13
C SER A 130 54.18 64.28 -5.40
N PRO A 131 55.44 64.60 -5.67
CA PRO A 131 55.82 66.00 -5.92
C PRO A 131 55.70 66.42 -7.38
N ASN A 132 55.47 65.49 -8.30
CA ASN A 132 55.34 65.80 -9.73
C ASN A 132 54.18 64.98 -10.28
N ILE A 133 52.98 65.58 -10.27
CA ILE A 133 51.78 64.95 -10.79
C ILE A 133 51.15 65.88 -11.82
N SER A 134 50.84 65.33 -12.99
CA SER A 134 50.26 66.16 -14.04
C SER A 134 48.77 66.39 -13.77
N TRP A 135 48.24 67.42 -14.44
CA TRP A 135 46.81 67.74 -14.30
C TRP A 135 45.92 66.68 -14.93
N LEU A 136 46.43 65.97 -15.96
CA LEU A 136 45.64 64.93 -16.60
C LEU A 136 45.31 63.79 -15.65
N PHE A 137 46.30 63.34 -14.86
CA PHE A 137 46.06 62.27 -13.91
C PHE A 137 45.07 62.69 -12.83
N HIS A 138 45.20 63.93 -12.35
CA HIS A 138 44.29 64.44 -11.34
C HIS A 138 42.86 64.54 -11.88
N CYS A 139 42.71 64.99 -13.12
CA CYS A 139 41.38 65.11 -13.71
C CYS A 139 40.78 63.76 -14.10
N ARG A 140 41.61 62.74 -14.34
CA ARG A 140 41.08 61.43 -14.67
C ARG A 140 40.76 60.58 -13.45
N ILE A 141 41.52 60.76 -12.36
CA ILE A 141 41.24 60.01 -11.14
C ILE A 141 39.91 60.45 -10.54
N VAL A 142 39.61 61.75 -10.60
CA VAL A 142 38.35 62.25 -10.07
C VAL A 142 37.19 61.68 -10.89
N SER A 143 37.37 61.59 -12.21
CA SER A 143 36.35 61.04 -13.07
C SER A 143 36.07 59.57 -12.74
N LEU A 144 37.14 58.79 -12.53
CA LEU A 144 36.96 57.39 -12.15
C LEU A 144 36.30 57.27 -10.78
N MET A 145 36.71 58.11 -9.82
CA MET A 145 36.16 58.09 -8.48
C MET A 145 34.70 58.49 -8.47
N PHE A 146 34.27 59.29 -9.44
CA PHE A 146 32.88 59.73 -9.49
C PHE A 146 32.03 58.69 -10.21
N LEU A 147 32.50 58.20 -11.35
CA LEU A 147 31.73 57.24 -12.13
C LEU A 147 31.52 55.94 -11.37
N LEU A 148 32.58 55.43 -10.74
CA LEU A 148 32.47 54.20 -9.94
C LEU A 148 31.53 54.40 -8.76
N GLY A 149 31.65 55.53 -8.07
CA GLY A 149 30.74 55.81 -6.96
C GLY A 149 29.29 55.92 -7.38
N ILE A 150 29.03 56.57 -8.52
CA ILE A 150 27.68 56.70 -9.03
C ILE A 150 27.09 55.35 -9.39
N LEU A 151 27.89 54.50 -10.06
CA LEU A 151 27.43 53.16 -10.39
C LEU A 151 27.14 52.33 -9.15
N ASP A 152 28.01 52.44 -8.14
CA ASP A 152 27.80 51.71 -6.89
C ASP A 152 26.54 52.19 -6.18
N PHE A 153 26.31 53.51 -6.15
CA PHE A 153 25.10 54.05 -5.53
C PHE A 153 23.85 53.60 -6.26
N LEU A 154 23.88 53.59 -7.60
CA LEU A 154 22.73 53.12 -8.37
C LEU A 154 22.44 51.64 -8.10
N PHE A 155 23.48 50.81 -8.06
CA PHE A 155 23.29 49.40 -7.75
C PHE A 155 22.75 49.20 -6.33
N VAL A 156 23.26 50.00 -5.38
CA VAL A 156 22.79 49.92 -4.00
C VAL A 156 21.32 50.31 -3.91
N SER A 157 20.92 51.38 -4.61
CA SER A 157 19.52 51.79 -4.61
C SER A 157 18.63 50.72 -5.23
N HIS A 158 19.09 50.09 -6.33
CA HIS A 158 18.30 49.03 -6.95
C HIS A 158 18.13 47.85 -6.01
N ALA A 159 19.20 47.46 -5.31
CA ALA A 159 19.10 46.32 -4.42
C ALA A 159 18.25 46.64 -3.21
N TYR A 160 18.41 47.85 -2.66
CA TYR A 160 17.67 48.24 -1.46
C TYR A 160 16.17 48.32 -1.77
N HIS A 161 15.82 48.88 -2.93
CA HIS A 161 14.41 48.92 -3.34
C HIS A 161 13.85 47.52 -3.59
N SER A 162 14.65 46.63 -4.19
CA SER A 162 14.18 45.26 -4.39
C SER A 162 13.99 44.54 -3.06
N ILE A 163 14.90 44.74 -2.11
CA ILE A 163 14.77 44.10 -0.81
C ILE A 163 13.57 44.65 -0.05
N LEU A 164 13.36 45.97 -0.09
CA LEU A 164 12.22 46.55 0.61
C LEU A 164 10.91 46.08 -0.01
N THR A 165 10.86 45.99 -1.34
CA THR A 165 9.64 45.53 -2.00
C THR A 165 9.47 44.02 -1.94
N ARG A 166 10.47 43.28 -1.47
CA ARG A 166 10.37 41.83 -1.36
C ARG A 166 10.44 41.35 0.08
N GLY A 167 11.41 41.83 0.85
CA GLY A 167 11.60 41.46 2.23
C GLY A 167 13.06 41.18 2.51
N ALA A 168 13.32 40.54 3.64
CA ALA A 168 14.67 40.21 4.06
C ALA A 168 15.24 39.04 3.26
N SER A 169 16.34 39.27 2.54
CA SER A 169 16.97 38.22 1.75
C SER A 169 18.48 38.47 1.75
N VAL A 170 19.21 37.73 0.91
CA VAL A 170 20.66 37.90 0.87
C VAL A 170 21.11 39.19 0.20
N GLN A 171 20.22 39.86 -0.55
CA GLN A 171 20.63 41.08 -1.24
C GLN A 171 20.95 42.20 -0.27
N LEU A 172 20.50 42.07 0.97
CA LEU A 172 20.78 43.09 1.97
C LEU A 172 22.27 43.16 2.22
N VAL A 173 22.92 41.99 2.27
CA VAL A 173 24.36 41.99 2.52
C VAL A 173 25.07 42.64 1.36
N PHE A 174 24.61 42.38 0.13
CA PHE A 174 25.21 43.05 -1.03
C PHE A 174 25.02 44.55 -0.93
N GLY A 175 23.86 44.98 -0.45
CA GLY A 175 23.62 46.39 -0.23
C GLY A 175 24.60 46.97 0.77
N PHE A 176 24.85 46.24 1.86
CA PHE A 176 25.82 46.72 2.84
C PHE A 176 27.20 46.79 2.23
N GLU A 177 27.55 45.81 1.39
CA GLU A 177 28.85 45.86 0.73
C GLU A 177 28.94 47.09 -0.15
N TYR A 178 27.86 47.38 -0.90
CA TYR A 178 27.87 48.55 -1.74
C TYR A 178 27.92 49.82 -0.91
N ALA A 179 27.28 49.80 0.26
CA ALA A 179 27.35 50.94 1.15
C ALA A 179 28.78 51.18 1.61
N ILE A 180 29.49 50.09 1.95
CA ILE A 180 30.90 50.24 2.30
C ILE A 180 31.69 50.80 1.12
N LEU A 181 31.38 50.33 -0.09
CA LEU A 181 32.03 50.87 -1.27
C LEU A 181 31.72 52.34 -1.43
N MET A 182 30.47 52.73 -1.18
CA MET A 182 30.12 54.14 -1.27
C MET A 182 30.86 54.96 -0.22
N THR A 183 31.02 54.39 0.98
CA THR A 183 31.81 55.08 1.99
C THR A 183 33.25 55.25 1.55
N MET A 184 33.81 54.21 0.90
CA MET A 184 35.16 54.33 0.37
C MET A 184 35.23 55.41 -0.69
N VAL A 185 34.20 55.49 -1.55
CA VAL A 185 34.18 56.52 -2.57
C VAL A 185 34.14 57.89 -1.93
N LEU A 186 33.32 58.04 -0.86
CA LEU A 186 33.29 59.31 -0.15
C LEU A 186 34.65 59.62 0.46
N THR A 187 35.31 58.60 1.02
CA THR A 187 36.64 58.83 1.56
C THR A 187 37.61 59.25 0.46
N ILE A 188 37.50 58.64 -0.71
CA ILE A 188 38.34 59.05 -1.84
C ILE A 188 38.06 60.49 -2.22
N PHE A 189 36.78 60.88 -2.20
CA PHE A 189 36.45 62.27 -2.50
C PHE A 189 37.07 63.20 -1.47
N ILE A 190 37.02 62.81 -0.20
CA ILE A 190 37.63 63.63 0.85
C ILE A 190 39.14 63.71 0.64
N LYS A 191 39.74 62.59 0.23
CA LYS A 191 41.17 62.60 -0.05
C LYS A 191 41.49 63.55 -1.18
N TYR A 192 40.65 63.55 -2.23
CA TYR A 192 40.86 64.48 -3.33
C TYR A 192 40.76 65.92 -2.85
N VAL A 193 39.78 66.18 -1.97
CA VAL A 193 39.62 67.53 -1.44
C VAL A 193 40.85 67.91 -0.64
N LEU A 194 41.36 66.97 0.16
CA LEU A 194 42.56 67.26 0.94
C LEU A 194 43.75 67.50 0.03
N HIS A 195 43.85 66.72 -1.06
CA HIS A 195 44.97 66.94 -1.95
C HIS A 195 44.84 68.27 -2.66
N SER A 196 43.61 68.72 -2.88
CA SER A 196 43.40 70.00 -3.54
C SER A 196 44.00 71.11 -2.69
N VAL A 197 43.79 71.02 -1.37
CA VAL A 197 44.35 72.03 -0.47
C VAL A 197 45.87 71.94 -0.49
N ASP A 198 46.40 70.72 -0.53
CA ASP A 198 47.84 70.58 -0.58
C ASP A 198 48.38 71.07 -1.92
N LEU A 199 47.63 70.84 -3.00
CA LEU A 199 48.13 71.24 -4.32
C LEU A 199 48.19 72.76 -4.49
N GLN A 200 47.21 73.49 -3.97
CA GLN A 200 47.18 74.94 -4.23
C GLN A 200 48.08 75.76 -3.32
N SER A 201 48.57 75.22 -2.21
CA SER A 201 49.40 75.99 -1.29
C SER A 201 50.84 75.52 -1.30
N GLU A 202 51.77 76.45 -1.53
CA GLU A 202 53.20 76.12 -1.49
C GLU A 202 53.74 76.32 -0.08
N ASN A 203 53.06 75.74 0.90
CA ASN A 203 53.41 75.83 2.31
C ASN A 203 52.63 74.77 3.09
N PRO A 204 53.28 74.04 4.00
CA PRO A 204 52.55 73.02 4.76
C PRO A 204 51.48 73.65 5.65
N TRP A 205 50.38 72.91 5.82
CA TRP A 205 49.27 73.33 6.67
C TRP A 205 49.07 72.25 7.73
N ASP A 206 49.38 72.59 8.98
CA ASP A 206 49.25 71.61 10.07
C ASP A 206 47.82 71.50 10.56
N ASN A 207 47.20 72.63 10.94
CA ASN A 207 45.84 72.61 11.45
C ASN A 207 44.84 72.14 10.40
N LYS A 208 45.00 72.59 9.15
CA LYS A 208 44.08 72.17 8.09
C LYS A 208 44.18 70.67 7.82
N ALA A 209 45.40 70.14 7.78
CA ALA A 209 45.58 68.70 7.57
C ALA A 209 45.03 67.90 8.74
N VAL A 210 45.24 68.39 9.97
CA VAL A 210 44.71 67.71 11.16
C VAL A 210 43.19 67.70 11.12
N TYR A 211 42.57 68.83 10.76
CA TYR A 211 41.12 68.89 10.67
C TYR A 211 40.58 67.96 9.58
N MET A 212 41.24 67.92 8.43
CA MET A 212 40.82 67.02 7.35
C MET A 212 40.93 65.56 7.78
N LEU A 213 42.04 65.20 8.43
CA LEU A 213 42.22 63.84 8.92
C LEU A 213 41.17 63.48 9.97
N TYR A 214 40.87 64.42 10.87
CA TYR A 214 39.85 64.16 11.88
C TYR A 214 38.48 63.98 11.26
N THR A 215 38.15 64.80 10.25
CA THR A 215 36.87 64.66 9.56
C THR A 215 36.76 63.32 8.84
N GLU A 216 37.83 62.92 8.15
CA GLU A 216 37.84 61.62 7.48
C GLU A 216 37.73 60.48 8.49
N LEU A 217 38.42 60.59 9.62
CA LEU A 217 38.33 59.58 10.66
C LEU A 217 36.93 59.48 11.24
N PHE A 218 36.28 60.63 11.47
CA PHE A 218 34.91 60.62 11.98
C PHE A 218 33.95 60.01 10.98
N THR A 219 34.11 60.33 9.69
CA THR A 219 33.26 59.73 8.66
C THR A 219 33.46 58.22 8.60
N GLY A 220 34.72 57.77 8.67
CA GLY A 220 34.98 56.34 8.69
C GLY A 220 34.41 55.64 9.91
N PHE A 221 34.51 56.28 11.08
CA PHE A 221 33.92 55.72 12.29
C PHE A 221 32.41 55.63 12.19
N ILE A 222 31.77 56.64 11.61
CA ILE A 222 30.32 56.60 11.39
C ILE A 222 29.95 55.47 10.45
N LYS A 223 30.72 55.31 9.36
CA LYS A 223 30.47 54.21 8.43
C LYS A 223 30.65 52.85 9.09
N VAL A 224 31.69 52.73 9.93
CA VAL A 224 31.93 51.49 10.66
C VAL A 224 30.77 51.18 11.61
N LEU A 225 30.27 52.20 12.32
CA LEU A 225 29.13 52.01 13.21
C LEU A 225 27.88 51.61 12.43
N LEU A 226 27.65 52.22 11.28
CA LEU A 226 26.51 51.83 10.44
C LEU A 226 26.63 50.39 9.97
N TYR A 227 27.83 49.99 9.55
CA TYR A 227 28.06 48.61 9.13
C TYR A 227 27.85 47.63 10.28
N MET A 228 28.33 47.98 11.48
CA MET A 228 28.11 47.13 12.65
C MET A 228 26.63 47.02 13.00
N ALA A 229 25.90 48.13 12.92
CA ALA A 229 24.47 48.09 13.17
C ALA A 229 23.74 47.23 12.14
N PHE A 230 24.14 47.31 10.87
CA PHE A 230 23.54 46.46 9.85
C PHE A 230 23.87 45.00 10.10
N MET A 231 25.11 44.70 10.51
CA MET A 231 25.52 43.32 10.77
C MET A 231 24.79 42.73 11.96
N THR A 232 24.57 43.53 13.00
CA THR A 232 23.96 43.04 14.24
C THR A 232 22.50 42.62 14.08
N ILE A 233 21.85 42.99 12.97
CA ILE A 233 20.45 42.63 12.76
C ILE A 233 20.29 41.22 12.22
N MET A 234 21.38 40.51 11.95
CA MET A 234 21.34 39.17 11.37
C MET A 234 21.29 38.07 12.43
N ILE A 235 21.22 38.42 13.71
CA ILE A 235 21.18 37.43 14.78
C ILE A 235 19.77 37.03 15.14
N LYS A 236 18.87 38.01 15.27
CA LYS A 236 17.49 37.71 15.63
C LYS A 236 16.75 36.98 14.52
N VAL A 237 17.08 37.29 13.27
CA VAL A 237 16.45 36.67 12.11
C VAL A 237 17.45 35.73 11.46
N HIS A 238 16.94 34.70 10.79
CA HIS A 238 17.73 33.68 10.10
C HIS A 238 18.63 33.00 11.12
N THR A 239 19.96 33.08 10.99
CA THR A 239 20.88 32.44 11.92
C THR A 239 22.19 33.20 11.91
N PHE A 240 23.16 32.69 12.66
CA PHE A 240 24.48 33.30 12.76
C PHE A 240 25.18 33.29 11.40
N PRO A 241 25.60 34.45 10.89
CA PRO A 241 26.24 34.47 9.56
C PRO A 241 27.59 33.78 9.52
N LEU A 242 28.35 33.81 10.61
CA LEU A 242 29.71 33.28 10.67
C LEU A 242 30.61 33.86 9.58
N PHE A 243 30.40 35.13 9.27
CA PHE A 243 31.16 35.81 8.22
C PHE A 243 31.11 37.32 8.49
N ALA A 244 31.78 38.08 7.63
CA ALA A 244 31.87 39.54 7.70
C ALA A 244 32.48 40.02 9.01
N ILE A 245 33.28 39.20 9.66
CA ILE A 245 33.92 39.61 10.91
C ILE A 245 35.29 40.24 10.68
N ARG A 246 36.03 39.79 9.66
CA ARG A 246 37.31 40.42 9.33
C ARG A 246 37.16 41.89 8.96
N PRO A 247 36.22 42.28 8.09
CA PRO A 247 35.97 43.72 7.88
C PRO A 247 35.52 44.45 9.13
N MET A 248 34.77 43.81 10.02
CA MET A 248 34.40 44.45 11.29
C MET A 248 35.63 44.67 12.17
N TYR A 249 36.54 43.71 12.21
CA TYR A 249 37.80 43.87 12.92
C TYR A 249 38.66 44.99 12.33
N LEU A 250 38.73 45.08 11.01
CA LEU A 250 39.45 46.19 10.37
C LEU A 250 38.79 47.53 10.67
N ALA A 251 37.45 47.57 10.66
CA ALA A 251 36.72 48.78 10.99
C ALA A 251 36.98 49.22 12.43
N MET A 252 36.97 48.27 13.36
CA MET A 252 37.30 48.56 14.75
C MET A 252 38.74 49.03 14.91
N ARG A 253 39.66 48.43 14.16
CA ARG A 253 41.06 48.88 14.21
C ARG A 253 41.19 50.32 13.70
N GLN A 254 40.49 50.65 12.61
CA GLN A 254 40.49 52.03 12.12
C GLN A 254 39.86 52.98 13.13
N PHE A 255 38.77 52.57 13.76
CA PHE A 255 38.13 53.39 14.78
C PHE A 255 39.05 53.63 15.97
N LYS A 256 39.77 52.59 16.41
CA LYS A 256 40.74 52.76 17.49
C LYS A 256 41.90 53.67 17.09
N LYS A 257 42.42 53.50 15.87
CA LYS A 257 43.48 54.40 15.40
C LYS A 257 43.01 55.83 15.24
N ALA A 258 41.70 56.03 15.03
CA ALA A 258 41.12 57.36 14.98
C ALA A 258 40.99 57.95 16.38
N VAL A 259 40.48 57.16 17.32
CA VAL A 259 40.25 57.66 18.67
C VAL A 259 41.60 57.97 19.32
N THR A 260 42.57 57.06 19.17
CA THR A 260 43.90 57.28 19.73
C THR A 260 44.60 58.46 19.08
N ASP A 261 44.45 58.62 17.74
CA ASP A 261 45.06 59.77 17.08
C ASP A 261 44.44 61.08 17.57
N ALA A 262 43.12 61.11 17.73
CA ALA A 262 42.46 62.30 18.25
C ALA A 262 42.87 62.61 19.68
N ILE A 263 43.02 61.56 20.50
CA ILE A 263 43.46 61.76 21.89
C ILE A 263 44.88 62.30 21.93
N MET A 264 45.77 61.74 21.12
CA MET A 264 47.15 62.21 21.10
C MET A 264 47.24 63.64 20.58
N SER A 265 46.46 63.97 19.56
CA SER A 265 46.46 65.34 19.04
C SER A 265 45.91 66.32 20.07
N ARG A 266 44.89 65.92 20.81
CA ARG A 266 44.29 66.77 21.84
C ARG A 266 45.25 67.00 23.00
N MET B 1 20.27 -33.49 57.93
CA MET B 1 20.47 -32.08 58.26
C MET B 1 19.13 -31.34 58.30
N PHE B 2 18.89 -30.63 59.41
CA PHE B 2 17.64 -29.88 59.55
C PHE B 2 17.59 -28.70 58.59
N ARG B 3 18.74 -28.13 58.23
CA ARG B 3 18.76 -27.03 57.27
C ARG B 3 18.25 -27.47 55.90
N THR B 4 18.62 -28.67 55.47
CA THR B 4 18.13 -29.20 54.20
C THR B 4 16.62 -29.39 54.21
N ALA B 5 16.09 -29.90 55.33
CA ALA B 5 14.64 -30.02 55.49
C ALA B 5 13.95 -28.67 55.47
N VAL B 6 14.54 -27.67 56.13
CA VAL B 6 13.98 -26.32 56.11
C VAL B 6 13.97 -25.74 54.71
N MET B 7 15.07 -25.94 53.96
CA MET B 7 15.13 -25.48 52.58
C MET B 7 14.10 -26.16 51.69
N MET B 8 13.92 -27.48 51.85
CA MET B 8 12.90 -28.20 51.11
C MET B 8 11.51 -27.70 51.45
N ALA B 9 11.24 -27.45 52.73
CA ALA B 9 9.95 -26.92 53.14
C ALA B 9 9.71 -25.53 52.55
N ALA B 10 10.74 -24.69 52.53
CA ALA B 10 10.62 -23.36 51.93
C ALA B 10 10.35 -23.44 50.43
N SER B 11 11.04 -24.35 49.74
CA SER B 11 10.78 -24.52 48.31
C SER B 11 9.36 -25.00 48.05
N LEU B 12 8.88 -25.96 48.86
CA LEU B 12 7.52 -26.44 48.72
C LEU B 12 6.51 -25.32 48.99
N ALA B 13 6.77 -24.50 50.00
CA ALA B 13 5.89 -23.37 50.31
C ALA B 13 5.87 -22.35 49.18
N LEU B 14 7.04 -22.07 48.59
CA LEU B 14 7.09 -21.13 47.47
C LEU B 14 6.32 -21.64 46.26
N THR B 15 6.48 -22.94 45.94
CA THR B 15 5.74 -23.53 44.83
C THR B 15 4.24 -23.50 45.09
N GLY B 16 3.83 -23.83 46.32
CA GLY B 16 2.42 -23.78 46.65
C GLY B 16 1.86 -22.37 46.58
N ALA B 17 2.64 -21.38 47.00
CA ALA B 17 2.21 -19.99 46.94
C ALA B 17 2.02 -19.52 45.51
N VAL B 18 2.98 -19.83 44.63
CA VAL B 18 2.84 -19.37 43.24
C VAL B 18 1.70 -20.12 42.55
N VAL B 19 1.52 -21.41 42.84
CA VAL B 19 0.41 -22.17 42.26
C VAL B 19 -0.93 -21.61 42.73
N ALA B 20 -1.03 -21.28 44.03
CA ALA B 20 -2.26 -20.69 44.56
C ALA B 20 -2.54 -19.33 43.93
N HIS B 21 -1.49 -18.51 43.73
CA HIS B 21 -1.67 -17.22 43.08
C HIS B 21 -2.18 -17.39 41.64
N ALA B 22 -1.56 -18.29 40.89
CA ALA B 22 -2.00 -18.55 39.52
C ALA B 22 -3.44 -19.07 39.48
N TYR B 23 -3.81 -19.91 40.45
CA TYR B 23 -5.19 -20.38 40.56
C TYR B 23 -6.14 -19.21 40.84
N TYR B 24 -5.71 -18.27 41.69
CA TYR B 24 -6.53 -17.11 41.98
C TYR B 24 -6.73 -16.23 40.75
N LEU B 25 -5.71 -16.10 39.90
CA LEU B 25 -5.85 -15.29 38.70
C LEU B 25 -6.77 -15.95 37.69
N LYS B 26 -6.49 -17.20 37.31
CA LYS B 26 -7.28 -17.94 36.35
C LYS B 26 -7.90 -19.15 37.03
N HIS B 27 -9.23 -19.26 36.95
CA HIS B 27 -9.98 -20.18 37.80
C HIS B 27 -9.99 -21.62 37.30
N GLN B 28 -9.63 -21.88 36.06
CA GLN B 28 -9.71 -23.23 35.51
C GLN B 28 -8.33 -23.88 35.43
N PHE B 29 -8.33 -25.21 35.37
CA PHE B 29 -7.09 -25.98 35.45
C PHE B 29 -6.17 -25.70 34.27
N TYR B 30 -6.72 -25.72 33.04
CA TYR B 30 -5.88 -25.49 31.87
C TYR B 30 -5.27 -24.09 31.83
N PRO B 31 -6.02 -22.99 31.98
CA PRO B 31 -5.37 -21.66 31.91
C PRO B 31 -4.44 -21.36 33.07
N THR B 32 -4.53 -22.08 34.18
CA THR B 32 -3.67 -21.77 35.32
C THR B 32 -2.27 -22.38 35.20
N VAL B 33 -2.03 -23.24 34.20
CA VAL B 33 -0.74 -23.86 34.02
C VAL B 33 0.02 -23.31 32.82
N VAL B 34 -0.68 -22.79 31.80
CA VAL B 34 0.02 -22.10 30.72
C VAL B 34 0.74 -20.86 31.27
N TYR B 35 0.08 -20.13 32.18
CA TYR B 35 0.72 -19.02 32.88
C TYR B 35 1.95 -19.51 33.64
N LEU B 36 1.83 -20.65 34.32
CA LEU B 36 2.98 -21.25 35.01
C LEU B 36 4.13 -21.52 34.05
N THR B 37 3.83 -21.96 32.84
CA THR B 37 4.90 -22.37 31.93
C THR B 37 5.58 -21.17 31.26
N LYS B 38 4.79 -20.22 30.76
CA LYS B 38 5.40 -19.22 29.87
C LYS B 38 5.97 -18.01 30.62
N SER B 39 5.46 -17.69 31.81
CA SER B 39 5.92 -16.53 32.53
C SER B 39 7.18 -16.83 33.33
N SER B 40 8.13 -15.90 33.29
CA SER B 40 9.43 -16.11 33.94
C SER B 40 9.38 -16.29 35.46
N PRO B 41 8.74 -15.41 36.26
CA PRO B 41 8.89 -15.53 37.72
C PRO B 41 8.18 -16.74 38.32
N SER B 42 7.38 -17.44 37.55
CA SER B 42 6.72 -18.67 38.01
C SER B 42 7.37 -19.91 37.43
N MET B 43 7.83 -19.84 36.18
CA MET B 43 8.49 -20.98 35.53
C MET B 43 9.89 -21.19 36.08
N ALA B 44 10.58 -20.12 36.50
CA ALA B 44 11.93 -20.28 37.05
C ALA B 44 11.92 -21.03 38.37
N VAL B 45 10.83 -20.96 39.14
CA VAL B 45 10.78 -21.58 40.46
C VAL B 45 10.74 -23.10 40.34
N LEU B 46 9.98 -23.61 39.36
CA LEU B 46 9.60 -25.02 39.34
C LEU B 46 10.80 -25.94 39.18
N TYR B 47 11.73 -25.63 38.28
CA TYR B 47 12.79 -26.62 38.07
C TYR B 47 13.84 -26.56 39.17
N ILE B 48 13.98 -25.44 39.87
CA ILE B 48 14.77 -25.41 41.10
C ILE B 48 14.14 -26.32 42.16
N GLN B 49 12.81 -26.23 42.32
CA GLN B 49 12.15 -27.14 43.25
C GLN B 49 12.28 -28.60 42.81
N ALA B 50 12.21 -28.84 41.50
CA ALA B 50 12.42 -30.18 40.97
C ALA B 50 13.82 -30.71 41.26
N PHE B 51 14.84 -29.86 41.09
CA PHE B 51 16.21 -30.26 41.41
C PHE B 51 16.39 -30.53 42.91
N VAL B 52 15.77 -29.71 43.76
CA VAL B 52 15.84 -29.95 45.20
C VAL B 52 15.18 -31.28 45.55
N LEU B 53 14.02 -31.57 44.97
CA LEU B 53 13.33 -32.84 45.21
C LEU B 53 14.14 -34.02 44.68
N VAL B 54 14.80 -33.85 43.54
CA VAL B 54 15.66 -34.89 42.97
C VAL B 54 16.85 -35.15 43.89
N PHE B 55 17.45 -34.10 44.43
CA PHE B 55 18.55 -34.28 45.38
C PHE B 55 18.09 -34.99 46.64
N LEU B 56 16.90 -34.63 47.15
CA LEU B 56 16.37 -35.31 48.32
C LEU B 56 16.11 -36.78 48.05
N LEU B 57 15.54 -37.09 46.87
CA LEU B 57 15.28 -38.48 46.50
C LEU B 57 16.58 -39.26 46.35
N GLY B 58 17.60 -38.64 45.76
CA GLY B 58 18.90 -39.28 45.65
C GLY B 58 19.53 -39.56 47.01
N LYS B 59 19.43 -38.61 47.93
CA LYS B 59 19.94 -38.81 49.28
C LYS B 59 19.19 -39.94 49.99
N VAL B 60 17.87 -39.99 49.84
CA VAL B 60 17.07 -41.06 50.44
C VAL B 60 17.46 -42.42 49.86
N MET B 61 17.64 -42.49 48.55
CA MET B 61 18.05 -43.73 47.90
C MET B 61 19.44 -44.17 48.37
N GLY B 62 20.38 -43.22 48.49
CA GLY B 62 21.69 -43.57 49.00
C GLY B 62 21.65 -44.02 50.45
N LYS B 63 20.77 -43.42 51.25
CA LYS B 63 20.60 -43.83 52.64
C LYS B 63 20.08 -45.26 52.74
N VAL B 64 19.14 -45.61 51.87
CA VAL B 64 18.63 -46.98 51.87
C VAL B 64 19.67 -47.95 51.34
N PHE B 65 20.34 -47.61 50.25
CA PHE B 65 21.31 -48.52 49.63
C PHE B 65 22.62 -48.60 50.41
N PHE B 66 23.04 -47.51 51.03
CA PHE B 66 24.29 -47.47 51.77
C PHE B 66 24.02 -47.11 53.22
N GLY B 67 24.62 -47.87 54.14
CA GLY B 67 24.37 -47.65 55.56
C GLY B 67 24.83 -46.28 56.04
N GLN B 68 26.04 -45.89 55.64
CA GLN B 68 26.58 -44.60 56.06
C GLN B 68 27.73 -44.21 55.15
N LEU B 69 27.79 -42.91 54.81
CA LEU B 69 28.86 -42.38 53.99
C LEU B 69 30.17 -42.40 54.76
N ARG B 70 31.27 -42.65 54.04
CA ARG B 70 32.60 -42.72 54.65
C ARG B 70 33.27 -41.36 54.77
N ALA B 71 32.59 -40.29 54.34
CA ALA B 71 33.11 -38.91 54.38
C ALA B 71 34.41 -38.75 53.61
N ALA B 72 34.62 -39.58 52.58
CA ALA B 72 35.80 -39.47 51.73
C ALA B 72 35.40 -39.38 50.26
N GLU B 73 34.28 -40.01 49.92
CA GLU B 73 33.75 -39.96 48.56
C GLU B 73 32.84 -38.77 48.32
N MET B 74 32.52 -37.99 49.36
CA MET B 74 31.62 -36.84 49.20
C MET B 74 32.25 -35.78 48.30
N GLU B 75 33.52 -35.44 48.53
CA GLU B 75 34.20 -34.44 47.71
C GLU B 75 34.35 -34.91 46.26
N HIS B 76 34.70 -36.18 46.08
CA HIS B 76 34.82 -36.74 44.73
C HIS B 76 33.50 -36.72 43.99
N LEU B 77 32.42 -37.10 44.68
CA LEU B 77 31.08 -37.04 44.09
C LEU B 77 30.68 -35.61 43.74
N LEU B 78 31.00 -34.66 44.62
CA LEU B 78 30.68 -33.26 44.35
C LEU B 78 31.43 -32.75 43.13
N GLU B 79 32.71 -33.08 43.01
CA GLU B 79 33.50 -32.66 41.84
C GLU B 79 32.98 -33.30 40.56
N ARG B 80 32.67 -34.61 40.61
CA ARG B 80 32.13 -35.30 39.45
C ARG B 80 30.78 -34.71 39.04
N SER B 81 29.93 -34.39 40.00
CA SER B 81 28.65 -33.78 39.70
C SER B 81 28.83 -32.38 39.11
N TRP B 82 29.80 -31.61 39.62
CA TRP B 82 30.07 -30.29 39.06
C TRP B 82 30.52 -30.38 37.61
N TYR B 83 31.38 -31.36 37.31
CA TYR B 83 31.83 -31.55 35.93
C TYR B 83 30.68 -32.00 35.05
N ALA B 84 29.88 -32.96 35.53
CA ALA B 84 28.80 -33.48 34.71
C ALA B 84 27.73 -32.42 34.46
N VAL B 85 27.45 -31.58 35.47
CA VAL B 85 26.49 -30.50 35.32
C VAL B 85 26.98 -29.48 34.32
N THR B 86 28.27 -29.13 34.37
CA THR B 86 28.82 -28.20 33.38
C THR B 86 28.74 -28.79 31.98
N GLU B 87 29.07 -30.08 31.83
CA GLU B 87 28.98 -30.74 30.54
C GLU B 87 27.54 -30.76 30.02
N THR B 88 26.59 -31.08 30.90
CA THR B 88 25.19 -31.12 30.50
C THR B 88 24.67 -29.74 30.09
N CYS B 89 25.03 -28.70 30.84
CA CYS B 89 24.61 -27.34 30.47
C CYS B 89 25.21 -26.92 29.14
N LEU B 90 26.48 -27.25 28.91
CA LEU B 90 27.11 -26.93 27.63
C LEU B 90 26.43 -27.69 26.49
N ALA B 91 26.13 -28.98 26.70
CA ALA B 91 25.47 -29.73 25.63
C ALA B 91 24.04 -29.24 25.41
N PHE B 92 23.39 -28.77 26.48
CA PHE B 92 22.02 -28.25 26.38
C PHE B 92 21.98 -26.98 25.54
N THR B 93 23.01 -26.15 25.66
CA THR B 93 23.01 -24.91 24.87
C THR B 93 23.71 -25.05 23.52
N VAL B 94 24.53 -26.09 23.35
CA VAL B 94 25.23 -26.29 22.08
C VAL B 94 24.27 -26.72 20.97
N PHE B 95 23.39 -27.66 21.27
CA PHE B 95 22.50 -28.22 20.25
C PHE B 95 21.35 -27.30 19.86
N ARG B 96 21.12 -26.22 20.61
CA ARG B 96 20.02 -25.28 20.36
C ARG B 96 18.67 -26.00 20.35
N ASP B 97 18.42 -26.76 21.42
CA ASP B 97 17.18 -27.50 21.59
C ASP B 97 16.10 -26.71 22.29
N ASP B 98 16.35 -25.43 22.58
CA ASP B 98 15.42 -24.50 23.24
C ASP B 98 15.09 -24.93 24.66
N PHE B 99 14.39 -24.07 25.40
CA PHE B 99 14.03 -24.37 26.79
C PHE B 99 12.66 -25.02 26.81
N SER B 100 12.63 -26.34 27.02
CA SER B 100 11.39 -27.09 27.10
C SER B 100 11.36 -27.88 28.40
N PRO B 101 10.31 -27.75 29.20
CA PRO B 101 10.26 -28.46 30.50
C PRO B 101 9.86 -29.92 30.35
N ARG B 102 10.39 -30.62 29.35
CA ARG B 102 10.14 -32.04 29.19
C ARG B 102 11.43 -32.85 29.01
N PHE B 103 12.46 -32.21 28.48
CA PHE B 103 13.77 -32.86 28.35
C PHE B 103 14.67 -32.64 29.57
N VAL B 104 14.32 -31.72 30.47
CA VAL B 104 15.14 -31.51 31.66
C VAL B 104 15.09 -32.71 32.59
N ALA B 105 13.95 -33.42 32.65
CA ALA B 105 13.83 -34.56 33.53
C ALA B 105 14.74 -35.70 33.11
N LEU B 106 15.03 -35.82 31.80
CA LEU B 106 15.93 -36.87 31.35
C LEU B 106 17.35 -36.54 31.75
N PHE B 107 17.74 -35.26 31.66
CA PHE B 107 19.07 -34.84 32.08
C PHE B 107 19.24 -35.04 33.58
N THR B 108 18.21 -34.74 34.36
CA THR B 108 18.26 -34.97 35.80
C THR B 108 18.38 -36.45 36.13
N LEU B 109 17.65 -37.31 35.42
CA LEU B 109 17.76 -38.74 35.63
C LEU B 109 19.15 -39.25 35.25
N LEU B 110 19.70 -38.73 34.15
CA LEU B 110 21.06 -39.10 33.74
C LEU B 110 22.10 -38.68 34.78
N LEU B 111 21.95 -37.47 35.33
CA LEU B 111 22.85 -37.02 36.38
C LEU B 111 22.74 -37.89 37.63
N PHE B 112 21.51 -38.28 38.00
CA PHE B 112 21.33 -39.18 39.14
C PHE B 112 21.97 -40.54 38.89
N LEU B 113 21.83 -41.07 37.67
CA LEU B 113 22.46 -42.33 37.31
C LEU B 113 23.98 -42.23 37.36
N LYS B 114 24.54 -41.12 36.86
CA LYS B 114 25.99 -40.92 36.91
C LYS B 114 26.49 -40.83 38.35
N CYS B 115 25.74 -40.12 39.21
CA CYS B 115 26.12 -40.03 40.62
C CYS B 115 26.07 -41.40 41.29
N PHE B 116 25.04 -42.20 40.97
CA PHE B 116 24.95 -43.56 41.50
C PHE B 116 26.11 -44.42 41.01
N HIS B 117 26.49 -44.28 39.74
CA HIS B 117 27.63 -45.03 39.22
C HIS B 117 28.94 -44.63 39.90
N TRP B 118 29.14 -43.33 40.13
CA TRP B 118 30.34 -42.88 40.84
C TRP B 118 30.37 -43.40 42.27
N LEU B 119 29.23 -43.38 42.95
CA LEU B 119 29.14 -43.94 44.30
C LEU B 119 29.41 -45.44 44.31
N ALA B 120 28.89 -46.16 43.31
CA ALA B 120 29.16 -47.59 43.20
C ALA B 120 30.64 -47.87 42.96
N GLU B 121 31.29 -47.07 42.11
CA GLU B 121 32.73 -47.24 41.88
C GLU B 121 33.53 -46.98 43.15
N ASP B 122 33.19 -45.92 43.88
CA ASP B 122 33.87 -45.63 45.15
C ASP B 122 33.64 -46.73 46.17
N ARG B 123 32.44 -47.31 46.20
CA ARG B 123 32.16 -48.41 47.11
C ARG B 123 32.90 -49.68 46.72
N VAL B 124 33.01 -49.97 45.42
CA VAL B 124 33.82 -51.12 44.99
C VAL B 124 35.29 -50.90 45.33
N ASP B 125 35.77 -49.65 45.18
CA ASP B 125 37.14 -49.33 45.57
C ASP B 125 37.38 -49.57 47.05
N PHE B 126 36.41 -49.20 47.90
CA PHE B 126 36.56 -49.48 49.33
C PHE B 126 36.42 -50.97 49.64
N MET B 127 35.50 -51.65 48.96
CA MET B 127 35.29 -53.08 49.15
C MET B 127 36.48 -53.93 48.68
N GLU B 128 37.34 -53.38 47.82
CA GLU B 128 38.56 -54.08 47.43
C GLU B 128 39.45 -54.34 48.64
N ARG B 129 39.54 -53.38 49.55
CA ARG B 129 40.36 -53.50 50.76
C ARG B 129 39.50 -53.55 52.02
N SER B 130 38.35 -54.22 51.93
CA SER B 130 37.45 -54.35 53.07
C SER B 130 37.59 -55.74 53.67
N PRO B 131 38.10 -55.89 54.89
CA PRO B 131 38.26 -57.23 55.48
C PRO B 131 37.07 -57.72 56.28
N ASN B 132 36.13 -56.84 56.63
CA ASN B 132 34.94 -57.21 57.41
C ASN B 132 33.71 -56.66 56.69
N ILE B 133 33.17 -57.43 55.76
CA ILE B 133 31.99 -57.06 54.98
C ILE B 133 30.92 -58.10 55.21
N SER B 134 29.73 -57.65 55.60
CA SER B 134 28.62 -58.57 55.83
C SER B 134 27.93 -58.92 54.50
N TRP B 135 27.06 -59.93 54.57
CA TRP B 135 26.33 -60.36 53.38
C TRP B 135 25.32 -59.31 52.91
N LEU B 136 24.82 -58.49 53.84
CA LEU B 136 23.86 -57.46 53.48
C LEU B 136 24.45 -56.44 52.53
N PHE B 137 25.69 -56.01 52.79
CA PHE B 137 26.35 -55.04 51.91
C PHE B 137 26.56 -55.62 50.51
N HIS B 138 27.00 -56.88 50.43
CA HIS B 138 27.20 -57.52 49.13
C HIS B 138 25.88 -57.67 48.38
N CYS B 139 24.81 -58.07 49.09
CA CYS B 139 23.51 -58.21 48.46
C CYS B 139 23.00 -56.87 47.94
N ARG B 140 23.15 -55.80 48.73
CA ARG B 140 22.74 -54.47 48.30
C ARG B 140 23.55 -54.00 47.09
N ILE B 141 24.86 -54.24 47.09
CA ILE B 141 25.71 -53.87 45.96
C ILE B 141 25.30 -54.63 44.70
N VAL B 142 25.03 -55.93 44.83
CA VAL B 142 24.60 -56.73 43.69
C VAL B 142 23.26 -56.25 43.16
N SER B 143 22.32 -55.95 44.05
CA SER B 143 21.02 -55.43 43.63
C SER B 143 21.14 -54.09 42.90
N LEU B 144 21.98 -53.20 43.44
CA LEU B 144 22.20 -51.90 42.80
C LEU B 144 22.83 -52.07 41.42
N MET B 145 23.82 -52.96 41.30
CA MET B 145 24.46 -53.20 40.02
C MET B 145 23.48 -53.78 39.00
N PHE B 146 22.65 -54.73 39.43
CA PHE B 146 21.66 -55.32 38.53
C PHE B 146 20.64 -54.27 38.07
N LEU B 147 20.17 -53.43 39.00
CA LEU B 147 19.21 -52.38 38.65
C LEU B 147 19.83 -51.38 37.67
N LEU B 148 21.09 -50.99 37.92
CA LEU B 148 21.77 -50.07 37.02
C LEU B 148 21.96 -50.68 35.64
N GLY B 149 22.33 -51.96 35.57
CA GLY B 149 22.47 -52.62 34.28
C GLY B 149 21.16 -52.71 33.53
N ILE B 150 20.07 -53.05 34.23
CA ILE B 150 18.75 -53.14 33.58
C ILE B 150 18.32 -51.77 33.06
N LEU B 151 18.53 -50.72 33.88
CA LEU B 151 18.17 -49.37 33.46
C LEU B 151 18.99 -48.93 32.25
N ASP B 152 20.30 -49.22 32.25
CA ASP B 152 21.14 -48.88 31.11
C ASP B 152 20.72 -49.62 29.85
N PHE B 153 20.37 -50.91 29.99
CA PHE B 153 19.89 -51.67 28.83
C PHE B 153 18.60 -51.09 28.28
N LEU B 154 17.65 -50.74 29.15
CA LEU B 154 16.40 -50.15 28.70
C LEU B 154 16.63 -48.80 28.02
N PHE B 155 17.50 -47.97 28.61
CA PHE B 155 17.82 -46.68 28.02
C PHE B 155 18.48 -46.83 26.65
N VAL B 156 19.41 -47.78 26.52
CA VAL B 156 20.07 -48.00 25.24
C VAL B 156 19.08 -48.51 24.20
N SER B 157 18.17 -49.41 24.59
CA SER B 157 17.16 -49.90 23.66
C SER B 157 16.24 -48.79 23.19
N HIS B 158 15.83 -47.91 24.11
CA HIS B 158 14.99 -46.78 23.74
C HIS B 158 15.74 -45.81 22.83
N ALA B 159 17.02 -45.54 23.14
CA ALA B 159 17.78 -44.60 22.34
C ALA B 159 18.01 -45.14 20.94
N TYR B 160 18.31 -46.44 20.82
CA TYR B 160 18.50 -47.06 19.52
C TYR B 160 17.23 -47.05 18.69
N HIS B 161 16.08 -47.33 19.33
CA HIS B 161 14.81 -47.24 18.61
C HIS B 161 14.50 -45.82 18.17
N SER B 162 14.78 -44.84 19.04
CA SER B 162 14.54 -43.44 18.66
C SER B 162 15.45 -43.02 17.51
N ILE B 163 16.71 -43.46 17.54
CA ILE B 163 17.69 -43.12 16.51
C ILE B 163 17.30 -43.73 15.18
N LEU B 164 16.75 -44.95 15.20
CA LEU B 164 16.39 -45.60 13.95
C LEU B 164 15.02 -45.20 13.43
N THR B 165 14.11 -44.77 14.32
CA THR B 165 12.77 -44.38 13.91
C THR B 165 12.69 -42.90 13.53
N ARG B 166 13.15 -42.01 14.42
CA ARG B 166 13.07 -40.57 14.17
C ARG B 166 14.20 -40.10 13.28
N GLY B 167 15.44 -40.29 13.70
CA GLY B 167 16.58 -39.85 12.94
C GLY B 167 17.64 -39.27 13.86
N ALA B 168 18.53 -38.46 13.28
CA ALA B 168 19.60 -37.84 14.06
C ALA B 168 19.04 -36.73 14.94
N SER B 169 19.19 -36.89 16.25
CA SER B 169 18.70 -35.92 17.22
C SER B 169 19.61 -35.95 18.44
N VAL B 170 19.15 -35.35 19.54
CA VAL B 170 19.93 -35.31 20.78
C VAL B 170 19.94 -36.63 21.52
N GLN B 171 19.10 -37.59 21.10
CA GLN B 171 19.02 -38.89 21.77
C GLN B 171 20.25 -39.74 21.50
N LEU B 172 20.97 -39.50 20.42
CA LEU B 172 22.18 -40.27 20.13
C LEU B 172 23.26 -40.04 21.18
N VAL B 173 23.46 -38.79 21.59
CA VAL B 173 24.42 -38.48 22.65
C VAL B 173 24.01 -39.15 23.96
N PHE B 174 22.70 -39.14 24.26
CA PHE B 174 22.21 -39.82 25.46
C PHE B 174 22.47 -41.33 25.38
N GLY B 175 22.27 -41.92 24.21
CA GLY B 175 22.57 -43.33 24.03
C GLY B 175 24.05 -43.64 24.20
N PHE B 176 24.91 -42.77 23.67
CA PHE B 176 26.35 -42.95 23.86
C PHE B 176 26.74 -42.85 25.34
N GLU B 177 26.15 -41.89 26.05
CA GLU B 177 26.42 -41.77 27.48
C GLU B 177 25.92 -42.99 28.24
N TYR B 178 24.76 -43.52 27.83
CA TYR B 178 24.24 -44.75 28.44
C TYR B 178 25.17 -45.93 28.20
N ALA B 179 25.71 -46.03 26.98
CA ALA B 179 26.68 -47.08 26.69
C ALA B 179 27.95 -46.93 27.52
N ILE B 180 28.42 -45.69 27.71
CA ILE B 180 29.59 -45.44 28.55
C ILE B 180 29.32 -45.87 29.99
N LEU B 181 28.13 -45.53 30.51
CA LEU B 181 27.76 -45.94 31.85
C LEU B 181 27.65 -47.46 31.95
N MET B 182 27.11 -48.10 30.93
CA MET B 182 27.02 -49.56 30.91
C MET B 182 28.39 -50.22 30.91
N THR B 183 29.34 -49.66 30.17
CA THR B 183 30.71 -50.16 30.24
C THR B 183 31.33 -49.95 31.61
N MET B 184 31.09 -48.79 32.23
CA MET B 184 31.57 -48.55 33.59
C MET B 184 30.93 -49.50 34.60
N VAL B 185 29.72 -49.96 34.32
CA VAL B 185 29.09 -50.92 35.22
C VAL B 185 29.59 -52.32 34.95
N LEU B 186 29.90 -52.66 33.70
CA LEU B 186 30.49 -53.96 33.43
C LEU B 186 31.87 -54.06 34.07
N THR B 187 32.64 -52.97 34.03
CA THR B 187 33.93 -52.91 34.71
C THR B 187 33.76 -53.06 36.22
N ILE B 188 32.76 -52.39 36.80
CA ILE B 188 32.52 -52.52 38.24
C ILE B 188 32.09 -53.93 38.58
N PHE B 189 31.29 -54.58 37.71
CA PHE B 189 30.88 -55.95 37.94
C PHE B 189 32.07 -56.90 37.90
N ILE B 190 32.99 -56.69 36.95
CA ILE B 190 34.18 -57.52 36.86
C ILE B 190 35.04 -57.35 38.11
N LYS B 191 35.21 -56.09 38.56
CA LYS B 191 35.98 -55.84 39.76
C LYS B 191 35.35 -56.49 40.99
N TYR B 192 34.01 -56.41 41.09
CA TYR B 192 33.31 -57.03 42.21
C TYR B 192 33.44 -58.55 42.18
N VAL B 193 33.36 -59.15 40.98
CA VAL B 193 33.54 -60.59 40.84
C VAL B 193 34.93 -61.01 41.28
N LEU B 194 35.96 -60.26 40.83
CA LEU B 194 37.34 -60.56 41.24
C LEU B 194 37.52 -60.41 42.75
N HIS B 195 36.95 -59.36 43.34
CA HIS B 195 37.03 -59.18 44.79
C HIS B 195 36.33 -60.29 45.55
N SER B 196 35.15 -60.73 45.07
CA SER B 196 34.44 -61.84 45.71
C SER B 196 35.22 -63.14 45.59
N VAL B 197 35.85 -63.39 44.43
CA VAL B 197 36.68 -64.57 44.26
C VAL B 197 37.86 -64.55 45.21
N ASP B 198 38.50 -63.38 45.37
CA ASP B 198 39.61 -63.28 46.30
C ASP B 198 39.13 -63.47 47.74
N LEU B 199 37.95 -62.92 48.06
CA LEU B 199 37.46 -62.94 49.43
C LEU B 199 37.03 -64.34 49.86
N GLN B 200 36.51 -65.15 48.93
CA GLN B 200 36.02 -66.48 49.29
C GLN B 200 37.14 -67.41 49.72
N SER B 201 38.38 -67.13 49.36
CA SER B 201 39.53 -67.96 49.71
C SER B 201 40.43 -67.21 50.68
N GLU B 202 40.90 -67.91 51.70
CA GLU B 202 41.80 -67.30 52.69
C GLU B 202 43.26 -67.35 52.24
N ASN B 203 43.51 -66.86 51.03
CA ASN B 203 44.85 -66.83 50.46
C ASN B 203 44.85 -65.82 49.32
N PRO B 204 45.91 -65.01 49.17
CA PRO B 204 45.97 -64.08 48.04
C PRO B 204 46.08 -64.81 46.71
N TRP B 205 45.52 -64.20 45.68
CA TRP B 205 45.53 -64.74 44.33
C TRP B 205 46.39 -63.86 43.44
N ASP B 206 47.43 -64.46 42.84
CA ASP B 206 48.31 -63.72 41.95
C ASP B 206 47.67 -63.47 40.59
N ASN B 207 46.85 -64.40 40.10
CA ASN B 207 46.20 -64.23 38.80
C ASN B 207 45.08 -63.18 38.84
N LYS B 208 44.60 -62.82 40.04
CA LYS B 208 43.55 -61.81 40.14
C LYS B 208 44.04 -60.46 39.64
N ALA B 209 45.28 -60.09 39.97
CA ALA B 209 45.83 -58.83 39.49
C ALA B 209 45.97 -58.82 37.98
N VAL B 210 46.42 -59.94 37.40
CA VAL B 210 46.57 -60.03 35.94
C VAL B 210 45.21 -59.94 35.26
N TYR B 211 44.19 -60.62 35.81
CA TYR B 211 42.85 -60.55 35.24
C TYR B 211 42.29 -59.14 35.34
N MET B 212 42.51 -58.46 36.47
CA MET B 212 42.05 -57.09 36.62
C MET B 212 42.75 -56.16 35.64
N LEU B 213 44.06 -56.35 35.43
CA LEU B 213 44.80 -55.53 34.47
C LEU B 213 44.28 -55.75 33.05
N TYR B 214 44.03 -57.01 32.68
CA TYR B 214 43.50 -57.30 31.34
C TYR B 214 42.12 -56.69 31.15
N THR B 215 41.25 -56.81 32.16
CA THR B 215 39.92 -56.22 32.09
C THR B 215 40.00 -54.70 31.98
N GLU B 216 40.90 -54.07 32.74
CA GLU B 216 41.07 -52.62 32.66
C GLU B 216 41.58 -52.20 31.28
N LEU B 217 42.51 -52.97 30.70
CA LEU B 217 42.98 -52.66 29.35
C LEU B 217 41.86 -52.78 28.33
N PHE B 218 41.04 -53.83 28.44
CA PHE B 218 39.93 -54.00 27.52
C PHE B 218 38.91 -52.87 27.66
N THR B 219 38.61 -52.48 28.91
CA THR B 219 37.67 -51.39 29.14
C THR B 219 38.19 -50.06 28.61
N GLY B 220 39.49 -49.80 28.80
CA GLY B 220 40.08 -48.59 28.25
C GLY B 220 40.06 -48.57 26.74
N PHE B 221 40.37 -49.70 26.11
CA PHE B 221 40.30 -49.79 24.65
C PHE B 221 38.88 -49.57 24.14
N ILE B 222 37.90 -50.16 24.81
CA ILE B 222 36.49 -49.96 24.45
C ILE B 222 36.08 -48.51 24.60
N LYS B 223 36.49 -47.87 25.70
CA LYS B 223 36.18 -46.46 25.93
C LYS B 223 36.82 -45.57 24.87
N VAL B 224 38.08 -45.85 24.51
CA VAL B 224 38.75 -45.08 23.47
C VAL B 224 38.04 -45.25 22.12
N LEU B 225 37.66 -46.47 21.78
CA LEU B 225 36.93 -46.70 20.54
C LEU B 225 35.58 -45.99 20.52
N LEU B 226 34.87 -46.03 21.66
CA LEU B 226 33.59 -45.33 21.77
C LEU B 226 33.76 -43.83 21.63
N TYR B 227 34.81 -43.28 22.26
CA TYR B 227 35.06 -41.84 22.16
C TYR B 227 35.42 -41.44 20.72
N MET B 228 36.23 -42.25 20.05
CA MET B 228 36.58 -41.97 18.66
C MET B 228 35.35 -42.02 17.75
N ALA B 229 34.48 -43.02 17.95
CA ALA B 229 33.24 -43.09 17.17
C ALA B 229 32.33 -41.92 17.47
N PHE B 230 32.22 -41.50 18.74
CA PHE B 230 31.39 -40.36 19.08
C PHE B 230 31.94 -39.08 18.46
N MET B 231 33.27 -38.92 18.47
CA MET B 231 33.90 -37.76 17.85
C MET B 231 33.61 -37.71 16.36
N THR B 232 33.74 -38.85 15.68
CA THR B 232 33.44 -38.90 14.24
C THR B 232 31.97 -38.61 13.96
N ILE B 233 31.07 -39.17 14.78
CA ILE B 233 29.64 -38.94 14.60
C ILE B 233 29.27 -37.48 14.83
N MET B 234 29.93 -36.83 15.80
CA MET B 234 29.64 -35.42 16.03
C MET B 234 30.28 -34.54 14.97
N ILE B 235 31.44 -34.93 14.44
CA ILE B 235 32.10 -34.14 13.41
C ILE B 235 31.31 -34.19 12.10
N LYS B 236 30.74 -35.36 11.78
CA LYS B 236 30.11 -35.53 10.47
C LYS B 236 28.82 -34.73 10.34
N VAL B 237 27.95 -34.81 11.35
CA VAL B 237 26.63 -34.19 11.28
C VAL B 237 26.53 -33.13 12.37
N HIS B 238 25.41 -32.39 12.34
CA HIS B 238 25.10 -31.32 13.30
C HIS B 238 26.18 -30.25 13.21
N THR B 239 26.86 -29.90 14.30
CA THR B 239 27.89 -28.88 14.29
C THR B 239 29.03 -29.36 15.18
N PHE B 240 29.94 -28.45 15.52
CA PHE B 240 31.06 -28.80 16.38
C PHE B 240 30.57 -29.06 17.80
N PRO B 241 30.86 -30.23 18.39
CA PRO B 241 30.39 -30.52 19.74
C PRO B 241 31.06 -29.65 20.81
N LEU B 242 32.39 -29.57 20.75
CA LEU B 242 33.21 -28.79 21.70
C LEU B 242 33.00 -29.26 23.14
N PHE B 243 32.59 -30.52 23.32
CA PHE B 243 32.35 -31.11 24.62
C PHE B 243 32.92 -32.52 24.63
N ALA B 244 32.77 -33.20 25.76
CA ALA B 244 33.29 -34.56 25.98
C ALA B 244 34.80 -34.64 25.72
N ILE B 245 35.52 -33.56 26.02
CA ILE B 245 36.98 -33.54 25.84
C ILE B 245 37.69 -33.95 27.11
N ARG B 246 37.28 -33.42 28.25
CA ARG B 246 37.81 -33.89 29.54
C ARG B 246 37.54 -35.36 29.78
N PRO B 247 36.33 -35.87 29.54
CA PRO B 247 36.13 -37.33 29.60
C PRO B 247 36.97 -38.11 28.61
N MET B 248 37.20 -37.58 27.40
CA MET B 248 38.09 -38.24 26.46
C MET B 248 39.52 -38.28 26.98
N TYR B 249 39.98 -37.18 27.61
CA TYR B 249 41.31 -37.15 28.21
C TYR B 249 41.41 -38.16 29.35
N LEU B 250 40.37 -38.28 30.17
CA LEU B 250 40.36 -39.26 31.25
C LEU B 250 40.38 -40.68 30.72
N ALA B 251 39.63 -40.95 29.65
CA ALA B 251 39.63 -42.27 29.03
C ALA B 251 41.00 -42.60 28.44
N MET B 252 41.64 -41.62 27.81
CA MET B 252 42.99 -41.83 27.28
C MET B 252 43.99 -42.07 28.41
N ARG B 253 43.85 -41.34 29.52
CA ARG B 253 44.73 -41.56 30.67
C ARG B 253 44.54 -42.95 31.25
N GLN B 254 43.30 -43.42 31.34
CA GLN B 254 43.06 -44.78 31.82
C GLN B 254 43.63 -45.82 30.86
N PHE B 255 43.46 -45.62 29.56
CA PHE B 255 44.01 -46.53 28.56
C PHE B 255 45.53 -46.58 28.65
N LYS B 256 46.17 -45.43 28.85
CA LYS B 256 47.63 -45.39 29.02
C LYS B 256 48.04 -46.11 30.30
N LYS B 257 47.40 -45.77 31.42
CA LYS B 257 47.72 -46.38 32.71
C LYS B 257 47.46 -47.88 32.73
N ALA B 258 46.67 -48.39 31.79
CA ALA B 258 46.50 -49.83 31.64
C ALA B 258 47.55 -50.43 30.70
N VAL B 259 47.67 -49.90 29.48
CA VAL B 259 48.51 -50.51 28.45
C VAL B 259 49.99 -50.38 28.81
N THR B 260 50.43 -49.19 29.22
CA THR B 260 51.84 -49.00 29.56
C THR B 260 52.22 -49.82 30.79
N ASP B 261 51.33 -49.90 31.79
CA ASP B 261 51.60 -50.71 32.96
C ASP B 261 51.69 -52.19 32.61
N ALA B 262 50.81 -52.67 31.73
CA ALA B 262 50.88 -54.07 31.29
C ALA B 262 52.16 -54.34 30.51
N ILE B 263 52.57 -53.39 29.66
CA ILE B 263 53.80 -53.55 28.89
C ILE B 263 55.01 -53.58 29.80
N MET B 264 55.06 -52.69 30.80
CA MET B 264 56.17 -52.67 31.74
C MET B 264 56.21 -53.96 32.58
N SER B 265 55.05 -54.42 33.05
CA SER B 265 55.01 -55.66 33.80
C SER B 265 55.25 -56.87 32.91
N ARG B 266 54.73 -56.84 31.69
CA ARG B 266 54.90 -57.95 30.76
C ARG B 266 55.45 -57.47 29.42
N GLN C 5 -33.06 35.41 23.65
CA GLN C 5 -32.34 34.85 24.78
C GLN C 5 -31.48 33.67 24.35
N MET C 6 -31.73 33.18 23.13
CA MET C 6 -30.97 32.05 22.60
C MET C 6 -29.56 32.43 22.17
N GLN C 7 -29.30 33.72 21.94
CA GLN C 7 -27.96 34.12 21.50
C GLN C 7 -26.93 33.88 22.59
N GLU C 8 -27.30 34.09 23.86
CA GLU C 8 -26.37 33.84 24.94
C GLU C 8 -26.01 32.36 25.03
N ALA C 9 -27.02 31.49 24.85
CA ALA C 9 -26.77 30.05 24.84
C ALA C 9 -25.88 29.65 23.67
N GLU C 10 -26.12 30.25 22.50
CA GLU C 10 -25.27 29.98 21.34
C GLU C 10 -23.84 30.43 21.59
N MET C 11 -23.66 31.60 22.21
CA MET C 11 -22.32 32.08 22.53
C MET C 11 -21.62 31.16 23.52
N MET C 12 -22.35 30.70 24.55
CA MET C 12 -21.76 29.79 25.53
C MET C 12 -21.37 28.46 24.88
N TYR C 13 -22.23 27.92 24.02
CA TYR C 13 -21.92 26.69 23.31
C TYR C 13 -20.71 26.87 22.40
N GLN C 14 -20.62 28.01 21.70
CA GLN C 14 -19.47 28.27 20.85
C GLN C 14 -18.19 28.39 21.67
N THR C 15 -18.26 29.05 22.83
CA THR C 15 -17.09 29.14 23.71
C THR C 15 -16.65 27.77 24.20
N GLY C 16 -17.62 26.93 24.61
CA GLY C 16 -17.28 25.58 25.03
C GLY C 16 -16.67 24.75 23.92
N MET C 17 -17.22 24.87 22.70
CA MET C 17 -16.68 24.15 21.56
C MET C 17 -15.27 24.61 21.23
N LYS C 18 -15.03 25.92 21.28
CA LYS C 18 -13.69 26.45 21.04
C LYS C 18 -12.70 25.96 22.08
N ILE C 19 -13.11 25.95 23.35
CA ILE C 19 -12.25 25.46 24.43
C ILE C 19 -11.93 23.98 24.23
N LEU C 20 -12.93 23.19 23.86
CA LEU C 20 -12.73 21.75 23.65
C LEU C 20 -11.83 21.49 22.46
N ASN C 21 -12.00 22.23 21.37
CA ASN C 21 -11.22 21.98 20.16
C ASN C 21 -9.78 22.46 20.32
N GLY C 22 -9.58 23.64 20.92
CA GLY C 22 -8.25 24.18 21.04
C GLY C 22 -7.41 23.60 22.16
N SER C 23 -8.04 22.90 23.10
CA SER C 23 -7.35 22.34 24.25
C SER C 23 -7.92 20.97 24.56
N ASN C 24 -7.05 19.98 24.67
CA ASN C 24 -7.45 18.64 25.08
C ASN C 24 -7.19 18.38 26.56
N LYS C 25 -6.85 19.42 27.32
CA LYS C 25 -6.58 19.27 28.74
C LYS C 25 -7.84 18.86 29.49
N LYS C 26 -7.64 18.06 30.54
CA LYS C 26 -8.76 17.57 31.34
C LYS C 26 -9.52 18.71 32.00
N SER C 27 -8.78 19.68 32.57
CA SER C 27 -9.42 20.84 33.19
C SER C 27 -10.14 21.70 32.16
N GLN C 28 -9.50 21.93 31.01
CA GLN C 28 -10.16 22.67 29.93
C GLN C 28 -11.39 21.94 29.42
N LYS C 29 -11.29 20.61 29.30
CA LYS C 29 -12.45 19.81 28.89
C LYS C 29 -13.58 19.92 29.90
N ARG C 30 -13.25 19.89 31.20
CA ARG C 30 -14.28 20.02 32.23
C ARG C 30 -14.93 21.39 32.20
N GLU C 31 -14.13 22.45 31.99
CA GLU C 31 -14.68 23.80 31.90
C GLU C 31 -15.59 23.94 30.67
N ALA C 32 -15.16 23.37 29.54
CA ALA C 32 -15.98 23.39 28.34
C ALA C 32 -17.29 22.63 28.55
N TYR C 33 -17.22 21.49 29.25
CA TYR C 33 -18.42 20.71 29.53
C TYR C 33 -19.37 21.48 30.45
N ARG C 34 -18.82 22.20 31.44
CA ARG C 34 -19.66 23.02 32.30
C ARG C 34 -20.33 24.15 31.52
N TYR C 35 -19.58 24.78 30.62
CA TYR C 35 -20.16 25.81 29.77
C TYR C 35 -21.26 25.24 28.87
N LEU C 36 -21.03 24.04 28.32
CA LEU C 36 -22.04 23.39 27.50
C LEU C 36 -23.29 23.06 28.31
N GLN C 37 -23.11 22.62 29.56
CA GLN C 37 -24.26 22.37 30.42
C GLN C 37 -25.02 23.65 30.73
N LYS C 38 -24.29 24.76 30.94
CA LYS C 38 -24.94 26.04 31.15
C LYS C 38 -25.74 26.46 29.93
N ALA C 39 -25.19 26.23 28.74
CA ALA C 39 -25.92 26.50 27.51
C ALA C 39 -27.15 25.61 27.38
N ALA C 40 -27.02 24.33 27.73
CA ALA C 40 -28.13 23.40 27.63
C ALA C 40 -29.21 23.64 28.68
N SER C 41 -28.90 24.41 29.73
CA SER C 41 -29.90 24.71 30.75
C SER C 41 -31.12 25.43 30.18
N MET C 42 -30.97 26.13 29.05
CA MET C 42 -32.07 26.79 28.38
C MET C 42 -32.57 25.98 27.18
N ASN C 43 -32.14 24.72 27.09
CA ASN C 43 -32.62 23.63 26.22
C ASN C 43 -32.11 23.77 24.79
N HIS C 44 -31.04 24.54 24.58
CA HIS C 44 -30.41 24.66 23.27
C HIS C 44 -29.89 23.29 22.82
N THR C 45 -30.31 22.88 21.60
CA THR C 45 -30.23 21.47 21.20
C THR C 45 -28.80 20.95 21.06
N LYS C 46 -27.94 21.67 20.32
CA LYS C 46 -26.65 21.11 19.93
C LYS C 46 -25.77 20.82 21.15
N ALA C 47 -25.59 21.81 22.02
CA ALA C 47 -24.80 21.58 23.23
C ALA C 47 -25.49 20.63 24.19
N LEU C 48 -26.83 20.60 24.16
CA LEU C 48 -27.58 19.64 24.97
C LEU C 48 -27.21 18.22 24.60
N GLU C 49 -27.20 17.90 23.31
CA GLU C 49 -26.79 16.58 22.86
C GLU C 49 -25.30 16.33 23.10
N ARG C 50 -24.48 17.39 22.95
CA ARG C 50 -23.05 17.24 23.17
C ARG C 50 -22.75 16.82 24.61
N VAL C 51 -23.40 17.47 25.58
CA VAL C 51 -23.22 17.06 26.97
C VAL C 51 -23.99 15.79 27.30
N SER C 52 -25.05 15.48 26.55
CA SER C 52 -25.80 14.24 26.76
C SER C 52 -24.97 13.01 26.40
N TYR C 53 -24.24 13.08 25.30
CA TYR C 53 -23.51 11.90 24.82
C TYR C 53 -22.29 11.56 25.68
N ALA C 54 -21.91 12.42 26.61
CA ALA C 54 -20.81 12.17 27.51
C ALA C 54 -21.24 12.08 28.97
N LEU C 55 -22.34 12.74 29.34
CA LEU C 55 -22.86 12.66 30.70
C LEU C 55 -23.28 11.23 31.05
N LEU C 56 -23.93 10.55 30.11
CA LEU C 56 -24.34 9.17 30.35
C LEU C 56 -23.13 8.25 30.40
N PHE C 57 -22.18 8.44 29.49
CA PHE C 57 -21.00 7.58 29.44
C PHE C 57 -20.06 7.83 30.62
N GLY C 58 -19.95 9.08 31.04
CA GLY C 58 -18.96 9.45 32.02
C GLY C 58 -17.65 9.91 31.38
N ASP C 59 -16.62 9.96 32.22
CA ASP C 59 -15.23 10.37 31.91
C ASP C 59 -15.15 11.80 31.38
N TYR C 60 -16.29 12.49 31.31
CA TYR C 60 -16.47 13.90 31.04
C TYR C 60 -17.38 14.57 32.07
N LEU C 61 -18.44 13.88 32.49
CA LEU C 61 -19.39 14.35 33.48
C LEU C 61 -19.74 13.18 34.39
N PRO C 62 -20.30 13.44 35.57
CA PRO C 62 -20.83 12.35 36.39
C PRO C 62 -21.87 11.52 35.63
N GLN C 63 -21.85 10.21 35.84
CA GLN C 63 -22.75 9.31 35.14
C GLN C 63 -24.09 9.33 35.87
N ASN C 64 -25.08 9.99 35.27
CA ASN C 64 -26.44 10.10 35.79
C ASN C 64 -27.36 9.46 34.74
N ILE C 65 -27.68 8.17 34.93
CA ILE C 65 -28.47 7.46 33.93
C ILE C 65 -29.92 7.95 33.91
N GLN C 66 -30.53 8.14 35.08
CA GLN C 66 -31.94 8.52 35.14
C GLN C 66 -32.16 9.93 34.59
N ALA C 67 -31.31 10.88 34.97
CA ALA C 67 -31.39 12.22 34.39
C ALA C 67 -31.11 12.19 32.90
N ALA C 68 -30.20 11.30 32.47
CA ALA C 68 -29.92 11.15 31.04
C ALA C 68 -31.15 10.69 30.27
N ARG C 69 -31.89 9.72 30.82
CA ARG C 69 -33.08 9.22 30.13
C ARG C 69 -34.20 10.27 30.13
N GLU C 70 -34.38 10.97 31.26
CA GLU C 70 -35.39 12.02 31.32
C GLU C 70 -35.07 13.16 30.36
N MET C 71 -33.78 13.50 30.23
CA MET C 71 -33.32 14.43 29.20
C MET C 71 -33.59 13.90 27.79
N PHE C 72 -33.34 12.60 27.58
CA PHE C 72 -33.54 12.00 26.27
C PHE C 72 -35.01 12.02 25.85
N GLU C 73 -35.93 11.98 26.81
CA GLU C 73 -37.35 12.10 26.47
C GLU C 73 -37.62 13.38 25.69
N LYS C 74 -37.24 14.53 26.23
CA LYS C 74 -37.51 15.78 25.52
C LYS C 74 -36.58 15.98 24.33
N LEU C 75 -35.36 15.42 24.40
CA LEU C 75 -34.48 15.42 23.24
C LEU C 75 -35.15 14.75 22.04
N THR C 76 -35.84 13.63 22.28
CA THR C 76 -36.55 12.93 21.22
C THR C 76 -37.85 13.64 20.82
N GLU C 77 -38.56 14.24 21.78
CA GLU C 77 -39.75 15.01 21.41
C GLU C 77 -39.40 16.19 20.51
N GLU C 78 -38.20 16.76 20.66
CA GLU C 78 -37.79 17.82 19.74
C GLU C 78 -37.65 17.28 18.32
N GLY C 79 -37.12 16.08 18.17
CA GLY C 79 -36.85 15.51 16.86
C GLY C 79 -35.38 15.49 16.52
N SER C 80 -34.55 15.34 17.54
CA SER C 80 -33.10 15.34 17.36
C SER C 80 -32.68 14.07 16.63
N PRO C 81 -31.95 14.17 15.51
CA PRO C 81 -31.50 12.97 14.81
C PRO C 81 -30.63 12.06 15.67
N LYS C 82 -29.81 12.62 16.56
CA LYS C 82 -28.93 11.82 17.40
C LYS C 82 -29.53 11.52 18.77
N GLY C 83 -30.65 12.15 19.13
CA GLY C 83 -31.32 11.83 20.37
C GLY C 83 -32.09 10.53 20.35
N GLN C 84 -32.66 10.17 19.20
CA GLN C 84 -33.38 8.91 19.08
C GLN C 84 -32.46 7.72 19.32
N THR C 85 -31.24 7.81 18.79
CA THR C 85 -30.33 6.68 18.73
C THR C 85 -29.93 6.18 20.12
N ALA C 86 -29.46 7.08 20.98
CA ALA C 86 -28.99 6.63 22.28
C ALA C 86 -30.14 6.25 23.20
N LEU C 87 -31.32 6.84 23.00
CA LEU C 87 -32.49 6.40 23.78
C LEU C 87 -32.85 4.97 23.41
N GLY C 88 -32.85 4.66 22.11
CA GLY C 88 -33.06 3.28 21.70
C GLY C 88 -31.97 2.36 22.20
N PHE C 89 -30.73 2.86 22.23
CA PHE C 89 -29.61 2.12 22.80
C PHE C 89 -29.92 1.75 24.25
N LEU C 90 -30.34 2.75 25.04
CA LEU C 90 -30.63 2.52 26.45
C LEU C 90 -31.77 1.54 26.63
N TYR C 91 -32.83 1.69 25.84
CA TYR C 91 -33.97 0.80 25.95
C TYR C 91 -33.70 -0.58 25.38
N ALA C 92 -32.60 -0.75 24.62
CA ALA C 92 -32.32 -2.03 23.99
C ALA C 92 -31.77 -3.07 24.97
N SER C 93 -30.62 -2.77 25.58
CA SER C 93 -29.96 -3.68 26.49
C SER C 93 -30.43 -3.54 27.93
N GLY C 94 -31.62 -2.99 28.16
CA GLY C 94 -32.19 -2.89 29.48
C GLY C 94 -31.38 -2.03 30.44
N LEU C 95 -30.97 -0.86 29.98
CA LEU C 95 -30.06 0.01 30.73
C LEU C 95 -30.92 0.98 31.54
N GLY C 96 -31.02 0.73 32.83
CA GLY C 96 -31.78 1.61 33.70
C GLY C 96 -33.27 1.63 33.39
N VAL C 97 -33.76 0.64 32.65
CA VAL C 97 -35.14 0.61 32.17
C VAL C 97 -35.43 -0.80 31.67
N ASN C 98 -36.71 -1.18 31.68
CA ASN C 98 -37.17 -2.49 31.22
C ASN C 98 -36.79 -2.66 29.75
N SER C 99 -36.40 -3.86 29.35
CA SER C 99 -35.90 -4.03 27.99
C SER C 99 -36.98 -4.60 27.07
N SER C 100 -37.10 -4.00 25.87
CA SER C 100 -37.96 -4.52 24.82
C SER C 100 -37.45 -4.02 23.47
N GLN C 101 -37.27 -4.95 22.53
CA GLN C 101 -36.60 -4.67 21.27
C GLN C 101 -37.45 -3.91 20.23
N ALA C 102 -38.78 -3.89 20.36
CA ALA C 102 -39.59 -3.25 19.31
C ALA C 102 -39.51 -1.73 19.34
N LYS C 103 -39.64 -1.14 20.52
CA LYS C 103 -39.50 0.31 20.64
C LYS C 103 -38.08 0.73 20.32
N ALA C 104 -37.09 -0.08 20.71
CA ALA C 104 -35.72 0.17 20.30
C ALA C 104 -35.60 0.14 18.77
N LEU C 105 -36.29 -0.80 18.11
CA LEU C 105 -36.28 -0.86 16.65
C LEU C 105 -36.83 0.41 16.03
N VAL C 106 -37.98 0.87 16.51
CA VAL C 106 -38.61 2.04 15.90
C VAL C 106 -37.74 3.28 16.15
N TYR C 107 -37.21 3.42 17.36
CA TYR C 107 -36.36 4.56 17.67
C TYR C 107 -35.11 4.56 16.80
N TYR C 108 -34.49 3.40 16.65
CA TYR C 108 -33.30 3.29 15.79
C TYR C 108 -33.62 3.60 14.35
N THR C 109 -34.75 3.09 13.85
CA THR C 109 -35.10 3.32 12.45
C THR C 109 -35.47 4.77 12.19
N PHE C 110 -36.01 5.47 13.19
CA PHE C 110 -36.30 6.90 12.97
C PHE C 110 -35.05 7.75 13.16
N GLY C 111 -34.08 7.27 13.93
CA GLY C 111 -32.78 7.92 13.94
C GLY C 111 -32.08 7.79 12.60
N ALA C 112 -32.09 6.59 12.02
CA ALA C 112 -31.51 6.42 10.69
C ALA C 112 -32.34 7.16 9.64
N LEU C 113 -33.63 7.35 9.92
CA LEU C 113 -34.48 8.21 9.12
C LEU C 113 -33.95 9.63 9.10
N GLY C 114 -33.45 10.11 10.23
CA GLY C 114 -33.01 11.48 10.20
C GLY C 114 -31.63 11.73 9.63
N GLY C 115 -30.90 10.70 9.22
CA GLY C 115 -29.58 10.88 8.65
C GLY C 115 -28.42 10.60 9.58
N ASN C 116 -28.67 10.19 10.82
CA ASN C 116 -27.61 9.81 11.72
C ASN C 116 -26.92 8.55 11.21
N LEU C 117 -25.60 8.62 11.03
CA LEU C 117 -24.83 7.50 10.51
C LEU C 117 -24.62 6.43 11.55
N ILE C 118 -24.62 6.80 12.83
CA ILE C 118 -24.59 5.80 13.89
C ILE C 118 -25.85 4.94 13.82
N ALA C 119 -26.98 5.54 13.48
CA ALA C 119 -28.22 4.79 13.41
C ALA C 119 -28.30 3.93 12.16
N HIS C 120 -27.77 4.41 11.03
CA HIS C 120 -27.68 3.55 9.86
C HIS C 120 -26.75 2.35 10.10
N MET C 121 -25.61 2.59 10.76
CA MET C 121 -24.73 1.50 11.17
C MET C 121 -25.47 0.51 12.05
N VAL C 122 -26.25 1.01 13.01
CA VAL C 122 -26.98 0.14 13.93
C VAL C 122 -27.99 -0.71 13.16
N LEU C 123 -28.77 -0.08 12.28
CA LEU C 123 -29.75 -0.82 11.50
C LEU C 123 -29.08 -1.88 10.63
N GLY C 124 -27.97 -1.51 9.98
CA GLY C 124 -27.25 -2.47 9.16
C GLY C 124 -26.74 -3.66 9.97
N TYR C 125 -26.17 -3.40 11.15
CA TYR C 125 -25.67 -4.50 11.95
C TYR C 125 -26.79 -5.39 12.45
N ARG C 126 -27.86 -4.81 12.97
CA ARG C 126 -28.89 -5.69 13.53
C ARG C 126 -29.69 -6.40 12.45
N TYR C 127 -29.75 -5.85 11.24
CA TYR C 127 -30.33 -6.61 10.13
C TYR C 127 -29.41 -7.69 9.61
N TRP C 128 -28.09 -7.44 9.57
CA TRP C 128 -27.16 -8.46 9.10
C TRP C 128 -27.21 -9.70 9.97
N ALA C 129 -26.87 -9.57 11.24
CA ALA C 129 -26.91 -10.71 12.14
C ALA C 129 -28.23 -10.80 12.88
N GLY C 130 -29.34 -10.63 12.17
CA GLY C 130 -30.68 -10.99 12.59
C GLY C 130 -31.13 -10.79 14.03
N ILE C 131 -30.70 -9.72 14.69
CA ILE C 131 -31.07 -9.47 16.08
C ILE C 131 -32.11 -8.35 16.11
N GLY C 132 -33.28 -8.66 16.66
CA GLY C 132 -34.40 -7.75 16.61
C GLY C 132 -35.15 -7.72 15.29
N VAL C 133 -34.65 -8.40 14.27
CA VAL C 133 -35.26 -8.45 12.94
C VAL C 133 -34.88 -9.78 12.29
N LEU C 134 -35.49 -10.06 11.13
CA LEU C 134 -35.17 -11.27 10.39
C LEU C 134 -33.88 -11.09 9.60
N GLN C 135 -33.06 -12.14 9.59
CA GLN C 135 -31.80 -12.10 8.87
C GLN C 135 -32.04 -11.90 7.37
N SER C 136 -31.31 -10.96 6.77
CA SER C 136 -31.47 -10.66 5.36
C SER C 136 -30.18 -10.06 4.82
N CYS C 137 -30.11 -9.98 3.49
CA CYS C 137 -28.95 -9.45 2.78
C CYS C 137 -29.11 -8.01 2.35
N GLU C 138 -30.21 -7.70 1.66
CA GLU C 138 -30.34 -6.43 0.94
C GLU C 138 -30.35 -5.23 1.90
N SER C 139 -31.17 -5.30 2.96
CA SER C 139 -31.34 -4.16 3.86
C SER C 139 -30.04 -3.84 4.59
N ALA C 140 -29.40 -4.87 5.16
CA ALA C 140 -28.14 -4.66 5.87
C ALA C 140 -27.06 -4.14 4.95
N LEU C 141 -26.98 -4.70 3.73
CA LEU C 141 -25.97 -4.26 2.77
C LEU C 141 -26.16 -2.80 2.40
N THR C 142 -27.41 -2.40 2.14
CA THR C 142 -27.68 -1.01 1.79
C THR C 142 -27.35 -0.07 2.93
N HIS C 143 -27.78 -0.43 4.15
CA HIS C 143 -27.53 0.43 5.29
C HIS C 143 -26.03 0.52 5.59
N TYR C 144 -25.29 -0.56 5.34
CA TYR C 144 -23.85 -0.55 5.55
C TYR C 144 -23.13 0.31 4.52
N ARG C 145 -23.56 0.23 3.25
CA ARG C 145 -22.95 1.08 2.23
C ARG C 145 -23.19 2.56 2.53
N LEU C 146 -24.37 2.89 3.06
CA LEU C 146 -24.68 4.29 3.36
C LEU C 146 -23.74 4.88 4.41
N VAL C 147 -23.10 4.05 5.22
CA VAL C 147 -22.14 4.57 6.19
C VAL C 147 -20.71 4.44 5.67
N ALA C 148 -20.44 3.37 4.90
CA ALA C 148 -19.07 3.16 4.41
C ALA C 148 -18.67 4.21 3.38
N ASN C 149 -19.63 4.69 2.59
CA ASN C 149 -19.32 5.78 1.65
C ASN C 149 -18.80 7.00 2.40
N HIS C 150 -19.49 7.39 3.46
CA HIS C 150 -19.04 8.52 4.26
C HIS C 150 -17.75 8.18 5.00
N VAL C 151 -17.56 6.90 5.36
CA VAL C 151 -16.30 6.48 5.99
C VAL C 151 -15.13 6.80 5.08
N ALA C 152 -15.22 6.40 3.81
CA ALA C 152 -14.13 6.71 2.88
C ALA C 152 -14.05 8.19 2.60
N SER C 153 -15.18 8.90 2.68
CA SER C 153 -15.14 10.35 2.54
C SER C 153 -14.23 10.96 3.61
N ASP C 154 -14.30 10.45 4.84
CA ASP C 154 -13.40 10.94 5.87
C ASP C 154 -11.97 10.40 5.69
N ILE C 155 -11.84 9.14 5.25
CA ILE C 155 -10.52 8.52 5.11
C ILE C 155 -9.68 9.23 4.05
N SER C 156 -10.29 9.53 2.90
CA SER C 156 -9.54 10.11 1.78
C SER C 156 -9.01 11.49 2.10
N LEU C 157 -9.66 12.24 2.98
CA LEU C 157 -9.24 13.60 3.29
C LEU C 157 -8.39 13.67 4.55
N THR C 158 -8.93 13.21 5.68
CA THR C 158 -8.26 13.40 6.96
C THR C 158 -7.07 12.46 7.13
N GLY C 159 -7.05 11.33 6.44
CA GLY C 159 -6.00 10.35 6.58
C GLY C 159 -6.38 9.12 7.38
N GLY C 160 -7.53 9.14 8.06
CA GLY C 160 -8.02 7.94 8.70
C GLY C 160 -7.25 7.47 9.92
N SER C 161 -7.36 8.21 11.04
CA SER C 161 -6.65 7.92 12.27
C SER C 161 -6.67 6.45 12.64
N VAL C 162 -5.49 5.89 12.87
CA VAL C 162 -5.32 4.47 13.14
C VAL C 162 -5.47 4.22 14.63
N VAL C 163 -6.32 3.26 14.98
CA VAL C 163 -6.63 2.95 16.36
C VAL C 163 -6.21 1.50 16.61
N GLN C 164 -5.71 1.22 17.80
CA GLN C 164 -5.14 -0.09 18.11
C GLN C 164 -6.17 -0.93 18.84
N ARG C 165 -6.74 -1.92 18.15
CA ARG C 165 -7.73 -2.79 18.75
C ARG C 165 -7.10 -3.60 19.87
N ILE C 166 -7.54 -3.35 21.10
CA ILE C 166 -7.03 -4.02 22.28
C ILE C 166 -8.19 -4.76 22.92
N ARG C 167 -7.94 -5.99 23.34
CA ARG C 167 -8.97 -6.77 24.01
C ARG C 167 -8.57 -6.93 25.46
N LEU C 168 -9.42 -6.47 26.35
CA LEU C 168 -9.16 -6.62 27.79
C LEU C 168 -9.03 -8.07 28.25
N PRO C 169 -9.73 -9.08 27.71
CA PRO C 169 -9.40 -10.47 28.06
C PRO C 169 -8.09 -10.96 27.48
N ASP C 170 -7.35 -10.16 26.72
CA ASP C 170 -6.05 -10.57 26.22
C ASP C 170 -4.94 -10.04 27.10
N GLY C 280 -16.57 -20.18 -1.75
CA GLY C 280 -16.59 -18.77 -2.10
C GLY C 280 -15.23 -18.13 -2.05
N MET C 281 -15.18 -16.89 -1.56
CA MET C 281 -13.94 -16.12 -1.43
C MET C 281 -13.81 -15.55 -0.03
N ALA C 282 -14.23 -16.32 0.98
CA ALA C 282 -14.20 -15.87 2.37
C ALA C 282 -12.90 -16.18 3.08
N TYR C 283 -11.91 -16.76 2.38
CA TYR C 283 -10.63 -17.07 3.01
C TYR C 283 -9.87 -15.80 3.37
N LEU C 284 -9.83 -14.83 2.45
CA LEU C 284 -9.16 -13.56 2.70
C LEU C 284 -9.95 -12.39 2.15
N TYR C 285 -11.13 -12.63 1.58
CA TYR C 285 -11.95 -11.60 0.92
C TYR C 285 -11.14 -10.90 -0.18
N GLY C 286 -10.65 -11.72 -1.10
CA GLY C 286 -9.72 -11.27 -2.12
C GLY C 286 -8.28 -11.57 -1.74
N ARG C 287 -7.38 -11.05 -2.56
CA ARG C 287 -5.94 -11.23 -2.38
C ARG C 287 -5.26 -9.98 -2.91
N GLY C 288 -3.97 -10.06 -3.18
CA GLY C 288 -3.30 -8.99 -3.91
C GLY C 288 -2.89 -7.79 -3.08
N VAL C 289 -3.66 -6.70 -3.21
CA VAL C 289 -3.23 -5.40 -2.69
C VAL C 289 -3.02 -5.43 -1.18
N GLN C 290 -3.95 -6.03 -0.43
CA GLN C 290 -3.80 -6.10 1.02
C GLN C 290 -2.59 -6.94 1.42
N VAL C 291 -2.28 -7.98 0.63
CA VAL C 291 -1.11 -8.80 0.92
C VAL C 291 0.16 -7.95 0.84
N ASN C 292 0.27 -7.15 -0.22
CA ASN C 292 1.47 -6.34 -0.40
C ASN C 292 1.52 -5.20 0.61
N TYR C 293 0.36 -4.67 1.02
CA TYR C 293 0.35 -3.76 2.17
C TYR C 293 0.91 -4.44 3.41
N ASP C 294 0.54 -5.71 3.62
CA ASP C 294 1.04 -6.45 4.78
C ASP C 294 2.56 -6.63 4.72
N LEU C 295 3.09 -7.03 3.56
CA LEU C 295 4.54 -7.17 3.49
C LEU C 295 5.24 -5.82 3.62
N ALA C 296 4.65 -4.75 3.06
CA ALA C 296 5.25 -3.43 3.24
C ALA C 296 5.30 -3.02 4.71
N LEU C 297 4.20 -3.24 5.45
CA LEU C 297 4.20 -2.89 6.87
C LEU C 297 5.22 -3.70 7.64
N LYS C 298 5.31 -5.01 7.37
CA LYS C 298 6.23 -5.82 8.14
C LYS C 298 7.69 -5.53 7.79
N TYR C 299 7.99 -5.21 6.52
CA TYR C 299 9.32 -4.75 6.18
C TYR C 299 9.67 -3.43 6.86
N PHE C 300 8.70 -2.50 6.94
CA PHE C 300 8.94 -1.26 7.67
C PHE C 300 9.17 -1.50 9.14
N GLN C 301 8.40 -2.41 9.75
CA GLN C 301 8.61 -2.73 11.16
C GLN C 301 9.98 -3.34 11.40
N LYS C 302 10.41 -4.28 10.56
CA LYS C 302 11.72 -4.88 10.75
C LYS C 302 12.84 -3.88 10.48
N ALA C 303 12.59 -2.90 9.60
CA ALA C 303 13.57 -1.84 9.36
C ALA C 303 13.70 -0.95 10.58
N ALA C 304 12.57 -0.51 11.14
CA ALA C 304 12.63 0.36 12.31
C ALA C 304 13.28 -0.37 13.48
N GLU C 305 12.96 -1.66 13.63
CA GLU C 305 13.49 -2.44 14.74
C GLU C 305 15.01 -2.57 14.66
N GLN C 306 15.54 -2.86 13.46
CA GLN C 306 17.00 -2.91 13.37
C GLN C 306 17.64 -1.53 13.36
N GLY C 307 16.88 -0.48 13.03
CA GLY C 307 17.39 0.87 13.17
C GLY C 307 17.64 1.28 14.62
N TRP C 308 16.80 0.82 15.53
CA TRP C 308 16.99 1.11 16.95
C TRP C 308 18.23 0.46 17.53
N VAL C 309 18.77 -0.58 16.89
CA VAL C 309 19.87 -1.34 17.47
C VAL C 309 21.10 -0.46 17.59
N ASP C 310 21.68 -0.43 18.80
CA ASP C 310 22.91 0.32 19.04
C ASP C 310 23.89 -0.49 19.90
N GLY C 311 23.84 -1.82 19.79
CA GLY C 311 24.74 -2.66 20.57
C GLY C 311 26.18 -2.64 20.09
N GLN C 312 26.39 -2.25 18.83
CA GLN C 312 27.73 -2.11 18.27
C GLN C 312 28.17 -0.66 18.25
N LEU C 313 27.78 0.11 19.26
CA LEU C 313 28.07 1.54 19.29
C LEU C 313 29.56 1.80 19.49
N GLN C 314 30.12 1.32 20.59
CA GLN C 314 31.53 1.51 20.96
C GLN C 314 31.87 3.01 21.02
N LEU C 315 31.25 3.69 21.98
CA LEU C 315 31.41 5.13 22.21
C LEU C 315 31.02 5.92 20.95
N GLY C 316 29.74 5.80 20.61
CA GLY C 316 29.21 6.48 19.44
C GLY C 316 27.84 5.95 19.10
N SER C 317 27.44 6.15 17.83
CA SER C 317 26.20 5.63 17.27
C SER C 317 24.98 6.18 17.99
N MET C 318 24.79 5.81 19.25
CA MET C 318 23.66 6.28 20.05
C MET C 318 23.84 7.72 20.50
N TYR C 319 25.02 8.30 20.32
CA TYR C 319 25.32 9.71 20.64
C TYR C 319 25.13 10.02 22.12
N TYR C 320 25.44 9.04 22.98
CA TYR C 320 25.42 9.19 24.44
C TYR C 320 24.05 9.62 24.95
N ASN C 321 23.07 8.72 24.76
CA ASN C 321 21.68 8.93 25.19
C ASN C 321 21.04 10.10 24.44
N GLY C 322 21.12 10.06 23.12
CA GLY C 322 20.47 11.02 22.26
C GLY C 322 19.06 10.57 21.91
N ILE C 323 18.11 10.72 22.84
CA ILE C 323 16.75 10.20 22.63
C ILE C 323 16.08 10.84 21.40
N GLY C 324 16.56 12.00 20.96
CA GLY C 324 15.96 12.74 19.86
C GLY C 324 15.94 12.06 18.50
N VAL C 325 16.45 10.84 18.41
CA VAL C 325 16.46 10.08 17.16
C VAL C 325 15.50 8.89 17.22
N LYS C 326 15.38 8.24 18.36
CA LYS C 326 14.40 7.16 18.44
C LYS C 326 12.96 7.67 18.52
N ARG C 327 12.74 8.83 19.16
CA ARG C 327 11.39 9.42 19.17
C ARG C 327 10.86 9.70 17.77
N ASP C 328 11.66 10.35 16.91
CA ASP C 328 11.28 10.54 15.52
C ASP C 328 11.14 9.19 14.79
N TYR C 329 11.95 8.19 15.17
CA TYR C 329 11.86 6.88 14.53
C TYR C 329 10.48 6.27 14.75
N LYS C 330 10.02 6.20 16.00
CA LYS C 330 8.70 5.62 16.22
C LYS C 330 7.60 6.56 15.75
N GLN C 331 7.85 7.87 15.72
CA GLN C 331 6.86 8.79 15.14
C GLN C 331 6.67 8.50 13.65
N ALA C 332 7.78 8.34 12.92
CA ALA C 332 7.70 7.99 11.51
C ALA C 332 7.08 6.61 11.31
N LEU C 333 7.35 5.68 12.22
CA LEU C 333 6.72 4.36 12.14
C LEU C 333 5.21 4.49 12.30
N LYS C 334 4.76 5.32 13.25
CA LYS C 334 3.33 5.52 13.46
C LYS C 334 2.68 6.20 12.26
N TYR C 335 3.37 7.15 11.64
CA TYR C 335 2.80 7.82 10.48
C TYR C 335 2.74 6.89 9.27
N PHE C 336 3.76 6.04 9.09
CA PHE C 336 3.68 5.03 8.04
C PHE C 336 2.56 4.05 8.31
N ASN C 337 2.34 3.71 9.59
CA ASN C 337 1.22 2.86 9.96
C ASN C 337 -0.09 3.52 9.56
N LEU C 338 -0.21 4.82 9.85
CA LEU C 338 -1.38 5.60 9.43
C LEU C 338 -1.61 5.47 7.93
N ALA C 339 -0.57 5.73 7.13
CA ALA C 339 -0.70 5.67 5.67
C ALA C 339 -1.06 4.26 5.20
N SER C 340 -0.43 3.24 5.79
CA SER C 340 -0.58 1.89 5.29
C SER C 340 -1.98 1.35 5.59
N GLN C 341 -2.46 1.55 6.82
CA GLN C 341 -3.84 1.15 7.10
C GLN C 341 -4.85 2.03 6.38
N GLY C 342 -4.50 3.27 6.06
CA GLY C 342 -5.37 4.06 5.18
C GLY C 342 -5.54 3.42 3.82
N GLY C 343 -4.42 3.03 3.20
CA GLY C 343 -4.50 2.33 1.93
CA GLY C 343 -4.50 2.33 1.93
C GLY C 343 -5.21 1.00 2.03
N HIS C 344 -4.99 0.29 3.13
CA HIS C 344 -5.69 -0.97 3.39
C HIS C 344 -7.19 -0.77 3.38
N ILE C 345 -7.67 0.26 4.08
CA ILE C 345 -9.11 0.49 4.16
C ILE C 345 -9.67 0.93 2.82
N LEU C 346 -8.93 1.77 2.09
CA LEU C 346 -9.37 2.14 0.75
C LEU C 346 -9.53 0.91 -0.14
N ALA C 347 -8.53 0.03 -0.12
CA ALA C 347 -8.59 -1.18 -0.93
C ALA C 347 -9.76 -2.07 -0.51
N PHE C 348 -9.98 -2.21 0.79
CA PHE C 348 -11.04 -3.10 1.25
C PHE C 348 -12.43 -2.57 0.88
N TYR C 349 -12.63 -1.26 0.97
CA TYR C 349 -13.91 -0.69 0.52
C TYR C 349 -14.07 -0.93 -0.98
N ASN C 350 -12.99 -0.77 -1.75
CA ASN C 350 -13.08 -0.93 -3.19
C ASN C 350 -13.45 -2.37 -3.57
N LEU C 351 -12.78 -3.36 -2.98
CA LEU C 351 -13.18 -4.74 -3.23
C LEU C 351 -14.59 -5.03 -2.74
N ALA C 352 -15.02 -4.37 -1.65
CA ALA C 352 -16.39 -4.53 -1.19
C ALA C 352 -17.39 -4.03 -2.23
N GLN C 353 -17.11 -2.90 -2.86
CA GLN C 353 -18.02 -2.41 -3.89
C GLN C 353 -17.96 -3.23 -5.18
N MET C 354 -16.80 -3.78 -5.51
CA MET C 354 -16.74 -4.71 -6.64
C MET C 354 -17.61 -5.94 -6.38
N HIS C 355 -17.40 -6.60 -5.22
CA HIS C 355 -18.18 -7.79 -4.89
C HIS C 355 -19.65 -7.47 -4.64
N ALA C 356 -19.97 -6.21 -4.36
CA ALA C 356 -21.32 -5.87 -3.92
C ALA C 356 -22.31 -5.90 -5.07
N SER C 357 -22.12 -5.05 -6.08
CA SER C 357 -23.22 -4.80 -7.01
C SER C 357 -23.34 -5.87 -8.09
N GLY C 358 -22.43 -5.91 -9.05
CA GLY C 358 -22.47 -6.97 -10.03
C GLY C 358 -21.19 -7.39 -10.72
N THR C 359 -20.07 -6.73 -10.41
CA THR C 359 -18.97 -6.63 -11.36
C THR C 359 -17.70 -7.27 -10.83
N GLY C 360 -16.79 -7.57 -11.76
CA GLY C 360 -15.52 -8.19 -11.44
C GLY C 360 -15.67 -9.64 -11.08
N VAL C 361 -16.29 -9.88 -9.92
CA VAL C 361 -16.77 -11.19 -9.51
C VAL C 361 -18.29 -11.10 -9.43
N MET C 362 -18.97 -12.24 -9.60
CA MET C 362 -20.42 -12.27 -9.71
C MET C 362 -21.06 -11.78 -8.40
N ARG C 363 -22.38 -11.57 -8.44
CA ARG C 363 -23.15 -11.10 -7.30
C ARG C 363 -22.93 -12.00 -6.10
N SER C 364 -22.38 -11.43 -5.04
CA SER C 364 -22.01 -12.23 -3.87
C SER C 364 -22.22 -11.37 -2.62
N CYS C 365 -23.40 -11.50 -2.02
CA CYS C 365 -23.71 -10.74 -0.81
C CYS C 365 -22.86 -11.20 0.36
N HIS C 366 -22.82 -12.52 0.58
CA HIS C 366 -22.23 -13.10 1.77
C HIS C 366 -20.72 -12.96 1.82
N THR C 367 -20.07 -12.54 0.74
CA THR C 367 -18.65 -12.19 0.79
C THR C 367 -18.43 -10.70 0.53
N ALA C 368 -19.47 -9.89 0.70
CA ALA C 368 -19.36 -8.45 0.57
C ALA C 368 -19.75 -7.70 1.83
N VAL C 369 -20.78 -8.18 2.53
CA VAL C 369 -21.28 -7.49 3.71
C VAL C 369 -20.23 -7.43 4.82
N GLU C 370 -19.51 -8.52 5.07
CA GLU C 370 -18.49 -8.47 6.12
C GLU C 370 -17.30 -7.59 5.75
N LEU C 371 -16.97 -7.47 4.46
CA LEU C 371 -15.94 -6.50 4.06
C LEU C 371 -16.40 -5.06 4.31
N PHE C 372 -17.65 -4.77 3.97
CA PHE C 372 -18.24 -3.48 4.28
C PHE C 372 -18.23 -3.22 5.77
N LYS C 373 -18.57 -4.24 6.56
CA LYS C 373 -18.60 -4.10 8.00
C LYS C 373 -17.20 -3.85 8.57
N ASN C 374 -16.17 -4.50 8.02
CA ASN C 374 -14.81 -4.19 8.42
C ASN C 374 -14.45 -2.73 8.13
N VAL C 375 -14.85 -2.23 6.95
CA VAL C 375 -14.57 -0.84 6.59
C VAL C 375 -15.28 0.11 7.55
N CYS C 376 -16.56 -0.16 7.84
CA CYS C 376 -17.26 0.70 8.77
C CYS C 376 -16.68 0.57 10.18
N GLU C 377 -16.23 -0.62 10.54
CA GLU C 377 -15.75 -0.87 11.90
C GLU C 377 -14.52 -0.03 12.20
N ARG C 378 -13.58 0.03 11.25
CA ARG C 378 -12.41 0.89 11.50
C ARG C 378 -12.83 2.36 11.62
N GLY C 379 -13.28 2.96 10.51
CA GLY C 379 -13.93 4.26 10.48
C GLY C 379 -13.39 5.37 11.37
N ARG C 380 -14.29 6.11 12.02
CA ARG C 380 -13.91 7.12 13.00
C ARG C 380 -14.59 6.99 14.35
N TRP C 381 -15.73 6.28 14.44
CA TRP C 381 -16.36 6.07 15.73
C TRP C 381 -15.43 5.31 16.67
N SER C 382 -14.55 4.49 16.11
CA SER C 382 -13.70 3.60 16.90
C SER C 382 -12.52 4.36 17.49
N GLU C 383 -12.84 5.41 18.22
CA GLU C 383 -11.91 6.13 19.08
C GLU C 383 -12.34 6.07 20.54
N ARG C 384 -13.62 5.77 20.78
CA ARG C 384 -14.17 5.47 22.09
C ARG C 384 -13.53 4.24 22.74
N LEU C 385 -12.85 3.40 21.96
CA LEU C 385 -12.10 2.27 22.50
C LEU C 385 -11.05 2.70 23.52
N MET C 386 -10.21 3.68 23.17
CA MET C 386 -9.33 4.26 24.19
C MET C 386 -10.09 5.02 25.27
N THR C 387 -11.14 5.77 24.92
CA THR C 387 -11.88 6.46 25.97
C THR C 387 -12.46 5.51 27.01
N ALA C 388 -12.67 4.24 26.65
CA ALA C 388 -13.20 3.26 27.59
C ALA C 388 -12.09 2.45 28.26
N TYR C 389 -11.05 2.10 27.50
CA TYR C 389 -9.92 1.38 28.08
C TYR C 389 -9.17 2.24 29.10
N ASN C 390 -8.98 3.52 28.78
CA ASN C 390 -8.38 4.46 29.73
C ASN C 390 -9.24 4.58 30.97
N SER C 391 -10.56 4.66 30.81
CA SER C 391 -11.45 4.74 31.96
C SER C 391 -11.35 3.49 32.83
N TYR C 392 -11.30 2.32 32.19
CA TYR C 392 -11.18 1.06 32.91
C TYR C 392 -9.86 0.96 33.67
N LYS C 393 -8.76 1.41 33.05
CA LYS C 393 -7.43 1.21 33.61
C LYS C 393 -7.22 1.91 34.96
N ASP C 394 -8.00 2.93 35.28
CA ASP C 394 -7.92 3.56 36.61
C ASP C 394 -9.33 3.49 37.21
N GLY C 395 -9.63 2.34 37.82
CA GLY C 395 -10.95 2.09 38.38
C GLY C 395 -12.03 2.37 37.35
N ASP C 396 -13.07 3.10 37.78
CA ASP C 396 -14.11 3.64 36.90
C ASP C 396 -14.72 2.53 36.04
N TYR C 397 -15.04 1.41 36.70
CA TYR C 397 -15.64 0.28 35.99
C TYR C 397 -17.08 0.54 35.59
N ASN C 398 -17.70 1.60 36.10
CA ASN C 398 -19.09 1.91 35.76
C ASN C 398 -19.22 2.66 34.43
N ALA C 399 -18.13 3.21 33.91
CA ALA C 399 -18.11 3.88 32.61
C ALA C 399 -17.68 2.97 31.47
N ALA C 400 -16.87 1.95 31.76
CA ALA C 400 -16.39 1.05 30.72
C ALA C 400 -17.52 0.29 30.03
N VAL C 401 -18.43 -0.30 30.81
CA VAL C 401 -19.52 -1.06 30.17
C VAL C 401 -20.48 -0.15 29.42
N ILE C 402 -20.56 1.13 29.78
CA ILE C 402 -21.51 2.01 29.13
C ILE C 402 -20.93 2.60 27.85
N GLN C 403 -19.63 2.91 27.85
CA GLN C 403 -19.00 3.32 26.60
C GLN C 403 -18.85 2.13 25.65
N TYR C 404 -18.62 0.92 26.19
CA TYR C 404 -18.48 -0.25 25.34
C TYR C 404 -19.82 -0.71 24.78
N LEU C 405 -20.93 -0.43 25.48
CA LEU C 405 -22.24 -0.87 25.00
C LEU C 405 -22.66 -0.16 23.72
N LEU C 406 -22.32 1.11 23.54
CA LEU C 406 -22.62 1.77 22.27
C LEU C 406 -21.90 1.10 21.11
N LEU C 407 -20.62 0.79 21.30
CA LEU C 407 -19.88 0.15 20.22
C LEU C 407 -20.29 -1.30 20.04
N ALA C 408 -20.85 -1.93 21.08
CA ALA C 408 -21.37 -3.28 20.98
C ALA C 408 -22.80 -3.34 20.47
N GLU C 409 -23.50 -2.19 20.45
CA GLU C 409 -24.74 -2.06 19.70
C GLU C 409 -24.44 -1.76 18.24
N GLN C 410 -23.37 -1.02 17.99
CA GLN C 410 -22.92 -0.78 16.64
C GLN C 410 -22.37 -2.05 16.01
N GLY C 411 -21.79 -2.93 16.82
CA GLY C 411 -21.45 -4.25 16.31
C GLY C 411 -20.00 -4.66 16.46
N TYR C 412 -19.22 -3.88 17.19
CA TYR C 412 -17.80 -4.16 17.31
C TYR C 412 -17.55 -5.44 18.10
N GLU C 413 -16.86 -6.37 17.45
CA GLU C 413 -16.47 -7.65 18.06
C GLU C 413 -15.58 -7.41 19.28
N VAL C 414 -14.61 -6.49 19.15
CA VAL C 414 -13.75 -6.12 20.27
C VAL C 414 -14.58 -5.55 21.41
N ALA C 415 -15.47 -4.61 21.09
CA ALA C 415 -16.32 -4.02 22.11
C ALA C 415 -17.29 -5.03 22.72
N GLN C 416 -17.86 -5.90 21.88
CA GLN C 416 -18.73 -6.96 22.39
C GLN C 416 -18.02 -7.81 23.43
N SER C 417 -16.83 -8.33 23.09
CA SER C 417 -16.10 -9.17 24.02
C SER C 417 -15.62 -8.40 25.24
N ASN C 418 -15.27 -7.11 25.07
CA ASN C 418 -14.77 -6.32 26.18
C ASN C 418 -15.86 -6.02 27.20
N ALA C 419 -17.03 -5.58 26.72
CA ALA C 419 -18.15 -5.33 27.61
C ALA C 419 -18.57 -6.61 28.33
N ALA C 420 -18.62 -7.72 27.59
CA ALA C 420 -18.98 -8.99 28.21
C ALA C 420 -17.97 -9.43 29.26
N PHE C 421 -16.66 -9.22 29.01
CA PHE C 421 -15.66 -9.63 29.99
C PHE C 421 -15.81 -8.82 31.27
N ILE C 422 -16.04 -7.50 31.16
CA ILE C 422 -16.13 -6.75 32.41
C ILE C 422 -17.47 -6.99 33.09
N LEU C 423 -18.49 -7.45 32.36
CA LEU C 423 -19.74 -7.83 33.01
C LEU C 423 -19.60 -9.17 33.73
N ASP C 424 -18.83 -10.11 33.17
CA ASP C 424 -18.73 -11.45 33.73
C ASP C 424 -18.14 -11.45 35.13
N GLN C 425 -17.26 -10.51 35.43
CA GLN C 425 -16.63 -10.42 36.76
C GLN C 425 -17.40 -9.51 37.71
N ARG C 426 -18.68 -9.29 37.44
CA ARG C 426 -19.66 -8.58 38.30
C ARG C 426 -19.08 -7.32 38.95
N GLU C 427 -18.59 -6.40 38.10
CA GLU C 427 -18.22 -5.08 38.58
C GLU C 427 -19.13 -3.97 38.07
N ALA C 428 -20.00 -4.26 37.11
CA ALA C 428 -20.95 -3.26 36.63
C ALA C 428 -21.98 -2.97 37.72
N SER C 429 -22.26 -1.69 37.95
CA SER C 429 -23.09 -1.30 39.08
C SER C 429 -24.54 -1.00 38.71
N ILE C 430 -24.82 -0.65 37.45
CA ILE C 430 -26.20 -0.33 37.08
C ILE C 430 -27.06 -1.59 37.08
N VAL C 431 -26.55 -2.68 36.51
CA VAL C 431 -27.32 -3.90 36.37
C VAL C 431 -27.39 -4.61 37.72
N GLY C 432 -28.53 -5.25 37.97
CA GLY C 432 -28.66 -6.10 39.14
C GLY C 432 -27.76 -7.32 39.05
N GLU C 433 -27.30 -7.77 40.22
CA GLU C 433 -26.38 -8.90 40.27
C GLU C 433 -27.01 -10.21 39.83
N ASN C 434 -28.33 -10.26 39.75
CA ASN C 434 -29.03 -11.41 39.20
C ASN C 434 -29.20 -11.31 37.70
N GLU C 435 -28.81 -10.18 37.11
CA GLU C 435 -28.99 -9.93 35.69
C GLU C 435 -27.67 -9.78 34.96
N THR C 436 -26.56 -9.59 35.68
CA THR C 436 -25.26 -9.46 35.04
C THR C 436 -24.89 -10.71 34.24
N TYR C 437 -25.16 -11.90 34.81
CA TYR C 437 -24.84 -13.13 34.11
C TYR C 437 -25.65 -13.33 32.83
N PRO C 438 -26.98 -13.15 32.79
CA PRO C 438 -27.68 -13.25 31.49
C PRO C 438 -27.20 -12.26 30.44
N ARG C 439 -26.93 -11.02 30.83
CA ARG C 439 -26.43 -10.03 29.87
C ARG C 439 -25.05 -10.39 29.36
N ALA C 440 -24.17 -10.84 30.26
CA ALA C 440 -22.83 -11.25 29.83
C ALA C 440 -22.90 -12.47 28.92
N LEU C 441 -23.81 -13.40 29.22
CA LEU C 441 -24.03 -14.54 28.34
C LEU C 441 -24.50 -14.07 26.96
N LEU C 442 -25.44 -13.12 26.94
CA LEU C 442 -25.93 -12.51 25.71
C LEU C 442 -24.78 -11.95 24.88
N HIS C 443 -23.94 -11.13 25.49
CA HIS C 443 -22.92 -10.43 24.74
C HIS C 443 -21.79 -11.36 24.34
N TRP C 444 -21.51 -12.37 25.16
CA TRP C 444 -20.53 -13.39 24.78
C TRP C 444 -21.05 -14.23 23.61
N ASN C 445 -22.36 -14.52 23.57
CA ASN C 445 -22.94 -15.21 22.43
C ASN C 445 -22.89 -14.35 21.17
N ARG C 446 -23.09 -13.04 21.33
CA ARG C 446 -22.91 -12.13 20.19
C ARG C 446 -21.49 -12.18 19.68
N ALA C 447 -20.51 -12.13 20.58
CA ALA C 447 -19.12 -12.27 20.17
C ALA C 447 -18.85 -13.62 19.51
N ALA C 448 -19.55 -14.67 19.95
CA ALA C 448 -19.45 -15.96 19.30
C ALA C 448 -20.00 -15.92 17.89
N SER C 449 -21.12 -15.22 17.68
CA SER C 449 -21.72 -15.10 16.35
C SER C 449 -20.77 -14.43 15.37
N GLN C 450 -19.84 -13.61 15.86
CA GLN C 450 -18.90 -12.91 15.00
C GLN C 450 -17.60 -13.66 14.86
N GLY C 451 -17.46 -14.82 15.50
CA GLY C 451 -16.30 -15.67 15.33
C GLY C 451 -15.16 -15.44 16.30
N TYR C 452 -15.39 -14.77 17.43
CA TYR C 452 -14.33 -14.56 18.39
C TYR C 452 -14.18 -15.83 19.21
N THR C 453 -12.98 -16.40 19.19
CA THR C 453 -12.75 -17.76 19.69
C THR C 453 -13.06 -17.92 21.17
N VAL C 454 -12.49 -17.05 22.01
CA VAL C 454 -12.58 -17.25 23.46
C VAL C 454 -14.02 -17.12 23.96
N ALA C 455 -14.86 -16.39 23.23
CA ALA C 455 -16.27 -16.28 23.60
C ALA C 455 -16.94 -17.65 23.59
N ARG C 456 -16.50 -18.53 22.69
CA ARG C 456 -17.10 -19.86 22.60
C ARG C 456 -16.80 -20.68 23.84
N ILE C 457 -15.55 -20.66 24.30
CA ILE C 457 -15.20 -21.39 25.52
C ILE C 457 -15.87 -20.76 26.73
N LYS C 458 -15.97 -19.43 26.74
CA LYS C 458 -16.66 -18.76 27.85
C LYS C 458 -18.13 -19.15 27.90
N LEU C 459 -18.79 -19.20 26.73
CA LEU C 459 -20.17 -19.65 26.66
C LEU C 459 -20.31 -21.11 27.08
N GLY C 460 -19.33 -21.95 26.71
CA GLY C 460 -19.36 -23.34 27.12
C GLY C 460 -19.25 -23.50 28.62
N ASP C 461 -18.36 -22.75 29.25
CA ASP C 461 -18.28 -22.76 30.71
C ASP C 461 -19.55 -22.21 31.34
N TYR C 462 -20.15 -21.19 30.70
CA TYR C 462 -21.45 -20.68 31.13
C TYR C 462 -22.50 -21.77 31.17
N HIS C 463 -22.56 -22.60 30.14
CA HIS C 463 -23.49 -23.72 30.17
C HIS C 463 -22.99 -24.86 31.04
N PHE C 464 -21.72 -24.84 31.46
CA PHE C 464 -21.13 -25.95 32.21
C PHE C 464 -21.29 -25.83 33.72
N TYR C 465 -20.76 -24.76 34.32
CA TYR C 465 -20.94 -24.62 35.76
C TYR C 465 -22.30 -24.04 36.11
N GLY C 466 -23.04 -23.57 35.11
CA GLY C 466 -24.37 -23.05 35.34
C GLY C 466 -24.45 -21.58 35.67
N PHE C 467 -23.54 -20.76 35.14
CA PHE C 467 -23.68 -19.31 35.28
C PHE C 467 -24.90 -18.85 34.50
N GLY C 468 -25.85 -18.23 35.19
CA GLY C 468 -27.01 -17.66 34.52
C GLY C 468 -28.01 -18.66 34.02
N THR C 469 -27.59 -19.57 33.14
CA THR C 469 -28.48 -20.58 32.60
C THR C 469 -28.39 -21.86 33.43
N ASP C 470 -29.36 -22.74 33.22
CA ASP C 470 -29.39 -24.01 33.94
C ASP C 470 -28.24 -24.91 33.49
N VAL C 471 -27.73 -25.70 34.42
CA VAL C 471 -26.67 -26.65 34.10
C VAL C 471 -27.16 -27.64 33.07
N ASP C 472 -26.54 -27.60 31.88
CA ASP C 472 -26.91 -28.52 30.80
C ASP C 472 -25.64 -28.85 30.05
N TYR C 473 -25.21 -30.11 30.15
CA TYR C 473 -23.90 -30.50 29.64
C TYR C 473 -23.87 -30.64 28.13
N GLU C 474 -25.01 -30.95 27.53
CA GLU C 474 -25.06 -31.17 26.08
C GLU C 474 -24.73 -29.88 25.34
N THR C 475 -25.30 -28.75 25.79
CA THR C 475 -24.99 -27.45 25.18
C THR C 475 -23.53 -27.09 25.37
N ALA C 476 -23.00 -27.29 26.58
CA ALA C 476 -21.59 -27.02 26.83
C ALA C 476 -20.74 -27.83 25.87
N PHE C 477 -21.11 -29.09 25.65
CA PHE C 477 -20.35 -29.95 24.74
C PHE C 477 -20.38 -29.41 23.31
N ILE C 478 -21.55 -28.92 22.85
CA ILE C 478 -21.59 -28.45 21.46
C ILE C 478 -20.80 -27.15 21.30
N HIS C 479 -20.89 -26.22 22.27
CA HIS C 479 -20.01 -25.05 22.17
C HIS C 479 -18.53 -25.43 22.23
N TYR C 480 -18.16 -26.39 23.09
CA TYR C 480 -16.76 -26.80 23.13
C TYR C 480 -16.32 -27.41 21.81
N ARG C 481 -17.20 -28.19 21.17
CA ARG C 481 -16.86 -28.82 19.89
C ARG C 481 -16.72 -27.79 18.78
N LEU C 482 -17.64 -26.82 18.73
CA LEU C 482 -17.52 -25.75 17.73
C LEU C 482 -16.28 -24.92 17.97
N ALA C 483 -15.87 -24.75 19.23
CA ALA C 483 -14.60 -24.09 19.49
C ALA C 483 -13.42 -24.95 19.09
N SER C 484 -13.58 -26.27 19.15
CA SER C 484 -12.46 -27.18 18.90
C SER C 484 -12.16 -27.31 17.42
N GLU C 485 -13.11 -27.83 16.63
CA GLU C 485 -12.73 -28.13 15.24
C GLU C 485 -12.69 -26.90 14.33
N GLN C 486 -13.19 -25.74 14.75
CA GLN C 486 -13.15 -24.58 13.87
C GLN C 486 -11.95 -23.68 14.10
N GLN C 487 -11.68 -23.30 15.35
CA GLN C 487 -10.57 -22.44 15.69
C GLN C 487 -9.34 -23.20 16.16
N HIS C 488 -9.42 -24.53 16.25
CA HIS C 488 -8.33 -25.39 16.71
C HIS C 488 -7.80 -24.96 18.07
N SER C 489 -8.74 -24.68 18.97
CA SER C 489 -8.41 -24.20 20.32
C SER C 489 -8.28 -25.42 21.24
N ALA C 490 -7.10 -25.59 21.83
CA ALA C 490 -6.88 -26.69 22.76
C ALA C 490 -7.65 -26.55 24.07
N GLN C 491 -8.06 -25.34 24.45
CA GLN C 491 -8.73 -25.15 25.74
C GLN C 491 -10.07 -25.88 25.84
N ALA C 492 -11.06 -25.45 25.04
CA ALA C 492 -12.37 -26.12 25.06
C ALA C 492 -12.28 -27.58 24.65
N MET C 493 -11.27 -27.91 23.84
CA MET C 493 -11.15 -29.27 23.36
C MET C 493 -10.67 -30.16 24.49
N PHE C 494 -9.69 -29.69 25.28
CA PHE C 494 -9.31 -30.36 26.52
C PHE C 494 -10.51 -30.45 27.46
N ASN C 495 -11.32 -29.41 27.51
CA ASN C 495 -12.49 -29.45 28.40
C ASN C 495 -13.44 -30.58 27.99
N LEU C 496 -13.67 -30.74 26.69
CA LEU C 496 -14.54 -31.83 26.23
C LEU C 496 -13.85 -33.19 26.36
N GLY C 497 -12.51 -33.21 26.28
CA GLY C 497 -11.78 -34.42 26.60
C GLY C 497 -12.01 -34.86 28.03
N TYR C 498 -12.01 -33.90 28.96
CA TYR C 498 -12.39 -34.20 30.34
C TYR C 498 -13.85 -34.67 30.41
N MET C 499 -14.73 -34.06 29.61
CA MET C 499 -16.11 -34.54 29.51
C MET C 499 -16.18 -36.03 29.20
N HIS C 500 -15.43 -36.49 28.20
CA HIS C 500 -15.42 -37.92 27.98
C HIS C 500 -14.73 -38.64 29.13
N GLU C 501 -13.74 -38.00 29.75
CA GLU C 501 -12.91 -38.68 30.75
C GLU C 501 -13.75 -39.08 31.97
N LYS C 502 -14.63 -38.18 32.43
CA LYS C 502 -15.45 -38.50 33.60
C LYS C 502 -16.83 -39.05 33.26
N GLY C 503 -17.37 -38.69 32.10
CA GLY C 503 -18.57 -39.31 31.58
C GLY C 503 -19.83 -38.51 31.77
N LEU C 504 -19.75 -37.18 31.76
CA LEU C 504 -20.94 -36.34 31.89
C LEU C 504 -21.69 -36.26 30.57
N GLY C 505 -23.02 -36.25 30.65
CA GLY C 505 -23.86 -36.08 29.48
C GLY C 505 -23.94 -37.29 28.58
N ILE C 506 -22.79 -37.80 28.13
CA ILE C 506 -22.74 -38.89 27.17
C ILE C 506 -22.07 -40.10 27.81
N LYS C 507 -21.93 -41.18 27.05
CA LYS C 507 -21.40 -42.43 27.58
C LYS C 507 -19.95 -42.29 28.01
N GLN C 508 -19.51 -43.22 28.86
CA GLN C 508 -18.20 -43.18 29.47
C GLN C 508 -17.28 -44.22 28.82
N ASP C 509 -16.11 -43.76 28.36
CA ASP C 509 -15.04 -44.64 27.92
C ASP C 509 -13.70 -43.91 28.11
N ILE C 510 -12.64 -44.48 27.56
CA ILE C 510 -11.27 -44.05 27.82
C ILE C 510 -10.55 -43.63 26.53
N HIS C 511 -10.57 -44.50 25.51
CA HIS C 511 -9.72 -44.34 24.33
C HIS C 511 -9.98 -43.04 23.57
N LEU C 512 -11.26 -42.62 23.48
CA LEU C 512 -11.57 -41.34 22.85
C LEU C 512 -10.78 -40.20 23.50
N ALA C 513 -11.04 -39.97 24.79
CA ALA C 513 -10.38 -38.90 25.54
C ALA C 513 -8.87 -39.02 25.47
N LYS C 514 -8.37 -40.25 25.43
CA LYS C 514 -6.93 -40.51 25.26
C LYS C 514 -6.42 -39.92 23.94
N ARG C 515 -7.15 -40.15 22.85
CA ARG C 515 -6.63 -39.66 21.57
C ARG C 515 -6.80 -38.15 21.42
N PHE C 516 -7.88 -37.57 21.95
CA PHE C 516 -7.94 -36.10 21.92
C PHE C 516 -6.90 -35.47 22.85
N TYR C 517 -6.54 -36.13 23.96
CA TYR C 517 -5.42 -35.63 24.76
C TYR C 517 -4.12 -35.66 23.95
N ASP C 518 -3.89 -36.72 23.18
CA ASP C 518 -2.70 -36.78 22.33
C ASP C 518 -2.70 -35.65 21.30
N MET C 519 -3.87 -35.39 20.71
CA MET C 519 -3.92 -34.38 19.67
C MET C 519 -3.79 -33.00 20.29
N ALA C 520 -4.24 -32.84 21.55
CA ALA C 520 -3.94 -31.63 22.30
C ALA C 520 -2.44 -31.49 22.56
N ALA C 521 -1.76 -32.61 22.77
CA ALA C 521 -0.32 -32.57 22.99
C ALA C 521 0.39 -32.00 21.78
N GLU C 522 0.10 -32.53 20.59
CA GLU C 522 0.81 -31.95 19.44
C GLU C 522 0.08 -30.75 18.81
N ALA C 523 -1.10 -30.38 19.31
CA ALA C 523 -1.83 -29.25 18.75
C ALA C 523 -1.21 -27.90 19.11
N SER C 524 -0.80 -27.74 20.37
CA SER C 524 -0.19 -26.49 20.81
C SER C 524 1.10 -26.79 21.56
N PRO C 525 2.14 -25.98 21.36
CA PRO C 525 3.42 -26.28 22.03
C PRO C 525 3.35 -26.15 23.54
N ASP C 526 2.51 -25.26 24.07
CA ASP C 526 2.45 -25.07 25.51
C ASP C 526 1.59 -26.11 26.22
N ALA C 527 0.91 -26.98 25.49
CA ALA C 527 0.05 -28.00 26.07
C ALA C 527 0.81 -29.28 26.43
N GLN C 528 2.12 -29.21 26.60
CA GLN C 528 2.89 -30.42 26.86
C GLN C 528 2.62 -30.96 28.26
N VAL C 529 2.60 -30.08 29.26
CA VAL C 529 2.47 -30.52 30.65
C VAL C 529 1.05 -30.89 31.11
N PRO C 530 -0.04 -30.16 30.76
CA PRO C 530 -1.33 -30.58 31.34
C PRO C 530 -1.84 -31.94 30.86
N VAL C 531 -1.67 -32.23 29.56
CA VAL C 531 -2.09 -33.52 29.04
C VAL C 531 -1.27 -34.64 29.65
N PHE C 532 0.01 -34.37 29.91
CA PHE C 532 0.87 -35.36 30.53
C PHE C 532 0.33 -35.71 31.90
N LEU C 533 0.00 -34.68 32.68
CA LEU C 533 -0.59 -34.94 33.99
C LEU C 533 -1.91 -35.67 33.84
N ALA C 534 -2.73 -35.20 32.90
CA ALA C 534 -4.02 -35.83 32.67
C ALA C 534 -3.84 -37.28 32.23
N LEU C 535 -2.87 -37.51 31.33
CA LEU C 535 -2.65 -38.87 30.88
C LEU C 535 -2.11 -39.73 32.01
N CYS C 536 -1.26 -39.15 32.87
CA CYS C 536 -0.80 -39.89 34.03
C CYS C 536 -1.97 -40.26 34.92
N LYS C 537 -2.86 -39.30 35.16
CA LYS C 537 -4.03 -39.60 35.98
C LYS C 537 -4.88 -40.66 35.30
N LEU C 538 -5.06 -40.52 33.97
CA LEU C 538 -5.87 -41.49 33.25
C LEU C 538 -5.23 -42.87 33.32
N GLY C 539 -3.90 -42.93 33.15
CA GLY C 539 -3.22 -44.20 33.27
C GLY C 539 -3.31 -44.78 34.67
N VAL C 540 -3.23 -43.91 35.67
CA VAL C 540 -3.38 -44.37 37.04
C VAL C 540 -4.76 -44.96 37.23
N VAL C 541 -5.79 -44.27 36.72
CA VAL C 541 -7.14 -44.78 36.86
C VAL C 541 -7.26 -46.10 36.12
N TYR C 542 -6.69 -46.17 34.93
CA TYR C 542 -6.78 -47.41 34.15
C TYR C 542 -6.08 -48.53 34.89
N PHE C 543 -4.91 -48.25 35.45
CA PHE C 543 -4.19 -49.28 36.17
C PHE C 543 -4.94 -49.71 37.43
N LEU C 544 -5.56 -48.75 38.14
CA LEU C 544 -6.35 -49.16 39.31
C LEU C 544 -7.49 -50.06 38.87
N GLN C 545 -8.15 -49.69 37.76
CA GLN C 545 -9.23 -50.54 37.26
C GLN C 545 -8.66 -51.88 36.82
N TYR C 546 -7.47 -51.85 36.21
CA TYR C 546 -6.83 -53.10 35.79
C TYR C 546 -6.53 -53.92 37.03
N ILE C 547 -6.07 -53.27 38.09
CA ILE C 547 -5.84 -53.97 39.35
C ILE C 547 -7.16 -54.49 39.90
N ARG C 548 -8.22 -53.67 39.82
CA ARG C 548 -9.54 -54.09 40.28
C ARG C 548 -10.15 -55.20 39.41
N GLU C 549 -9.70 -55.34 38.17
CA GLU C 549 -10.23 -56.38 37.30
C GLU C 549 -9.64 -57.75 37.66
N ALA D 1 2.10 -42.02 -37.47
CA ALA D 1 3.33 -41.33 -37.10
C ALA D 1 3.05 -39.88 -36.73
N LYS D 2 1.89 -39.37 -37.19
CA LYS D 2 1.50 -38.01 -36.86
C LYS D 2 1.25 -37.85 -35.36
N ARG D 3 0.61 -38.85 -34.75
CA ARG D 3 0.36 -38.80 -33.31
C ARG D 3 1.67 -38.87 -32.52
N ARG D 4 2.60 -39.73 -32.95
CA ARG D 4 3.89 -39.82 -32.29
C ARG D 4 4.69 -38.53 -32.45
N GLN D 5 4.65 -37.95 -33.65
CA GLN D 5 5.34 -36.67 -33.87
C GLN D 5 4.75 -35.57 -33.00
N MET D 6 3.42 -35.53 -32.89
CA MET D 6 2.75 -34.55 -32.05
C MET D 6 3.13 -34.74 -30.59
N GLN D 7 3.16 -36.00 -30.12
CA GLN D 7 3.55 -36.27 -28.74
C GLN D 7 4.99 -35.86 -28.46
N GLU D 8 5.91 -36.15 -29.39
CA GLU D 8 7.30 -35.73 -29.21
C GLU D 8 7.42 -34.21 -29.20
N ALA D 9 6.69 -33.53 -30.09
CA ALA D 9 6.71 -32.07 -30.11
C ALA D 9 6.15 -31.50 -28.80
N GLU D 10 5.07 -32.09 -28.30
CA GLU D 10 4.49 -31.66 -27.04
C GLU D 10 5.48 -31.86 -25.88
N MET D 11 6.17 -33.00 -25.84
CA MET D 11 7.16 -33.23 -24.79
C MET D 11 8.30 -32.23 -24.86
N MET D 12 8.79 -31.94 -26.07
CA MET D 12 9.90 -31.00 -26.20
C MET D 12 9.46 -29.59 -25.81
N TYR D 13 8.27 -29.17 -26.24
CA TYR D 13 7.81 -27.84 -25.91
C TYR D 13 7.51 -27.72 -24.42
N GLN D 14 7.00 -28.80 -23.81
CA GLN D 14 6.70 -28.78 -22.39
C GLN D 14 7.99 -28.63 -21.60
N THR D 15 9.04 -29.34 -22.03
CA THR D 15 10.34 -29.23 -21.37
C THR D 15 10.91 -27.83 -21.51
N GLY D 16 10.80 -27.24 -22.71
CA GLY D 16 11.26 -25.88 -22.88
C GLY D 16 10.49 -24.87 -22.05
N MET D 17 9.16 -25.04 -21.99
CA MET D 17 8.33 -24.15 -21.19
C MET D 17 8.66 -24.28 -19.71
N LYS D 18 8.90 -25.51 -19.24
CA LYS D 18 9.30 -25.72 -17.86
C LYS D 18 10.64 -25.08 -17.56
N ILE D 19 11.59 -25.19 -18.49
CA ILE D 19 12.89 -24.56 -18.32
C ILE D 19 12.74 -23.04 -18.24
N LEU D 20 11.90 -22.46 -19.10
CA LEU D 20 11.64 -21.03 -19.08
C LEU D 20 10.98 -20.60 -17.78
N ASN D 21 10.01 -21.38 -17.30
CA ASN D 21 9.29 -21.04 -16.08
C ASN D 21 10.18 -21.13 -14.85
N GLY D 22 11.07 -22.13 -14.81
CA GLY D 22 11.91 -22.35 -13.66
C GLY D 22 13.27 -21.70 -13.69
N SER D 23 13.73 -21.23 -14.85
CA SER D 23 15.04 -20.62 -14.97
C SER D 23 14.91 -19.28 -15.69
N ASN D 24 15.54 -18.25 -15.13
CA ASN D 24 15.53 -16.91 -15.70
C ASN D 24 16.87 -16.55 -16.35
N LYS D 25 17.78 -17.51 -16.49
CA LYS D 25 19.07 -17.23 -17.09
C LYS D 25 18.92 -16.94 -18.58
N LYS D 26 19.73 -16.00 -19.08
CA LYS D 26 19.70 -15.66 -20.50
C LYS D 26 20.10 -16.85 -21.37
N SER D 27 21.13 -17.59 -20.97
CA SER D 27 21.51 -18.79 -21.71
C SER D 27 20.42 -19.86 -21.62
N GLN D 28 19.82 -20.00 -20.44
CA GLN D 28 18.71 -20.93 -20.28
C GLN D 28 17.52 -20.52 -21.15
N LYS D 29 17.23 -19.22 -21.19
CA LYS D 29 16.16 -18.72 -22.05
C LYS D 29 16.46 -19.00 -23.51
N ARG D 30 17.72 -18.81 -23.93
CA ARG D 30 18.09 -19.08 -25.32
C ARG D 30 17.97 -20.55 -25.66
N GLU D 31 18.39 -21.43 -24.74
CA GLU D 31 18.27 -22.86 -24.97
C GLU D 31 16.81 -23.27 -25.05
N ALA D 32 15.98 -22.75 -24.15
CA ALA D 32 14.55 -23.01 -24.21
C ALA D 32 13.94 -22.50 -25.51
N TYR D 33 14.38 -21.34 -25.98
CA TYR D 33 13.89 -20.82 -27.26
C TYR D 33 14.30 -21.73 -28.42
N ARG D 34 15.51 -22.27 -28.38
CA ARG D 34 15.91 -23.25 -29.40
C ARG D 34 15.04 -24.50 -29.35
N TYR D 35 14.72 -24.96 -28.14
CA TYR D 35 13.82 -26.11 -27.99
C TYR D 35 12.43 -25.80 -28.54
N LEU D 36 11.90 -24.61 -28.23
CA LEU D 36 10.62 -24.21 -28.78
C LEU D 36 10.68 -24.06 -30.30
N GLN D 37 11.84 -23.68 -30.83
CA GLN D 37 12.02 -23.64 -32.28
C GLN D 37 11.94 -25.04 -32.88
N LYS D 38 12.58 -26.01 -32.21
CA LYS D 38 12.44 -27.41 -32.61
C LYS D 38 10.98 -27.85 -32.58
N ALA D 39 10.24 -27.41 -31.56
CA ALA D 39 8.83 -27.78 -31.45
C ALA D 39 8.00 -27.12 -32.56
N ALA D 40 8.34 -25.88 -32.93
CA ALA D 40 7.64 -25.20 -34.00
C ALA D 40 7.99 -25.75 -35.37
N SER D 41 9.13 -26.45 -35.48
CA SER D 41 9.47 -27.11 -36.73
C SER D 41 8.42 -28.14 -37.14
N MET D 42 7.80 -28.81 -36.17
CA MET D 42 6.76 -29.81 -36.44
C MET D 42 5.35 -29.29 -36.12
N ASN D 43 5.17 -27.96 -36.23
CA ASN D 43 3.86 -27.30 -36.14
C ASN D 43 3.15 -27.60 -34.82
N HIS D 44 3.76 -27.20 -33.72
CA HIS D 44 3.08 -27.14 -32.43
C HIS D 44 2.62 -25.70 -32.20
N THR D 45 1.30 -25.48 -32.34
CA THR D 45 0.78 -24.12 -32.44
C THR D 45 1.10 -23.28 -31.21
N LYS D 46 1.04 -23.89 -30.02
CA LYS D 46 1.44 -23.17 -28.81
C LYS D 46 2.90 -22.74 -28.91
N ALA D 47 3.78 -23.67 -29.27
CA ALA D 47 5.18 -23.33 -29.51
C ALA D 47 5.33 -22.39 -30.69
N LEU D 48 4.46 -22.51 -31.69
CA LEU D 48 4.51 -21.63 -32.86
C LEU D 48 4.35 -20.17 -32.45
N GLU D 49 3.34 -19.86 -31.65
CA GLU D 49 3.18 -18.51 -31.12
C GLU D 49 4.35 -18.13 -30.20
N ARG D 50 4.73 -19.04 -29.30
CA ARG D 50 5.77 -18.73 -28.31
C ARG D 50 7.13 -18.48 -28.95
N VAL D 51 7.33 -18.89 -30.20
CA VAL D 51 8.57 -18.60 -30.90
C VAL D 51 8.39 -17.51 -31.96
N SER D 52 7.17 -17.29 -32.47
CA SER D 52 6.95 -16.21 -33.42
C SER D 52 7.01 -14.86 -32.72
N TYR D 53 6.45 -14.77 -31.51
CA TYR D 53 6.55 -13.54 -30.73
C TYR D 53 7.93 -13.33 -30.13
N ALA D 54 8.89 -14.15 -30.51
CA ALA D 54 10.27 -13.97 -30.10
C ALA D 54 11.22 -13.87 -31.26
N LEU D 55 10.83 -14.33 -32.45
CA LEU D 55 11.65 -14.20 -33.64
C LEU D 55 11.22 -13.03 -34.49
N LEU D 56 10.09 -12.39 -34.15
CA LEU D 56 9.67 -11.12 -34.73
C LEU D 56 10.07 -9.95 -33.85
N PHE D 57 9.86 -10.07 -32.54
CA PHE D 57 10.26 -9.02 -31.62
C PHE D 57 11.74 -9.12 -31.27
N GLY D 58 12.38 -10.26 -31.52
CA GLY D 58 13.80 -10.41 -31.28
C GLY D 58 14.24 -10.28 -29.84
N ASP D 59 13.39 -10.68 -28.89
CA ASP D 59 13.77 -10.55 -27.47
C ASP D 59 14.64 -11.69 -26.96
N TYR D 60 14.39 -12.93 -27.39
CA TYR D 60 15.26 -14.02 -26.97
C TYR D 60 15.94 -14.76 -28.11
N LEU D 61 15.61 -14.44 -29.34
CA LEU D 61 16.15 -15.09 -30.53
C LEU D 61 16.67 -13.98 -31.43
N PRO D 62 17.60 -14.29 -32.34
CA PRO D 62 17.88 -13.33 -33.41
C PRO D 62 16.64 -13.01 -34.23
N GLN D 63 16.48 -11.72 -34.52
CA GLN D 63 15.28 -11.19 -35.12
C GLN D 63 15.25 -11.42 -36.63
N ASN D 64 14.07 -11.75 -37.14
CA ASN D 64 13.86 -11.97 -38.57
C ASN D 64 12.38 -11.82 -38.81
N ILE D 65 11.99 -10.75 -39.52
CA ILE D 65 10.58 -10.44 -39.76
C ILE D 65 9.99 -11.45 -40.73
N GLN D 66 10.78 -11.87 -41.71
CA GLN D 66 10.26 -12.63 -42.84
C GLN D 66 9.77 -14.01 -42.42
N ALA D 67 10.59 -14.73 -41.63
CA ALA D 67 10.18 -16.04 -41.16
C ALA D 67 8.94 -15.93 -40.27
N ALA D 68 8.92 -14.90 -39.42
CA ALA D 68 7.76 -14.64 -38.58
C ALA D 68 6.50 -14.47 -39.41
N ARG D 69 6.58 -13.71 -40.50
CA ARG D 69 5.42 -13.54 -41.36
C ARG D 69 4.99 -14.87 -41.99
N GLU D 70 5.94 -15.57 -42.64
CA GLU D 70 5.57 -16.80 -43.38
C GLU D 70 4.92 -17.83 -42.45
N MET D 71 5.35 -17.91 -41.19
CA MET D 71 4.63 -18.76 -40.24
C MET D 71 3.39 -18.11 -39.64
N PHE D 72 3.25 -16.79 -39.76
CA PHE D 72 2.02 -16.14 -39.31
C PHE D 72 0.81 -16.47 -40.19
N GLU D 73 0.97 -16.50 -41.53
CA GLU D 73 -0.17 -16.99 -42.35
C GLU D 73 -0.68 -18.34 -41.87
N LYS D 74 0.20 -19.26 -41.50
CA LYS D 74 -0.30 -20.55 -41.09
C LYS D 74 -0.93 -20.50 -39.69
N LEU D 75 -0.33 -19.73 -38.76
CA LEU D 75 -0.95 -19.54 -37.46
C LEU D 75 -2.34 -18.91 -37.59
N THR D 76 -2.60 -18.17 -38.66
CA THR D 76 -3.93 -17.60 -38.85
C THR D 76 -4.89 -18.54 -39.58
N GLU D 77 -4.44 -19.24 -40.63
CA GLU D 77 -5.38 -20.12 -41.33
C GLU D 77 -5.81 -21.27 -40.44
N GLU D 78 -4.95 -21.70 -39.50
CA GLU D 78 -5.43 -22.62 -38.47
C GLU D 78 -6.44 -21.93 -37.57
N GLY D 79 -6.22 -20.65 -37.26
CA GLY D 79 -7.22 -19.88 -36.54
C GLY D 79 -6.82 -19.43 -35.15
N SER D 80 -5.53 -19.22 -34.92
CA SER D 80 -5.10 -18.84 -33.58
C SER D 80 -5.54 -17.41 -33.25
N PRO D 81 -5.83 -17.13 -31.98
CA PRO D 81 -6.12 -15.75 -31.59
C PRO D 81 -4.90 -14.89 -31.41
N LYS D 82 -3.71 -15.49 -31.31
CA LYS D 82 -2.49 -14.76 -31.09
C LYS D 82 -1.62 -14.69 -32.35
N GLY D 83 -2.14 -15.16 -33.48
CA GLY D 83 -1.47 -14.98 -34.74
C GLY D 83 -2.20 -13.95 -35.56
N GLN D 84 -3.49 -13.77 -35.27
CA GLN D 84 -4.24 -12.72 -35.91
C GLN D 84 -3.88 -11.36 -35.35
N THR D 85 -3.59 -11.28 -34.05
CA THR D 85 -3.21 -10.01 -33.45
C THR D 85 -1.91 -9.52 -34.07
N ALA D 86 -0.90 -10.38 -34.10
CA ALA D 86 0.39 -9.96 -34.65
C ALA D 86 0.35 -9.75 -36.15
N LEU D 87 -0.45 -10.52 -36.90
CA LEU D 87 -0.61 -10.22 -38.31
C LEU D 87 -1.27 -8.87 -38.52
N GLY D 88 -2.28 -8.55 -37.71
CA GLY D 88 -2.85 -7.21 -37.76
C GLY D 88 -1.86 -6.12 -37.44
N PHE D 89 -0.99 -6.37 -36.46
CA PHE D 89 0.06 -5.40 -36.14
C PHE D 89 1.00 -5.20 -37.32
N LEU D 90 1.43 -6.29 -37.97
CA LEU D 90 2.29 -6.17 -39.13
C LEU D 90 1.61 -5.37 -40.24
N TYR D 91 0.34 -5.65 -40.51
CA TYR D 91 -0.35 -4.93 -41.56
C TYR D 91 -0.61 -3.47 -41.19
N ALA D 92 -0.75 -3.17 -39.89
CA ALA D 92 -0.97 -1.80 -39.47
C ALA D 92 0.31 -0.97 -39.58
N SER D 93 1.44 -1.54 -39.17
CA SER D 93 2.67 -0.77 -39.14
C SER D 93 3.55 -0.98 -40.37
N GLY D 94 3.02 -1.61 -41.41
CA GLY D 94 3.77 -1.78 -42.66
C GLY D 94 5.08 -2.51 -42.49
N LEU D 95 5.19 -3.36 -41.48
CA LEU D 95 6.44 -3.98 -41.06
C LEU D 95 6.71 -5.22 -41.90
N GLY D 96 7.56 -5.09 -42.92
CA GLY D 96 7.87 -6.23 -43.77
C GLY D 96 6.70 -6.74 -44.58
N VAL D 97 5.62 -5.96 -44.63
CA VAL D 97 4.42 -6.32 -45.37
C VAL D 97 3.77 -5.03 -45.85
N ASN D 98 3.20 -5.08 -47.05
CA ASN D 98 2.37 -4.00 -47.62
C ASN D 98 1.44 -3.41 -46.57
N SER D 99 1.58 -2.12 -46.33
CA SER D 99 0.77 -1.45 -45.31
C SER D 99 -0.67 -1.30 -45.77
N SER D 100 -1.60 -1.44 -44.82
CA SER D 100 -3.03 -1.25 -45.06
C SER D 100 -3.73 -1.16 -43.72
N GLN D 101 -4.78 -0.35 -43.66
CA GLN D 101 -5.49 -0.16 -42.41
C GLN D 101 -6.72 -1.03 -42.28
N ALA D 102 -7.42 -1.29 -43.39
CA ALA D 102 -8.61 -2.14 -43.35
C ALA D 102 -8.26 -3.57 -42.94
N LYS D 103 -7.17 -4.09 -43.50
CA LYS D 103 -6.70 -5.43 -43.13
C LYS D 103 -6.30 -5.45 -41.65
N ALA D 104 -5.65 -4.39 -41.18
CA ALA D 104 -5.30 -4.31 -39.78
C ALA D 104 -6.54 -4.35 -38.90
N LEU D 105 -7.58 -3.61 -39.29
CA LEU D 105 -8.81 -3.61 -38.49
C LEU D 105 -9.48 -4.97 -38.48
N VAL D 106 -9.58 -5.62 -39.64
CA VAL D 106 -10.27 -6.90 -39.67
C VAL D 106 -9.50 -7.96 -38.90
N TYR D 107 -8.17 -7.94 -38.98
CA TYR D 107 -7.36 -8.86 -38.19
C TYR D 107 -7.49 -8.59 -36.71
N TYR D 108 -7.53 -7.32 -36.32
CA TYR D 108 -7.67 -6.99 -34.90
C TYR D 108 -9.03 -7.44 -34.38
N THR D 109 -10.09 -7.26 -35.19
CA THR D 109 -11.41 -7.73 -34.76
C THR D 109 -11.44 -9.24 -34.64
N PHE D 110 -10.84 -9.95 -35.59
CA PHE D 110 -10.87 -11.42 -35.52
C PHE D 110 -9.90 -11.96 -34.50
N GLY D 111 -9.03 -11.13 -33.96
CA GLY D 111 -8.28 -11.46 -32.78
C GLY D 111 -9.15 -11.23 -31.55
N ALA D 112 -10.01 -10.20 -31.61
CA ALA D 112 -10.94 -9.96 -30.52
C ALA D 112 -11.97 -11.08 -30.36
N LEU D 113 -12.46 -11.65 -31.47
CA LEU D 113 -13.43 -12.74 -31.33
C LEU D 113 -12.79 -14.00 -30.77
N GLY D 114 -11.54 -14.28 -31.14
CA GLY D 114 -10.86 -15.45 -30.60
C GLY D 114 -10.48 -15.35 -29.13
N GLY D 115 -10.94 -14.32 -28.44
CA GLY D 115 -10.66 -14.18 -27.02
C GLY D 115 -9.33 -13.55 -26.68
N ASN D 116 -8.61 -12.98 -27.64
CA ASN D 116 -7.34 -12.36 -27.31
C ASN D 116 -7.58 -11.10 -26.49
N LEU D 117 -6.56 -10.71 -25.74
CA LEU D 117 -6.61 -9.53 -24.89
C LEU D 117 -5.97 -8.32 -25.56
N ILE D 118 -4.83 -8.51 -26.19
CA ILE D 118 -4.12 -7.40 -26.81
C ILE D 118 -4.93 -6.84 -27.97
N ALA D 119 -5.62 -7.71 -28.72
CA ALA D 119 -6.52 -7.22 -29.75
C ALA D 119 -7.64 -6.40 -29.16
N HIS D 120 -8.12 -6.78 -27.98
CA HIS D 120 -9.18 -6.01 -27.31
C HIS D 120 -8.66 -4.66 -26.84
N MET D 121 -7.45 -4.62 -26.27
CA MET D 121 -6.86 -3.34 -25.87
C MET D 121 -6.62 -2.45 -27.08
N VAL D 122 -6.09 -3.01 -28.16
CA VAL D 122 -5.82 -2.26 -29.38
C VAL D 122 -7.11 -1.70 -29.97
N LEU D 123 -8.14 -2.54 -30.07
CA LEU D 123 -9.40 -2.09 -30.63
C LEU D 123 -10.06 -1.05 -29.73
N GLY D 124 -9.94 -1.21 -28.42
CA GLY D 124 -10.46 -0.20 -27.52
C GLY D 124 -9.79 1.14 -27.73
N TYR D 125 -8.46 1.15 -27.80
CA TYR D 125 -7.75 2.40 -27.99
C TYR D 125 -8.08 3.02 -29.34
N ARG D 126 -8.11 2.21 -30.40
CA ARG D 126 -8.36 2.75 -31.72
C ARG D 126 -9.81 3.17 -31.90
N TYR D 127 -10.71 2.67 -31.07
CA TYR D 127 -12.06 3.24 -31.00
C TYR D 127 -12.12 4.46 -30.10
N TRP D 128 -11.10 4.65 -29.25
CA TRP D 128 -11.13 5.74 -28.28
C TRP D 128 -10.44 6.98 -28.81
N ALA D 129 -9.38 6.84 -29.59
CA ALA D 129 -8.71 7.95 -30.22
C ALA D 129 -9.19 8.21 -31.63
N GLY D 130 -10.14 7.41 -32.12
CA GLY D 130 -10.68 7.61 -33.46
C GLY D 130 -9.70 7.35 -34.59
N ILE D 131 -8.86 6.34 -34.45
CA ILE D 131 -7.90 5.95 -35.48
C ILE D 131 -8.50 4.81 -36.29
N GLY D 132 -8.51 4.95 -37.61
CA GLY D 132 -8.98 3.89 -38.49
C GLY D 132 -10.45 3.57 -38.46
N VAL D 133 -11.17 4.06 -37.45
CA VAL D 133 -12.59 3.82 -37.28
C VAL D 133 -13.26 5.13 -36.88
N LEU D 134 -14.56 5.08 -36.64
CA LEU D 134 -15.28 6.24 -36.11
C LEU D 134 -15.04 6.37 -34.62
N GLN D 135 -14.65 7.55 -34.18
CA GLN D 135 -14.48 7.81 -32.75
C GLN D 135 -15.80 7.58 -32.04
N SER D 136 -15.75 6.90 -30.89
CA SER D 136 -16.98 6.48 -30.25
C SER D 136 -16.76 6.31 -28.75
N CYS D 137 -17.86 6.41 -28.00
CA CYS D 137 -17.87 5.97 -26.61
C CYS D 137 -18.04 4.46 -26.52
N GLU D 138 -19.17 3.96 -27.07
CA GLU D 138 -19.67 2.63 -26.73
C GLU D 138 -18.71 1.53 -27.15
N SER D 139 -18.16 1.62 -28.36
CA SER D 139 -17.28 0.57 -28.85
C SER D 139 -15.99 0.52 -28.04
N ALA D 140 -15.37 1.67 -27.83
CA ALA D 140 -14.20 1.73 -26.96
C ALA D 140 -14.57 1.35 -25.54
N LEU D 141 -15.78 1.69 -25.10
CA LEU D 141 -16.25 1.29 -23.78
C LEU D 141 -16.21 -0.22 -23.61
N THR D 142 -16.80 -0.96 -24.57
CA THR D 142 -16.86 -2.42 -24.45
C THR D 142 -15.48 -3.05 -24.60
N HIS D 143 -14.73 -2.66 -25.63
CA HIS D 143 -13.43 -3.26 -25.86
C HIS D 143 -12.39 -2.83 -24.84
N TYR D 144 -12.69 -1.83 -24.02
CA TYR D 144 -11.83 -1.53 -22.88
C TYR D 144 -12.28 -2.25 -21.63
N ARG D 145 -13.59 -2.34 -21.40
CA ARG D 145 -14.10 -3.06 -20.22
C ARG D 145 -13.77 -4.54 -20.28
N LEU D 146 -13.72 -5.13 -21.49
CA LEU D 146 -13.44 -6.56 -21.57
C LEU D 146 -12.01 -6.88 -21.12
N VAL D 147 -11.11 -5.90 -21.19
CA VAL D 147 -9.75 -6.09 -20.67
C VAL D 147 -9.69 -5.57 -19.25
N ALA D 148 -10.53 -4.58 -18.91
CA ALA D 148 -10.57 -4.06 -17.56
C ALA D 148 -11.00 -5.14 -16.57
N ASN D 149 -12.02 -5.92 -16.95
CA ASN D 149 -12.46 -7.03 -16.11
C ASN D 149 -11.31 -7.99 -15.84
N HIS D 150 -10.60 -8.41 -16.88
CA HIS D 150 -9.50 -9.35 -16.73
C HIS D 150 -8.39 -8.77 -15.87
N VAL D 151 -8.01 -7.50 -16.12
CA VAL D 151 -6.88 -6.94 -15.40
C VAL D 151 -7.24 -6.70 -13.93
N ALA D 152 -8.47 -6.27 -13.65
CA ALA D 152 -8.86 -6.11 -12.25
C ALA D 152 -8.93 -7.47 -11.56
N SER D 153 -9.43 -8.49 -12.27
CA SER D 153 -9.49 -9.83 -11.72
C SER D 153 -8.11 -10.39 -11.41
N ASP D 154 -7.13 -10.19 -12.30
CA ASP D 154 -5.80 -10.72 -12.00
C ASP D 154 -5.09 -9.88 -10.95
N ILE D 155 -5.37 -8.58 -10.89
CA ILE D 155 -4.74 -7.74 -9.87
C ILE D 155 -5.30 -8.04 -8.49
N SER D 156 -6.60 -8.35 -8.40
CA SER D 156 -7.18 -8.72 -7.12
C SER D 156 -6.62 -10.01 -6.55
N LEU D 157 -5.91 -10.81 -7.35
CA LEU D 157 -5.22 -12.00 -6.86
C LEU D 157 -3.73 -11.76 -6.68
N THR D 158 -3.04 -11.39 -7.75
CA THR D 158 -1.58 -11.33 -7.75
C THR D 158 -1.03 -9.93 -7.47
N GLY D 159 -1.83 -8.89 -7.61
CA GLY D 159 -1.41 -7.54 -7.30
C GLY D 159 -0.95 -6.72 -8.49
N GLY D 160 -0.70 -7.36 -9.64
CA GLY D 160 -0.34 -6.61 -10.83
C GLY D 160 1.03 -5.96 -10.78
N SER D 161 2.08 -6.78 -10.91
CA SER D 161 3.49 -6.36 -10.76
C SER D 161 3.77 -5.01 -11.41
N VAL D 162 4.50 -4.16 -10.67
CA VAL D 162 4.66 -2.77 -11.05
C VAL D 162 5.55 -2.64 -12.29
N VAL D 163 5.35 -1.54 -13.01
CA VAL D 163 6.19 -1.16 -14.14
C VAL D 163 6.28 0.37 -14.11
N GLN D 164 7.49 0.90 -14.26
CA GLN D 164 7.70 2.33 -14.34
C GLN D 164 7.88 2.73 -15.80
N ARG D 165 7.29 3.85 -16.17
CA ARG D 165 7.28 4.30 -17.56
C ARG D 165 8.43 5.28 -17.73
N ILE D 166 9.57 4.78 -18.17
CA ILE D 166 10.74 5.62 -18.40
C ILE D 166 10.62 6.20 -19.81
N ARG D 167 11.11 7.42 -20.03
CA ARG D 167 10.91 8.13 -21.27
C ARG D 167 12.24 8.35 -21.97
N LEU D 168 12.35 7.86 -23.21
CA LEU D 168 13.56 8.05 -24.00
C LEU D 168 13.88 9.50 -24.33
N PRO D 169 12.96 10.34 -24.83
CA PRO D 169 13.37 11.72 -25.15
C PRO D 169 13.51 12.61 -23.93
N ASP D 170 13.16 12.13 -22.74
CA ASP D 170 13.24 12.91 -21.51
C ASP D 170 14.35 12.42 -20.59
N GLU D 171 14.32 11.14 -20.22
CA GLU D 171 15.38 10.60 -19.37
C GLU D 171 16.68 10.43 -20.15
N VAL D 172 16.61 9.89 -21.36
CA VAL D 172 17.79 9.66 -22.16
C VAL D 172 17.86 10.64 -23.33
N LEU D 284 -10.48 10.48 -7.72
CA LEU D 284 -10.81 11.63 -6.86
C LEU D 284 -10.72 11.27 -5.39
N TYR D 285 -9.79 10.37 -5.05
CA TYR D 285 -9.62 9.94 -3.67
C TYR D 285 -8.18 9.47 -3.48
N GLY D 286 -7.65 9.66 -2.28
CA GLY D 286 -6.31 9.21 -1.97
C GLY D 286 -5.34 10.32 -1.63
N ARG D 287 -5.84 11.41 -1.07
CA ARG D 287 -4.98 12.51 -0.65
C ARG D 287 -4.36 12.24 0.71
N GLY D 288 -5.19 11.91 1.71
CA GLY D 288 -4.68 11.71 3.07
C GLY D 288 -3.67 10.60 3.17
N VAL D 289 -3.91 9.48 2.47
CA VAL D 289 -2.98 8.36 2.52
C VAL D 289 -1.61 8.77 1.95
N GLN D 290 -1.60 9.52 0.84
CA GLN D 290 -0.34 9.91 0.24
C GLN D 290 0.40 10.95 1.08
N VAL D 291 -0.33 11.90 1.67
CA VAL D 291 0.33 12.89 2.51
C VAL D 291 0.91 12.22 3.77
N ASN D 292 0.18 11.26 4.35
CA ASN D 292 0.76 10.50 5.46
C ASN D 292 2.00 9.73 5.01
N TYR D 293 1.94 9.12 3.82
CA TYR D 293 3.07 8.37 3.30
C TYR D 293 4.32 9.23 3.18
N ASP D 294 4.23 10.33 2.44
CA ASP D 294 5.47 11.08 2.19
C ASP D 294 5.89 11.87 3.42
N LEU D 295 4.97 12.23 4.31
CA LEU D 295 5.37 12.88 5.55
C LEU D 295 6.13 11.89 6.44
N ALA D 296 5.67 10.64 6.50
CA ALA D 296 6.43 9.61 7.19
C ALA D 296 7.79 9.38 6.51
N LEU D 297 7.82 9.47 5.18
CA LEU D 297 9.08 9.35 4.46
C LEU D 297 10.07 10.44 4.85
N LYS D 298 9.60 11.68 4.95
CA LYS D 298 10.50 12.77 5.34
C LYS D 298 10.95 12.60 6.81
N TYR D 299 10.05 12.11 7.67
CA TYR D 299 10.45 11.85 9.05
C TYR D 299 11.53 10.76 9.12
N PHE D 300 11.36 9.69 8.34
CA PHE D 300 12.37 8.64 8.26
C PHE D 300 13.70 9.19 7.72
N GLN D 301 13.63 10.03 6.68
CA GLN D 301 14.83 10.59 6.08
C GLN D 301 15.59 11.47 7.07
N LYS D 302 14.89 12.30 7.82
CA LYS D 302 15.57 13.17 8.77
C LYS D 302 16.05 12.37 9.98
N ALA D 303 15.35 11.30 10.32
CA ALA D 303 15.83 10.37 11.33
C ALA D 303 17.15 9.72 10.92
N ALA D 304 17.24 9.28 9.66
CA ALA D 304 18.47 8.69 9.17
C ALA D 304 19.61 9.71 9.10
N GLU D 305 19.30 10.94 8.68
CA GLU D 305 20.35 11.95 8.57
C GLU D 305 20.79 12.50 9.92
N GLN D 306 19.96 12.40 10.97
CA GLN D 306 20.39 12.89 12.27
C GLN D 306 21.46 11.98 12.87
N GLY D 307 21.08 10.71 13.15
CA GLY D 307 21.96 9.66 13.61
C GLY D 307 23.09 10.04 14.55
N TRP D 308 24.31 9.65 14.18
CA TRP D 308 25.55 10.07 14.83
C TRP D 308 26.53 10.51 13.76
N VAL D 309 26.04 11.37 12.86
CA VAL D 309 26.70 11.76 11.61
C VAL D 309 26.88 10.51 10.77
N ASP D 310 25.83 10.12 10.06
CA ASP D 310 25.83 8.90 9.25
C ASP D 310 26.78 8.95 8.07
N GLY D 311 27.27 10.14 7.71
CA GLY D 311 28.19 10.26 6.60
C GLY D 311 29.63 10.36 7.06
N GLN D 312 30.16 11.59 7.09
CA GLN D 312 31.54 11.83 7.53
C GLN D 312 31.60 11.68 9.05
N LEU D 313 31.66 10.43 9.49
CA LEU D 313 31.81 10.12 10.92
C LEU D 313 33.28 10.25 11.30
N GLN D 314 33.63 9.73 12.48
CA GLN D 314 35.03 9.69 12.92
C GLN D 314 35.92 9.04 11.88
N LEU D 315 35.47 7.91 11.31
CA LEU D 315 36.05 7.28 10.12
C LEU D 315 37.48 6.86 10.44
N GLY D 316 38.49 7.34 9.70
CA GLY D 316 39.84 6.82 9.82
C GLY D 316 40.07 5.63 8.93
N SER D 317 40.00 4.43 9.51
CA SER D 317 39.98 3.19 8.75
C SER D 317 38.58 2.60 8.62
N MET D 318 37.56 3.38 9.02
CA MET D 318 36.13 3.04 8.98
C MET D 318 35.77 1.97 9.99
N TYR D 319 34.58 2.09 10.60
CA TYR D 319 34.13 1.07 11.54
C TYR D 319 33.66 -0.19 10.83
N TYR D 320 33.08 -0.05 9.63
CA TYR D 320 32.58 -1.18 8.83
C TYR D 320 31.57 -2.01 9.59
N ASN D 321 30.75 -1.35 10.41
CA ASN D 321 29.71 -2.03 11.15
C ASN D 321 28.52 -2.42 10.29
N GLY D 322 28.42 -1.88 9.07
CA GLY D 322 27.33 -2.22 8.19
C GLY D 322 26.18 -1.24 8.25
N ILE D 323 25.68 -0.82 7.09
CA ILE D 323 24.54 0.09 7.05
C ILE D 323 23.29 -0.64 7.52
N GLY D 324 22.90 -1.70 6.81
CA GLY D 324 21.80 -2.54 7.22
C GLY D 324 20.43 -1.92 7.10
N VAL D 325 20.29 -0.83 6.34
CA VAL D 325 19.03 -0.10 6.28
C VAL D 325 18.50 0.10 4.87
N LYS D 326 19.34 0.06 3.84
CA LYS D 326 18.90 0.47 2.52
C LYS D 326 17.97 -0.55 1.86
N ARG D 327 18.32 -1.84 1.92
CA ARG D 327 17.62 -2.80 1.09
C ARG D 327 16.18 -3.02 1.56
N ASP D 328 15.97 -3.23 2.86
CA ASP D 328 14.60 -3.46 3.33
C ASP D 328 13.74 -2.20 3.23
N TYR D 329 14.36 -1.03 3.40
CA TYR D 329 13.64 0.22 3.13
C TYR D 329 13.19 0.31 1.68
N LYS D 330 14.07 -0.08 0.74
CA LYS D 330 13.70 -0.07 -0.67
C LYS D 330 12.60 -1.08 -0.97
N GLN D 331 12.65 -2.25 -0.32
CA GLN D 331 11.55 -3.21 -0.48
C GLN D 331 10.24 -2.65 0.05
N ALA D 332 10.29 -1.95 1.19
CA ALA D 332 9.08 -1.32 1.72
C ALA D 332 8.53 -0.30 0.73
N LEU D 333 9.41 0.53 0.16
CA LEU D 333 8.96 1.51 -0.82
C LEU D 333 8.33 0.87 -2.04
N LYS D 334 8.98 -0.18 -2.57
CA LYS D 334 8.45 -0.77 -3.80
C LYS D 334 7.14 -1.50 -3.55
N TYR D 335 7.02 -2.21 -2.42
CA TYR D 335 5.77 -2.89 -2.12
C TYR D 335 4.64 -1.91 -1.83
N PHE D 336 4.95 -0.81 -1.15
CA PHE D 336 3.93 0.22 -0.97
C PHE D 336 3.53 0.82 -2.30
N ASN D 337 4.48 0.99 -3.22
CA ASN D 337 4.16 1.47 -4.55
C ASN D 337 3.18 0.51 -5.24
N LEU D 338 3.48 -0.80 -5.20
CA LEU D 338 2.58 -1.77 -5.83
C LEU D 338 1.19 -1.72 -5.22
N ALA D 339 1.12 -1.68 -3.88
CA ALA D 339 -0.19 -1.72 -3.24
C ALA D 339 -0.97 -0.42 -3.46
N SER D 340 -0.30 0.74 -3.42
CA SER D 340 -1.00 1.99 -3.67
C SER D 340 -1.49 2.08 -5.12
N GLN D 341 -0.69 1.56 -6.07
CA GLN D 341 -1.15 1.45 -7.44
C GLN D 341 -2.37 0.54 -7.52
N GLY D 342 -2.33 -0.58 -6.81
CA GLY D 342 -3.49 -1.46 -6.77
C GLY D 342 -4.73 -0.77 -6.24
N GLY D 343 -4.59 -0.07 -5.11
CA GLY D 343 -5.74 0.64 -4.57
CA GLY D 343 -5.74 0.64 -4.57
C GLY D 343 -6.30 1.66 -5.53
N HIS D 344 -5.43 2.41 -6.20
CA HIS D 344 -5.90 3.41 -7.15
C HIS D 344 -6.50 2.77 -8.40
N ILE D 345 -5.99 1.62 -8.85
CA ILE D 345 -6.57 1.03 -10.06
C ILE D 345 -7.94 0.41 -9.77
N LEU D 346 -8.12 -0.23 -8.61
CA LEU D 346 -9.51 -0.58 -8.25
C LEU D 346 -10.38 0.64 -8.01
N ALA D 347 -9.83 1.75 -7.48
CA ALA D 347 -10.61 2.97 -7.34
C ALA D 347 -11.09 3.45 -8.71
N PHE D 348 -10.20 3.42 -9.71
CA PHE D 348 -10.56 3.81 -11.06
C PHE D 348 -11.62 2.88 -11.63
N TYR D 349 -11.48 1.58 -11.37
CA TYR D 349 -12.45 0.62 -11.87
C TYR D 349 -13.83 0.89 -11.27
N ASN D 350 -13.88 1.11 -9.95
CA ASN D 350 -15.13 1.40 -9.27
C ASN D 350 -15.76 2.67 -9.81
N LEU D 351 -14.93 3.71 -10.00
CA LEU D 351 -15.44 4.98 -10.49
C LEU D 351 -15.98 4.85 -11.91
N ALA D 352 -15.29 4.07 -12.74
CA ALA D 352 -15.74 3.84 -14.11
C ALA D 352 -17.05 3.07 -14.14
N GLN D 353 -17.18 2.03 -13.30
CA GLN D 353 -18.45 1.29 -13.26
C GLN D 353 -19.58 2.16 -12.77
N MET D 354 -19.29 3.01 -11.77
CA MET D 354 -20.26 3.95 -11.25
C MET D 354 -20.70 4.94 -12.33
N HIS D 355 -19.74 5.39 -13.15
CA HIS D 355 -20.04 6.33 -14.23
C HIS D 355 -20.70 5.69 -15.44
N ALA D 356 -20.46 4.40 -15.70
CA ALA D 356 -21.01 3.75 -16.88
C ALA D 356 -22.35 3.11 -16.65
N SER D 357 -22.54 2.43 -15.51
CA SER D 357 -23.81 1.77 -15.23
C SER D 357 -24.91 2.77 -14.92
N GLY D 358 -24.56 3.97 -14.48
CA GLY D 358 -25.50 5.02 -14.20
C GLY D 358 -25.78 5.21 -12.73
N THR D 359 -25.33 4.29 -11.89
CA THR D 359 -25.56 4.38 -10.46
C THR D 359 -24.79 5.57 -9.90
N GLY D 360 -25.46 6.41 -9.13
CA GLY D 360 -24.83 7.58 -8.56
C GLY D 360 -24.61 8.69 -9.57
N VAL D 361 -23.73 8.45 -10.54
CA VAL D 361 -23.45 9.41 -11.60
C VAL D 361 -24.05 8.86 -12.88
N MET D 362 -24.75 9.72 -13.62
CA MET D 362 -25.51 9.30 -14.80
C MET D 362 -24.46 9.02 -15.88
N ARG D 363 -24.78 8.14 -16.82
CA ARG D 363 -23.83 7.65 -17.84
C ARG D 363 -23.17 8.79 -18.59
N SER D 364 -21.84 8.82 -18.57
CA SER D 364 -21.10 10.03 -18.91
C SER D 364 -20.03 9.84 -19.98
N CYS D 365 -19.95 8.66 -20.63
CA CYS D 365 -19.05 8.43 -21.76
C CYS D 365 -17.58 8.64 -21.41
N HIS D 366 -17.16 9.92 -21.47
CA HIS D 366 -15.74 10.29 -21.56
C HIS D 366 -14.96 9.75 -20.36
N THR D 367 -15.49 9.97 -19.16
CA THR D 367 -14.78 9.52 -17.96
C THR D 367 -14.71 8.00 -17.89
N ALA D 368 -15.79 7.30 -18.25
CA ALA D 368 -15.77 5.85 -18.20
C ALA D 368 -14.63 5.27 -19.03
N VAL D 369 -14.55 5.66 -20.31
CA VAL D 369 -13.51 5.16 -21.20
C VAL D 369 -12.13 5.64 -20.75
N GLU D 370 -12.06 6.87 -20.23
CA GLU D 370 -10.78 7.43 -19.78
C GLU D 370 -10.19 6.63 -18.62
N LEU D 371 -10.97 6.41 -17.56
CA LEU D 371 -10.44 5.60 -16.48
C LEU D 371 -10.26 4.14 -16.87
N PHE D 372 -11.06 3.62 -17.81
CA PHE D 372 -10.79 2.28 -18.31
C PHE D 372 -9.44 2.18 -19.00
N LYS D 373 -9.10 3.18 -19.82
CA LYS D 373 -7.80 3.25 -20.47
C LYS D 373 -6.67 3.31 -19.45
N ASN D 374 -6.83 4.18 -18.46
CA ASN D 374 -5.78 4.31 -17.45
C ASN D 374 -5.64 3.04 -16.62
N VAL D 375 -6.73 2.27 -16.49
CA VAL D 375 -6.66 0.97 -15.82
C VAL D 375 -5.90 -0.04 -16.68
N CYS D 376 -6.23 -0.11 -17.97
CA CYS D 376 -5.62 -1.10 -18.85
C CYS D 376 -4.13 -0.90 -19.01
N GLU D 377 -3.67 0.36 -19.10
CA GLU D 377 -2.28 0.60 -19.45
C GLU D 377 -1.30 0.01 -18.43
N ARG D 378 -1.67 -0.06 -17.15
CA ARG D 378 -0.79 -0.57 -16.11
C ARG D 378 -0.87 -2.08 -15.95
N GLY D 379 -1.31 -2.80 -16.98
CA GLY D 379 -1.56 -4.23 -16.91
C GLY D 379 -0.31 -5.09 -16.81
N ARG D 380 -0.38 -6.31 -17.32
CA ARG D 380 0.70 -7.29 -17.17
C ARG D 380 1.65 -7.29 -18.35
N TRP D 381 1.15 -7.03 -19.56
CA TRP D 381 1.98 -7.02 -20.76
C TRP D 381 3.02 -5.91 -20.74
N SER D 382 2.88 -4.94 -19.84
CA SER D 382 3.74 -3.76 -19.85
C SER D 382 5.16 -4.04 -19.42
N GLU D 383 5.48 -5.26 -18.98
CA GLU D 383 6.87 -5.60 -18.78
C GLU D 383 7.63 -5.61 -20.10
N ARG D 384 6.90 -5.70 -21.22
CA ARG D 384 7.49 -5.55 -22.54
C ARG D 384 8.13 -4.18 -22.72
N LEU D 385 7.69 -3.18 -21.96
CA LEU D 385 8.36 -1.87 -21.95
C LEU D 385 9.81 -2.02 -21.55
N MET D 386 10.05 -2.68 -20.42
CA MET D 386 11.43 -2.93 -20.01
C MET D 386 12.13 -3.78 -21.06
N THR D 387 11.41 -4.77 -21.59
CA THR D 387 11.98 -5.65 -22.60
C THR D 387 12.48 -4.85 -23.79
N ALA D 388 11.74 -3.82 -24.19
CA ALA D 388 12.26 -3.03 -25.29
C ALA D 388 13.42 -2.14 -24.87
N TYR D 389 13.32 -1.47 -23.73
CA TYR D 389 14.38 -0.49 -23.38
C TYR D 389 15.69 -1.19 -23.10
N ASN D 390 15.66 -2.33 -22.41
CA ASN D 390 16.90 -3.07 -22.19
C ASN D 390 17.50 -3.56 -23.50
N SER D 391 16.73 -3.56 -24.59
CA SER D 391 17.29 -3.88 -25.88
C SER D 391 17.70 -2.63 -26.66
N TYR D 392 17.23 -1.44 -26.28
CA TYR D 392 17.80 -0.22 -26.84
C TYR D 392 19.16 0.10 -26.25
N LYS D 393 19.33 -0.05 -24.94
CA LYS D 393 20.67 -0.27 -24.42
C LYS D 393 21.20 -1.56 -25.01
N ASP D 394 22.52 -1.72 -24.91
CA ASP D 394 23.30 -2.79 -25.55
C ASP D 394 23.33 -2.44 -27.05
N GLY D 395 22.53 -1.47 -27.50
CA GLY D 395 22.65 -1.01 -28.87
C GLY D 395 22.02 -1.92 -29.91
N ASP D 396 20.80 -2.37 -29.66
CA ASP D 396 20.05 -3.21 -30.59
C ASP D 396 18.73 -2.49 -30.88
N TYR D 397 18.75 -1.58 -31.86
CA TYR D 397 17.58 -0.80 -32.17
C TYR D 397 16.53 -1.62 -32.91
N ASN D 398 16.97 -2.56 -33.74
CA ASN D 398 16.05 -3.29 -34.59
C ASN D 398 15.07 -4.17 -33.82
N ALA D 399 15.31 -4.42 -32.54
CA ALA D 399 14.32 -5.03 -31.67
C ALA D 399 13.84 -4.05 -30.60
N ALA D 400 14.38 -2.85 -30.57
CA ALA D 400 13.92 -1.80 -29.69
C ALA D 400 12.95 -0.86 -30.36
N VAL D 401 12.61 -1.10 -31.62
CA VAL D 401 11.57 -0.33 -32.28
C VAL D 401 10.33 -1.17 -32.56
N ILE D 402 10.46 -2.50 -32.68
CA ILE D 402 9.28 -3.32 -32.91
C ILE D 402 8.53 -3.58 -31.62
N GLN D 403 9.26 -3.93 -30.56
CA GLN D 403 8.65 -4.06 -29.25
C GLN D 403 8.06 -2.76 -28.76
N TYR D 404 8.48 -1.63 -29.32
CA TYR D 404 7.90 -0.33 -29.01
C TYR D 404 6.80 0.07 -29.98
N LEU D 405 6.93 -0.29 -31.25
CA LEU D 405 5.86 -0.04 -32.21
C LEU D 405 4.58 -0.76 -31.79
N LEU D 406 4.70 -2.02 -31.34
CA LEU D 406 3.51 -2.76 -30.94
C LEU D 406 2.82 -2.10 -29.74
N LEU D 407 3.58 -1.81 -28.69
CA LEU D 407 3.02 -1.15 -27.53
C LEU D 407 2.48 0.23 -27.86
N ALA D 408 3.01 0.86 -28.91
CA ALA D 408 2.43 2.11 -29.39
C ALA D 408 1.08 1.89 -30.04
N GLU D 409 0.96 0.83 -30.84
CA GLU D 409 -0.33 0.47 -31.40
C GLU D 409 -1.35 0.18 -30.30
N GLN D 410 -0.90 -0.41 -29.19
CA GLN D 410 -1.81 -0.79 -28.12
C GLN D 410 -2.52 0.43 -27.55
N GLY D 411 -1.81 1.52 -27.33
CA GLY D 411 -2.45 2.70 -26.82
C GLY D 411 -1.61 3.48 -25.82
N TYR D 412 -0.41 2.98 -25.53
CA TYR D 412 0.48 3.67 -24.63
C TYR D 412 0.89 5.00 -25.25
N GLU D 413 1.14 5.99 -24.40
CA GLU D 413 1.78 7.21 -24.88
C GLU D 413 3.27 7.17 -24.70
N VAL D 414 3.77 6.46 -23.68
CA VAL D 414 5.20 6.29 -23.52
C VAL D 414 5.78 5.53 -24.70
N ALA D 415 5.12 4.45 -25.11
CA ALA D 415 5.58 3.68 -26.25
C ALA D 415 5.52 4.47 -27.55
N GLN D 416 4.48 5.29 -27.72
CA GLN D 416 4.37 6.12 -28.91
C GLN D 416 5.52 7.13 -29.01
N SER D 417 5.81 7.82 -27.91
CA SER D 417 6.93 8.76 -27.92
C SER D 417 8.26 8.04 -28.12
N ASN D 418 8.47 6.88 -27.49
CA ASN D 418 9.74 6.19 -27.68
C ASN D 418 9.91 5.63 -29.09
N ALA D 419 8.84 5.09 -29.69
CA ALA D 419 8.93 4.64 -31.07
C ALA D 419 9.20 5.79 -32.02
N ALA D 420 8.55 6.95 -31.79
CA ALA D 420 8.85 8.12 -32.60
C ALA D 420 10.28 8.61 -32.40
N PHE D 421 10.80 8.51 -31.18
CA PHE D 421 12.17 8.98 -30.93
C PHE D 421 13.21 8.04 -31.51
N ILE D 422 12.93 6.74 -31.55
CA ILE D 422 13.83 5.80 -32.22
C ILE D 422 13.79 6.01 -33.72
N LEU D 423 12.59 6.15 -34.28
CA LEU D 423 12.47 6.38 -35.73
C LEU D 423 12.95 7.75 -36.14
N ASP D 424 13.06 8.69 -35.20
CA ASP D 424 13.40 10.07 -35.53
C ASP D 424 14.84 10.15 -36.01
N GLN D 425 15.76 9.54 -35.26
CA GLN D 425 17.19 9.64 -35.57
C GLN D 425 17.66 8.64 -36.60
N ARG D 426 16.75 8.02 -37.36
CA ARG D 426 17.09 7.09 -38.44
C ARG D 426 17.84 5.87 -37.94
N GLU D 427 17.73 5.56 -36.64
CA GLU D 427 18.44 4.43 -36.07
C GLU D 427 17.87 3.10 -36.54
N ALA D 428 16.55 2.95 -36.53
CA ALA D 428 15.94 1.68 -36.89
C ALA D 428 16.20 1.33 -38.36
N SER D 429 16.59 0.08 -38.59
CA SER D 429 16.99 -0.37 -39.91
C SER D 429 15.95 -1.21 -40.63
N ILE D 430 14.88 -1.64 -39.97
CA ILE D 430 13.89 -2.49 -40.64
C ILE D 430 13.02 -1.65 -41.55
N VAL D 431 12.43 -0.58 -41.01
CA VAL D 431 11.68 0.36 -41.83
C VAL D 431 12.62 1.07 -42.79
N GLY D 432 12.11 1.36 -43.98
CA GLY D 432 12.92 2.06 -44.97
C GLY D 432 13.27 3.47 -44.54
N GLU D 433 14.48 3.89 -44.95
CA GLU D 433 14.91 5.27 -44.77
C GLU D 433 14.03 6.25 -45.51
N ASN D 434 13.28 5.78 -46.51
CA ASN D 434 12.40 6.60 -47.32
C ASN D 434 11.05 6.83 -46.63
N GLU D 435 10.78 6.11 -45.55
CA GLU D 435 9.49 6.20 -44.86
C GLU D 435 9.64 6.42 -43.36
N THR D 436 10.87 6.51 -42.84
CA THR D 436 11.08 6.56 -41.40
C THR D 436 10.57 7.84 -40.78
N TYR D 437 10.45 8.92 -41.54
CA TYR D 437 9.91 10.12 -40.92
C TYR D 437 8.38 10.10 -40.86
N PRO D 438 7.65 9.80 -41.95
CA PRO D 438 6.17 9.73 -41.79
C PRO D 438 5.71 8.70 -40.78
N ARG D 439 6.37 7.54 -40.72
CA ARG D 439 6.07 6.55 -39.68
C ARG D 439 6.54 7.00 -38.30
N ALA D 440 7.27 8.11 -38.22
CA ALA D 440 7.50 8.77 -36.94
C ALA D 440 6.56 9.93 -36.71
N LEU D 441 6.12 10.59 -37.77
CA LEU D 441 5.14 11.66 -37.63
C LEU D 441 3.80 11.13 -37.13
N LEU D 442 3.43 9.91 -37.56
CA LEU D 442 2.21 9.30 -37.06
C LEU D 442 2.24 9.15 -35.54
N HIS D 443 3.35 8.66 -35.01
CA HIS D 443 3.43 8.45 -33.57
C HIS D 443 3.61 9.76 -32.83
N TRP D 444 4.24 10.76 -33.44
CA TRP D 444 4.28 12.07 -32.82
C TRP D 444 2.89 12.67 -32.70
N ASN D 445 2.08 12.57 -33.75
CA ASN D 445 0.71 13.06 -33.67
C ASN D 445 -0.11 12.29 -32.64
N ARG D 446 0.09 10.97 -32.59
CA ARG D 446 -0.65 10.16 -31.61
C ARG D 446 -0.27 10.52 -30.19
N ALA D 447 1.02 10.71 -29.91
CA ALA D 447 1.38 11.14 -28.57
C ALA D 447 1.06 12.60 -28.34
N ALA D 448 0.74 13.35 -29.40
CA ALA D 448 0.30 14.72 -29.23
C ALA D 448 -1.11 14.75 -28.67
N SER D 449 -2.05 14.06 -29.34
CA SER D 449 -3.45 14.12 -28.91
C SER D 449 -3.68 13.52 -27.53
N GLN D 450 -2.72 12.80 -26.98
CA GLN D 450 -2.82 12.22 -25.64
C GLN D 450 -2.14 13.07 -24.59
N GLY D 451 -1.80 14.32 -24.91
CA GLY D 451 -1.30 15.24 -23.91
C GLY D 451 0.16 15.07 -23.53
N TYR D 452 1.06 15.32 -24.48
CA TYR D 452 2.49 15.29 -24.23
C TYR D 452 3.11 16.53 -24.84
N THR D 453 3.84 17.30 -24.04
CA THR D 453 4.40 18.57 -24.49
C THR D 453 5.38 18.36 -25.63
N VAL D 454 6.41 17.53 -25.41
CA VAL D 454 7.45 17.31 -26.40
C VAL D 454 6.86 16.77 -27.69
N ALA D 455 5.78 15.99 -27.59
CA ALA D 455 5.12 15.50 -28.79
C ALA D 455 4.59 16.65 -29.63
N ARG D 456 3.96 17.64 -28.99
CA ARG D 456 3.40 18.76 -29.75
C ARG D 456 4.51 19.67 -30.28
N ILE D 457 5.54 19.92 -29.48
CA ILE D 457 6.67 20.73 -29.94
C ILE D 457 7.36 20.07 -31.13
N LYS D 458 7.57 18.75 -31.06
CA LYS D 458 8.28 18.07 -32.14
C LYS D 458 7.39 17.91 -33.36
N LEU D 459 6.08 17.82 -33.19
CA LEU D 459 5.19 17.92 -34.33
C LEU D 459 5.35 19.27 -35.02
N GLY D 460 5.42 20.34 -34.22
CA GLY D 460 5.70 21.66 -34.78
C GLY D 460 7.02 21.71 -35.51
N ASP D 461 8.06 21.11 -34.94
CA ASP D 461 9.37 21.08 -35.59
C ASP D 461 9.31 20.35 -36.92
N TYR D 462 8.61 19.22 -36.95
CA TYR D 462 8.50 18.43 -38.18
C TYR D 462 7.78 19.21 -39.27
N HIS D 463 6.72 19.93 -38.90
CA HIS D 463 6.08 20.80 -39.89
C HIS D 463 6.91 22.04 -40.20
N PHE D 464 7.90 22.37 -39.37
CA PHE D 464 8.70 23.58 -39.51
C PHE D 464 9.87 23.38 -40.45
N TYR D 465 10.74 22.42 -40.14
CA TYR D 465 11.89 22.15 -41.00
C TYR D 465 11.49 21.48 -42.30
N GLY D 466 10.24 21.03 -42.42
CA GLY D 466 9.81 20.29 -43.58
C GLY D 466 10.18 18.81 -43.55
N PHE D 467 10.20 18.20 -42.37
CA PHE D 467 10.50 16.78 -42.26
C PHE D 467 9.27 15.96 -42.57
N GLY D 468 9.46 14.89 -43.34
CA GLY D 468 8.37 14.00 -43.66
C GLY D 468 7.37 14.58 -44.64
N THR D 469 6.62 15.58 -44.21
CA THR D 469 5.72 16.31 -45.07
C THR D 469 6.45 17.56 -45.58
N ASP D 470 5.83 18.29 -46.51
CA ASP D 470 6.43 19.50 -47.07
C ASP D 470 6.55 20.57 -45.99
N VAL D 471 7.35 21.59 -46.28
CA VAL D 471 7.49 22.71 -45.37
C VAL D 471 6.15 23.44 -45.27
N ASP D 472 5.79 23.81 -44.04
CA ASP D 472 4.51 24.49 -43.80
C ASP D 472 4.68 25.28 -42.51
N TYR D 473 4.92 26.58 -42.65
CA TYR D 473 5.10 27.42 -41.46
C TYR D 473 3.79 27.61 -40.72
N GLU D 474 2.67 27.71 -41.44
CA GLU D 474 1.40 28.10 -40.83
C GLU D 474 0.93 27.06 -39.83
N THR D 475 1.09 25.78 -40.17
CA THR D 475 0.58 24.76 -39.28
C THR D 475 1.57 24.47 -38.15
N ALA D 476 2.88 24.59 -38.40
CA ALA D 476 3.82 24.54 -37.29
C ALA D 476 3.55 25.67 -36.32
N PHE D 477 3.18 26.84 -36.83
CA PHE D 477 2.72 27.96 -36.03
C PHE D 477 1.57 27.53 -35.13
N ILE D 478 0.57 26.86 -35.72
CA ILE D 478 -0.60 26.46 -34.95
C ILE D 478 -0.22 25.45 -33.87
N HIS D 479 0.67 24.50 -34.21
CA HIS D 479 1.08 23.50 -33.24
C HIS D 479 1.84 24.11 -32.07
N TYR D 480 2.73 25.07 -32.34
CA TYR D 480 3.41 25.75 -31.25
C TYR D 480 2.42 26.54 -30.39
N ARG D 481 1.43 27.18 -31.04
CA ARG D 481 0.42 27.91 -30.29
C ARG D 481 -0.32 26.99 -29.33
N LEU D 482 -0.68 25.79 -29.81
CA LEU D 482 -1.35 24.81 -28.96
C LEU D 482 -0.45 24.36 -27.81
N ALA D 483 0.81 24.07 -28.11
CA ALA D 483 1.71 23.63 -27.06
C ALA D 483 2.04 24.72 -26.06
N SER D 484 1.79 25.98 -26.41
CA SER D 484 1.99 27.08 -25.48
C SER D 484 0.76 27.35 -24.63
N GLU D 485 -0.42 27.36 -25.25
CA GLU D 485 -1.63 27.74 -24.54
C GLU D 485 -2.17 26.62 -23.66
N GLN D 486 -2.39 25.44 -24.25
CA GLN D 486 -3.02 24.35 -23.52
C GLN D 486 -2.16 23.85 -22.37
N GLN D 487 -0.84 23.74 -22.58
CA GLN D 487 0.01 23.01 -21.66
C GLN D 487 1.15 23.83 -21.07
N HIS D 488 1.26 25.11 -21.43
CA HIS D 488 2.27 26.04 -20.90
C HIS D 488 3.68 25.47 -21.01
N SER D 489 4.11 25.25 -22.25
CA SER D 489 5.46 24.77 -22.51
C SER D 489 6.35 25.95 -22.86
N ALA D 490 7.46 26.09 -22.14
CA ALA D 490 8.33 27.24 -22.32
C ALA D 490 8.90 27.30 -23.73
N GLN D 491 9.48 26.19 -24.19
CA GLN D 491 10.10 26.19 -25.51
C GLN D 491 9.10 26.45 -26.63
N ALA D 492 7.86 25.98 -26.48
CA ALA D 492 6.86 26.20 -27.52
C ALA D 492 6.63 27.67 -27.76
N MET D 493 6.43 28.42 -26.68
CA MET D 493 6.17 29.84 -26.79
C MET D 493 7.46 30.62 -27.11
N PHE D 494 8.61 30.07 -26.76
CA PHE D 494 9.87 30.66 -27.22
C PHE D 494 9.95 30.65 -28.75
N ASN D 495 9.78 29.47 -29.36
CA ASN D 495 9.78 29.45 -30.83
C ASN D 495 8.58 30.19 -31.40
N LEU D 496 7.51 30.30 -30.63
CA LEU D 496 6.39 31.14 -31.06
C LEU D 496 6.84 32.59 -31.23
N GLY D 497 7.52 33.13 -30.22
CA GLY D 497 8.07 34.46 -30.34
C GLY D 497 9.05 34.58 -31.49
N TYR D 498 9.86 33.54 -31.69
CA TYR D 498 10.82 33.57 -32.80
C TYR D 498 10.09 33.64 -34.14
N MET D 499 9.04 32.85 -34.31
CA MET D 499 8.27 32.90 -35.56
C MET D 499 7.63 34.28 -35.74
N HIS D 500 7.13 34.87 -34.66
CA HIS D 500 6.56 36.21 -34.77
C HIS D 500 7.62 37.25 -35.14
N GLU D 501 8.86 37.05 -34.70
CA GLU D 501 9.89 38.07 -34.86
C GLU D 501 10.30 38.24 -36.32
N LYS D 502 10.54 37.14 -37.04
CA LYS D 502 10.98 37.24 -38.42
C LYS D 502 9.85 36.97 -39.41
N GLY D 503 8.60 37.07 -38.96
CA GLY D 503 7.45 36.98 -39.86
C GLY D 503 7.31 35.66 -40.58
N LEU D 504 7.57 34.55 -39.88
CA LEU D 504 7.41 33.22 -40.44
C LEU D 504 5.93 32.85 -40.40
N GLY D 505 5.33 32.63 -41.55
CA GLY D 505 3.94 32.24 -41.67
C GLY D 505 2.95 33.38 -41.77
N ILE D 506 3.12 34.41 -40.94
CA ILE D 506 2.21 35.54 -40.90
C ILE D 506 3.02 36.84 -40.98
N LYS D 507 2.32 37.97 -40.85
CA LYS D 507 2.97 39.27 -40.98
C LYS D 507 4.03 39.46 -39.91
N GLN D 508 5.13 40.09 -40.30
CA GLN D 508 6.23 40.35 -39.37
C GLN D 508 5.86 41.51 -38.46
N ASP D 509 5.81 41.24 -37.16
CA ASP D 509 5.59 42.27 -36.17
C ASP D 509 6.73 42.15 -35.17
N ILE D 510 6.99 43.23 -34.43
CA ILE D 510 8.17 43.30 -33.57
C ILE D 510 7.80 43.43 -32.10
N HIS D 511 6.53 43.66 -31.76
CA HIS D 511 6.09 43.78 -30.37
C HIS D 511 5.56 42.48 -29.76
N LEU D 512 4.58 41.81 -30.40
CA LEU D 512 4.05 40.57 -29.81
C LEU D 512 5.14 39.55 -29.56
N ALA D 513 6.19 39.56 -30.37
CA ALA D 513 7.35 38.71 -30.09
C ALA D 513 7.93 39.02 -28.72
N LYS D 514 8.07 40.30 -28.39
CA LYS D 514 8.59 40.68 -27.08
C LYS D 514 7.69 40.15 -25.97
N ARG D 515 6.37 40.24 -26.16
CA ARG D 515 5.43 39.72 -25.17
C ARG D 515 5.60 38.21 -24.97
N PHE D 516 5.74 37.47 -26.08
CA PHE D 516 5.87 36.02 -25.97
C PHE D 516 7.18 35.62 -25.30
N TYR D 517 8.28 36.29 -25.64
CA TYR D 517 9.53 36.02 -24.95
C TYR D 517 9.44 36.34 -23.47
N ASP D 518 8.81 37.47 -23.12
CA ASP D 518 8.70 37.83 -21.71
C ASP D 518 7.89 36.83 -20.91
N MET D 519 6.74 36.40 -21.44
CA MET D 519 6.03 35.42 -20.62
C MET D 519 6.63 34.02 -20.72
N ALA D 520 7.49 33.76 -21.72
CA ALA D 520 8.32 32.57 -21.66
C ALA D 520 9.28 32.66 -20.48
N ALA D 521 9.82 33.85 -20.22
CA ALA D 521 10.66 34.05 -19.05
C ALA D 521 9.87 33.83 -17.77
N GLU D 522 8.63 34.35 -17.72
CA GLU D 522 7.84 34.20 -16.48
C GLU D 522 7.39 32.75 -16.26
N ALA D 523 7.08 32.00 -17.32
CA ALA D 523 6.43 30.70 -17.14
C ALA D 523 7.35 29.66 -16.54
N SER D 524 8.64 29.70 -16.85
CA SER D 524 9.54 28.69 -16.33
C SER D 524 10.84 29.35 -15.90
N PRO D 525 11.47 28.84 -14.84
CA PRO D 525 12.73 29.43 -14.36
C PRO D 525 13.97 28.97 -15.11
N ASP D 526 13.82 28.23 -16.20
CA ASP D 526 14.98 27.70 -16.91
C ASP D 526 15.21 28.38 -18.24
N ALA D 527 14.31 29.24 -18.69
CA ALA D 527 14.39 29.87 -20.00
C ALA D 527 15.03 31.25 -19.96
N GLN D 528 15.55 31.68 -18.81
CA GLN D 528 15.95 33.08 -18.66
C GLN D 528 17.18 33.43 -19.49
N VAL D 529 18.12 32.49 -19.62
CA VAL D 529 19.32 32.73 -20.43
C VAL D 529 19.00 32.85 -21.92
N PRO D 530 18.33 31.88 -22.56
CA PRO D 530 18.03 32.07 -24.00
C PRO D 530 17.13 33.25 -24.27
N VAL D 531 16.16 33.52 -23.39
CA VAL D 531 15.30 34.67 -23.62
C VAL D 531 16.08 35.96 -23.46
N PHE D 532 17.01 36.01 -22.50
CA PHE D 532 17.83 37.21 -22.34
C PHE D 532 18.68 37.46 -23.57
N LEU D 533 19.36 36.43 -24.06
CA LEU D 533 20.20 36.59 -25.25
C LEU D 533 19.37 36.98 -26.47
N ALA D 534 18.24 36.30 -26.68
CA ALA D 534 17.39 36.61 -27.82
C ALA D 534 16.79 38.00 -27.71
N LEU D 535 16.44 38.43 -26.49
CA LEU D 535 15.90 39.77 -26.31
C LEU D 535 16.95 40.83 -26.60
N CYS D 536 18.21 40.59 -26.21
CA CYS D 536 19.27 41.52 -26.59
C CYS D 536 19.45 41.56 -28.10
N LYS D 537 19.37 40.40 -28.77
CA LYS D 537 19.43 40.39 -30.22
C LYS D 537 18.27 41.18 -30.82
N LEU D 538 17.08 41.03 -30.24
CA LEU D 538 15.90 41.77 -30.66
C LEU D 538 16.12 43.27 -30.54
N GLY D 539 16.60 43.72 -29.39
CA GLY D 539 16.86 45.13 -29.20
C GLY D 539 17.91 45.67 -30.15
N VAL D 540 18.97 44.88 -30.39
CA VAL D 540 20.03 45.31 -31.29
C VAL D 540 19.50 45.48 -32.70
N VAL D 541 18.74 44.49 -33.19
CA VAL D 541 18.24 44.59 -34.56
C VAL D 541 17.21 45.71 -34.69
N TYR D 542 16.39 45.93 -33.65
CA TYR D 542 15.45 47.04 -33.66
C TYR D 542 16.18 48.38 -33.74
N PHE D 543 17.23 48.53 -32.92
CA PHE D 543 18.01 49.77 -32.94
C PHE D 543 18.69 49.98 -34.28
N LEU D 544 19.25 48.91 -34.87
CA LEU D 544 19.91 49.04 -36.15
C LEU D 544 18.93 49.41 -37.26
N GLN D 545 17.73 48.82 -37.24
CA GLN D 545 16.71 49.19 -38.22
C GLN D 545 16.28 50.63 -38.05
N TYR D 546 16.12 51.09 -36.80
CA TYR D 546 15.76 52.48 -36.56
C TYR D 546 16.86 53.43 -37.04
N ILE D 547 18.12 53.09 -36.79
CA ILE D 547 19.23 53.93 -37.22
C ILE D 547 19.31 53.98 -38.75
N ARG D 548 19.11 52.83 -39.40
CA ARG D 548 19.13 52.78 -40.85
C ARG D 548 18.00 53.59 -41.48
N GLU D 549 16.91 53.81 -40.76
CA GLU D 549 15.79 54.59 -41.27
C GLU D 549 16.14 56.07 -41.31
N LEU E 1 -1.26 4.54 -43.40
CA LEU E 1 -0.82 5.75 -44.06
C LEU E 1 -1.13 6.98 -43.22
N SER E 2 -2.35 7.06 -42.69
CA SER E 2 -2.78 8.21 -41.91
C SER E 2 -3.75 7.73 -40.84
N ASP E 3 -4.27 8.69 -40.08
CA ASP E 3 -5.23 8.45 -39.01
C ASP E 3 -6.54 9.18 -39.28
N ASP E 4 -6.91 9.29 -40.56
CA ASP E 4 -8.10 10.02 -40.96
C ASP E 4 -9.20 9.12 -41.49
N ILE E 5 -8.87 8.22 -42.42
CA ILE E 5 -9.85 7.36 -43.08
C ILE E 5 -10.44 6.38 -42.07
N PRO E 6 -11.74 6.39 -41.85
CA PRO E 6 -12.36 5.41 -40.95
C PRO E 6 -12.88 4.18 -41.67
N PHE E 7 -12.95 3.08 -40.93
CA PHE E 7 -13.44 1.82 -41.46
C PHE E 7 -14.51 1.25 -40.52
N ARG E 8 -15.37 0.42 -41.09
CA ARG E 8 -16.45 -0.20 -40.33
C ARG E 8 -16.63 -1.63 -40.79
N VAL E 9 -16.79 -2.55 -39.84
CA VAL E 9 -16.95 -3.96 -40.15
C VAL E 9 -18.44 -4.25 -40.31
N ASN E 10 -18.79 -4.91 -41.42
CA ASN E 10 -20.17 -5.25 -41.72
C ASN E 10 -20.29 -6.76 -41.99
N TRP E 11 -21.45 -7.31 -41.64
CA TRP E 11 -21.72 -8.74 -41.80
C TRP E 11 -23.04 -8.90 -42.54
N PRO E 12 -23.03 -8.76 -43.87
CA PRO E 12 -24.28 -8.91 -44.63
C PRO E 12 -24.79 -10.34 -44.72
N GLY E 13 -23.92 -11.34 -44.55
CA GLY E 13 -24.31 -12.73 -44.62
C GLY E 13 -23.60 -13.45 -45.75
N THR E 14 -24.35 -14.26 -46.49
CA THR E 14 -23.79 -15.00 -47.62
C THR E 14 -23.94 -14.23 -48.94
N GLU E 15 -25.16 -13.91 -49.32
CA GLU E 15 -25.40 -13.19 -50.57
C GLU E 15 -25.12 -11.70 -50.37
N PHE E 16 -24.33 -11.13 -51.28
CA PHE E 16 -24.01 -9.71 -51.24
C PHE E 16 -23.41 -9.31 -52.58
N SER E 17 -23.89 -8.21 -53.13
CA SER E 17 -23.39 -7.67 -54.40
C SER E 17 -22.53 -6.45 -54.14
N LEU E 18 -21.39 -6.40 -54.82
CA LEU E 18 -20.47 -5.27 -54.64
C LEU E 18 -21.09 -4.00 -55.22
N PRO E 19 -21.23 -2.94 -54.42
CA PRO E 19 -21.84 -1.72 -54.96
C PRO E 19 -20.92 -1.00 -55.94
N THR E 20 -21.51 -0.49 -57.01
CA THR E 20 -20.78 0.25 -58.03
C THR E 20 -20.80 1.75 -57.78
N THR E 21 -21.40 2.20 -56.69
CA THR E 21 -21.48 3.61 -56.35
C THR E 21 -20.68 3.88 -55.09
N GLY E 22 -19.92 4.96 -55.10
CA GLY E 22 -19.08 5.32 -53.97
C GLY E 22 -17.67 4.75 -54.14
N VAL E 23 -17.24 3.96 -53.17
CA VAL E 23 -15.93 3.33 -53.26
C VAL E 23 -15.97 2.21 -54.31
N LEU E 24 -14.79 1.77 -54.72
CA LEU E 24 -14.65 0.73 -55.73
C LEU E 24 -14.22 -0.57 -55.06
N TYR E 25 -14.80 -1.68 -55.50
CA TYR E 25 -14.52 -3.00 -54.95
C TYR E 25 -13.95 -3.88 -56.05
N LYS E 26 -12.76 -4.43 -55.81
CA LYS E 26 -12.10 -5.35 -56.72
C LYS E 26 -11.99 -6.73 -56.08
N GLU E 27 -11.79 -7.72 -56.93
CA GLU E 27 -11.84 -9.12 -56.53
C GLU E 27 -10.51 -9.66 -56.06
N ASP E 28 -9.44 -8.85 -56.10
CA ASP E 28 -8.11 -9.30 -55.71
C ASP E 28 -7.81 -9.07 -54.24
N ASN E 29 -8.38 -8.04 -53.61
CA ASN E 29 -8.11 -7.72 -52.22
C ASN E 29 -9.07 -8.41 -51.25
N TYR E 30 -9.17 -9.74 -51.37
CA TYR E 30 -9.96 -10.57 -50.48
C TYR E 30 -9.06 -11.24 -49.46
N VAL E 31 -9.66 -11.61 -48.33
CA VAL E 31 -8.94 -12.39 -47.32
C VAL E 31 -9.85 -13.52 -46.83
N ILE E 32 -9.30 -14.74 -46.81
CA ILE E 32 -9.99 -15.87 -46.21
C ILE E 32 -9.58 -15.93 -44.73
N MET E 33 -10.57 -16.04 -43.85
CA MET E 33 -10.30 -15.86 -42.43
C MET E 33 -10.94 -16.99 -41.63
N THR E 34 -10.17 -17.58 -40.73
CA THR E 34 -10.65 -18.64 -39.84
C THR E 34 -10.53 -18.17 -38.40
N THR E 35 -11.63 -18.25 -37.66
CA THR E 35 -11.64 -17.87 -36.26
C THR E 35 -11.44 -19.10 -35.38
N ALA E 36 -11.61 -18.91 -34.06
CA ALA E 36 -11.22 -19.95 -33.12
C ALA E 36 -12.14 -21.15 -33.15
N HIS E 37 -13.41 -20.97 -33.51
CA HIS E 37 -14.38 -22.06 -33.51
C HIS E 37 -14.57 -22.69 -34.87
N LYS E 38 -13.67 -22.41 -35.82
CA LYS E 38 -13.67 -23.01 -37.16
C LYS E 38 -14.91 -22.62 -37.99
N GLU E 39 -15.17 -21.32 -38.08
CA GLU E 39 -16.03 -20.77 -39.11
C GLU E 39 -15.22 -19.98 -40.13
N LYS E 40 -15.55 -20.17 -41.40
CA LYS E 40 -14.87 -19.54 -42.53
C LYS E 40 -15.55 -18.23 -42.89
N TYR E 41 -14.76 -17.17 -43.06
CA TYR E 41 -15.29 -15.89 -43.50
C TYR E 41 -14.47 -15.36 -44.66
N LYS E 42 -15.14 -14.84 -45.67
CA LYS E 42 -14.51 -14.26 -46.87
C LYS E 42 -14.68 -12.75 -46.73
N CYS E 43 -13.63 -12.05 -46.29
CA CYS E 43 -13.76 -10.61 -46.06
C CYS E 43 -13.17 -9.83 -47.23
N ILE E 44 -14.01 -9.00 -47.83
CA ILE E 44 -13.64 -8.12 -48.93
C ILE E 44 -13.50 -6.71 -48.37
N LEU E 45 -12.57 -5.97 -48.97
CA LEU E 45 -12.12 -4.64 -48.59
C LEU E 45 -12.42 -3.61 -49.67
N PRO E 46 -12.68 -2.37 -49.28
CA PRO E 46 -12.89 -1.31 -50.26
C PRO E 46 -11.56 -0.69 -50.67
N LEU E 47 -11.55 -0.12 -51.88
CA LEU E 47 -10.35 0.60 -52.32
C LEU E 47 -10.23 1.90 -51.53
N VAL E 48 -9.02 2.15 -51.02
CA VAL E 48 -8.77 3.32 -50.17
C VAL E 48 -8.39 4.46 -51.11
N THR E 49 -9.42 5.11 -51.67
CA THR E 49 -9.22 6.27 -52.51
C THR E 49 -9.82 7.53 -51.88
N SER E 50 -11.12 7.52 -51.59
CA SER E 50 -11.85 8.64 -51.00
C SER E 50 -11.61 9.94 -51.77
N GLY E 51 -11.50 9.83 -53.10
CA GLY E 51 -11.15 10.95 -53.93
C GLY E 51 -12.37 11.68 -54.47
N ASP E 52 -12.09 12.77 -55.18
CA ASP E 52 -13.09 13.61 -55.85
C ASP E 52 -14.08 14.23 -54.87
N GLU E 53 -15.01 15.03 -55.41
CA GLU E 53 -16.05 15.64 -54.59
C GLU E 53 -17.41 15.56 -55.27
N GLU E 54 -17.65 14.49 -56.03
CA GLU E 54 -18.89 14.32 -56.78
C GLU E 54 -20.02 13.87 -55.86
N GLU E 55 -20.38 14.74 -54.92
CA GLU E 55 -21.45 14.50 -53.98
C GLU E 55 -22.74 15.21 -54.38
N GLU E 56 -22.78 15.78 -55.59
CA GLU E 56 -23.94 16.51 -56.12
C GLU E 56 -24.31 17.68 -55.21
N LYS E 57 -23.36 18.61 -55.07
CA LYS E 57 -23.54 19.80 -54.24
C LYS E 57 -24.47 20.77 -54.97
N ASP E 58 -25.77 20.52 -54.84
CA ASP E 58 -26.80 21.34 -55.48
C ASP E 58 -27.87 21.63 -54.44
N TYR E 59 -27.83 22.84 -53.88
CA TYR E 59 -28.81 23.27 -52.89
C TYR E 59 -29.27 24.69 -53.22
N LYS E 60 -30.58 24.91 -53.11
CA LYS E 60 -31.17 26.23 -53.35
C LYS E 60 -31.42 26.98 -52.05
N GLY E 61 -30.54 26.80 -51.06
CA GLY E 61 -30.73 27.41 -49.76
C GLY E 61 -30.50 28.90 -49.79
N PRO E 62 -30.72 29.55 -48.66
CA PRO E 62 -30.63 31.01 -48.59
C PRO E 62 -29.17 31.46 -48.53
N ASN E 63 -29.00 32.79 -48.48
CA ASN E 63 -27.68 33.38 -48.45
C ASN E 63 -27.02 33.15 -47.09
N PRO E 64 -25.69 33.28 -47.02
CA PRO E 64 -25.01 33.11 -45.73
C PRO E 64 -25.47 34.08 -44.66
N ARG E 65 -25.83 35.31 -45.05
CA ARG E 65 -26.31 36.29 -44.08
C ARG E 65 -27.68 35.94 -43.51
N GLU E 66 -28.45 35.11 -44.21
CA GLU E 66 -29.77 34.72 -43.72
C GLU E 66 -29.67 33.95 -42.40
N LEU E 67 -28.72 33.02 -42.31
CA LEU E 67 -28.50 32.28 -41.07
C LEU E 67 -27.80 33.11 -40.00
N LEU E 68 -27.23 34.25 -40.35
CA LEU E 68 -26.54 35.09 -39.37
C LEU E 68 -27.41 36.23 -38.85
N GLU E 69 -28.41 36.65 -39.62
CA GLU E 69 -29.30 37.73 -39.16
C GLU E 69 -30.05 37.38 -37.89
N PRO E 70 -30.64 36.18 -37.75
CA PRO E 70 -31.33 35.85 -36.49
C PRO E 70 -30.40 35.86 -35.29
N LEU E 71 -29.15 35.40 -35.45
CA LEU E 71 -28.20 35.43 -34.34
C LEU E 71 -27.81 36.86 -33.98
N PHE E 72 -27.62 37.73 -34.97
CA PHE E 72 -27.30 39.12 -34.70
C PHE E 72 -28.47 39.83 -34.04
N LYS E 73 -29.69 39.50 -34.45
CA LYS E 73 -30.89 40.10 -33.87
C LYS E 73 -31.30 39.47 -32.55
N GLN E 74 -30.65 38.37 -32.15
CA GLN E 74 -31.00 37.72 -30.89
C GLN E 74 -30.66 38.60 -29.70
N SER E 75 -29.56 39.35 -29.79
CA SER E 75 -29.06 40.25 -28.75
C SER E 75 -28.75 39.52 -27.43
N SER E 76 -28.51 38.22 -27.50
CA SER E 76 -28.11 37.43 -26.32
C SER E 76 -26.75 36.82 -26.64
N CYS E 77 -25.71 37.35 -26.01
CA CYS E 77 -24.34 37.04 -26.36
C CYS E 77 -23.53 36.51 -25.17
N SER E 78 -22.41 35.87 -25.51
CA SER E 78 -21.64 35.04 -24.60
C SER E 78 -20.40 35.77 -24.07
N TYR E 79 -19.67 35.10 -23.19
CA TYR E 79 -18.49 35.60 -22.52
C TYR E 79 -17.38 34.56 -22.60
N ARG E 80 -16.18 34.96 -22.18
CA ARG E 80 -15.04 34.06 -22.09
C ARG E 80 -14.02 34.66 -21.14
N ILE E 81 -13.40 33.80 -20.33
CA ILE E 81 -12.44 34.21 -19.32
C ILE E 81 -11.07 33.70 -19.74
N GLU E 82 -10.08 34.58 -19.68
CA GLU E 82 -8.70 34.27 -20.00
C GLU E 82 -7.87 34.29 -18.72
N SER E 83 -6.55 34.16 -18.87
CA SER E 83 -5.65 34.19 -17.72
C SER E 83 -5.72 35.54 -17.02
N TYR E 84 -5.75 36.63 -17.78
CA TYR E 84 -5.86 37.97 -17.19
C TYR E 84 -7.13 38.69 -17.62
N TRP E 85 -7.41 38.72 -18.93
CA TRP E 85 -8.49 39.53 -19.45
C TRP E 85 -9.78 38.71 -19.49
N THR E 86 -10.83 39.26 -20.10
CA THR E 86 -12.07 38.52 -20.32
C THR E 86 -12.75 39.09 -21.55
N TYR E 87 -12.66 38.36 -22.66
CA TYR E 87 -13.09 38.85 -23.96
C TYR E 87 -14.57 38.56 -24.13
N GLU E 88 -15.41 39.60 -24.05
CA GLU E 88 -16.85 39.44 -24.24
C GLU E 88 -17.17 39.87 -25.67
N VAL E 89 -17.73 38.95 -26.44
CA VAL E 89 -18.06 39.19 -27.84
C VAL E 89 -19.57 39.14 -28.00
N CYS E 90 -20.13 40.18 -28.62
CA CYS E 90 -21.56 40.29 -28.79
C CYS E 90 -21.80 40.48 -30.28
N HIS E 91 -22.28 39.40 -30.90
CA HIS E 91 -22.32 39.26 -32.36
C HIS E 91 -23.20 40.32 -32.97
N GLY E 92 -22.63 41.10 -33.88
CA GLY E 92 -23.36 42.12 -34.58
C GLY E 92 -23.42 43.43 -33.85
N LYS E 93 -22.99 43.48 -32.59
CA LYS E 93 -23.06 44.71 -31.80
C LYS E 93 -21.68 45.26 -31.47
N HIS E 94 -20.82 44.48 -30.79
CA HIS E 94 -19.44 44.90 -30.48
C HIS E 94 -18.72 43.83 -29.67
N ILE E 95 -17.39 43.95 -29.62
CA ILE E 95 -16.56 43.08 -28.78
C ILE E 95 -15.79 43.94 -27.80
N ARG E 96 -15.90 43.60 -26.52
CA ARG E 96 -15.33 44.35 -25.42
C ARG E 96 -14.23 43.50 -24.78
N GLN E 97 -13.01 44.00 -24.76
CA GLN E 97 -11.92 43.37 -24.03
C GLN E 97 -11.61 44.21 -22.80
N TYR E 98 -11.61 43.56 -21.63
CA TYR E 98 -11.42 44.30 -20.39
C TYR E 98 -10.89 43.37 -19.32
N HIS E 99 -10.55 43.97 -18.18
CA HIS E 99 -10.16 43.27 -16.98
C HIS E 99 -10.60 44.10 -15.79
N GLU E 100 -11.26 43.48 -14.82
CA GLU E 100 -11.75 44.17 -13.64
C GLU E 100 -10.75 44.04 -12.51
N GLU E 101 -10.24 45.17 -12.03
CA GLU E 101 -9.30 45.25 -10.93
C GLU E 101 -10.07 45.59 -9.67
N LYS E 102 -9.93 44.77 -8.64
CA LYS E 102 -10.66 44.91 -7.39
C LYS E 102 -9.75 45.57 -6.37
N GLU E 103 -9.94 46.88 -6.17
CA GLU E 103 -9.21 47.58 -5.14
C GLU E 103 -9.73 47.19 -3.76
N THR E 104 -8.99 47.57 -2.73
CA THR E 104 -9.25 47.12 -1.36
C THR E 104 -10.35 47.98 -0.74
N GLY E 105 -11.59 47.70 -1.14
CA GLY E 105 -12.72 48.21 -0.41
C GLY E 105 -13.72 49.07 -1.17
N GLN E 106 -13.25 49.92 -2.07
CA GLN E 106 -14.19 50.88 -2.65
C GLN E 106 -14.14 50.93 -4.17
N LYS E 107 -12.96 50.83 -4.78
CA LYS E 107 -12.82 51.03 -6.21
C LYS E 107 -12.86 49.71 -6.97
N ILE E 108 -13.46 49.74 -8.16
CA ILE E 108 -13.50 48.61 -9.08
C ILE E 108 -13.15 49.18 -10.45
N ASN E 109 -11.87 49.10 -10.81
CA ASN E 109 -11.40 49.68 -12.06
C ASN E 109 -11.62 48.72 -13.22
N ILE E 110 -12.17 49.24 -14.32
CA ILE E 110 -12.38 48.43 -15.52
C ILE E 110 -11.50 49.02 -16.62
N HIS E 111 -10.55 48.22 -17.10
CA HIS E 111 -9.65 48.63 -18.17
C HIS E 111 -10.26 48.17 -19.49
N GLU E 112 -11.13 49.00 -20.05
CA GLU E 112 -11.85 48.63 -21.27
C GLU E 112 -11.02 48.95 -22.50
N TYR E 113 -11.07 48.04 -23.46
CA TYR E 113 -10.51 48.27 -24.79
C TYR E 113 -11.55 47.86 -25.82
N TYR E 114 -11.80 48.74 -26.79
CA TYR E 114 -12.86 48.53 -27.77
C TYR E 114 -12.30 47.84 -29.01
N LEU E 115 -12.88 46.70 -29.36
CA LEU E 115 -12.40 45.95 -30.52
C LEU E 115 -13.11 46.35 -31.81
N GLY E 116 -14.09 47.25 -31.74
CA GLY E 116 -14.68 47.80 -32.94
C GLY E 116 -16.18 48.01 -32.79
N ASN E 117 -16.81 48.32 -33.94
CA ASN E 117 -18.23 48.58 -34.04
C ASN E 117 -18.62 48.53 -35.51
N MET E 118 -19.92 48.35 -35.77
CA MET E 118 -20.45 48.48 -37.11
C MET E 118 -21.45 49.62 -37.15
N LEU E 119 -21.37 50.43 -38.20
CA LEU E 119 -22.28 51.56 -38.38
C LEU E 119 -23.32 51.27 -39.46
N SER E 137 -16.94 35.95 -55.92
CA SER E 137 -16.52 35.00 -54.90
C SER E 137 -16.98 33.60 -55.25
N ASN E 138 -16.16 32.88 -56.02
CA ASN E 138 -16.50 31.52 -56.43
C ASN E 138 -15.92 30.47 -55.49
N GLU E 139 -14.73 30.71 -54.94
CA GLU E 139 -14.10 29.78 -54.01
C GLU E 139 -14.18 30.33 -52.60
N ILE E 140 -14.78 29.57 -51.70
CA ILE E 140 -14.96 30.02 -50.31
C ILE E 140 -13.61 29.95 -49.59
N PRO E 141 -13.15 31.04 -48.98
CA PRO E 141 -11.89 30.98 -48.22
C PRO E 141 -11.99 30.01 -47.05
N THR E 142 -10.91 29.25 -46.85
CA THR E 142 -10.84 28.19 -45.87
C THR E 142 -9.69 28.44 -44.90
N LYS E 143 -9.88 28.04 -43.63
CA LYS E 143 -8.89 28.27 -42.59
C LYS E 143 -8.55 26.96 -41.90
N ASN E 144 -7.29 26.82 -41.49
CA ASN E 144 -6.81 25.62 -40.84
C ASN E 144 -6.86 25.82 -39.33
N ILE E 145 -7.49 24.89 -38.62
CA ILE E 145 -7.51 24.88 -37.16
C ILE E 145 -7.00 23.51 -36.73
N GLU E 146 -6.12 23.48 -35.73
CA GLU E 146 -5.58 22.28 -35.09
C GLU E 146 -5.18 21.18 -36.08
N GLY E 147 -4.67 21.57 -37.24
CA GLY E 147 -4.23 20.66 -38.28
C GLY E 147 -5.28 20.15 -39.24
N GLN E 148 -6.50 20.69 -39.17
CA GLN E 148 -7.61 20.30 -40.04
C GLN E 148 -8.07 21.52 -40.82
N MET E 149 -8.29 21.33 -42.11
CA MET E 149 -8.59 22.41 -43.05
C MET E 149 -10.11 22.51 -43.20
N THR E 150 -10.70 23.63 -42.77
CA THR E 150 -12.17 23.75 -42.79
C THR E 150 -12.60 25.10 -43.34
N PRO E 151 -13.64 25.13 -44.17
CA PRO E 151 -14.10 26.41 -44.73
C PRO E 151 -15.01 27.13 -43.75
N TYR E 152 -14.96 28.45 -43.79
CA TYR E 152 -15.60 29.30 -42.79
C TYR E 152 -16.46 30.40 -43.39
N TYR E 153 -16.91 31.33 -42.53
CA TYR E 153 -17.50 32.56 -43.06
C TYR E 153 -17.03 33.72 -42.19
N PRO E 154 -16.30 34.67 -42.75
CA PRO E 154 -15.76 35.77 -41.94
C PRO E 154 -16.67 36.98 -41.91
N VAL E 155 -16.32 37.91 -41.02
CA VAL E 155 -17.00 39.19 -40.88
C VAL E 155 -15.91 40.24 -40.76
N GLY E 156 -15.63 40.94 -41.87
CA GLY E 156 -14.69 42.04 -41.85
C GLY E 156 -15.19 43.19 -40.96
N MET E 157 -14.28 43.76 -40.19
CA MET E 157 -14.67 44.70 -39.14
C MET E 157 -13.44 45.45 -38.67
N GLY E 158 -13.63 46.73 -38.31
CA GLY E 158 -12.53 47.55 -37.85
C GLY E 158 -12.89 48.61 -36.85
N ASN E 159 -12.35 49.82 -37.07
CA ASN E 159 -12.63 51.08 -36.33
C ASN E 159 -12.87 50.88 -34.83
N GLY E 160 -11.90 50.23 -34.20
CA GLY E 160 -11.87 50.10 -32.75
C GLY E 160 -11.26 51.32 -32.08
N THR E 161 -10.85 51.14 -30.83
CA THR E 161 -10.11 52.18 -30.16
C THR E 161 -8.70 52.28 -30.74
N PRO E 162 -8.15 53.50 -30.81
CA PRO E 162 -6.77 53.66 -31.31
C PRO E 162 -5.78 52.88 -30.47
N CYS E 163 -4.82 52.24 -31.14
CA CYS E 163 -3.74 51.54 -30.47
C CYS E 163 -2.50 52.41 -30.49
N SER E 164 -2.02 52.77 -29.30
CA SER E 164 -0.93 53.71 -29.12
C SER E 164 0.39 53.26 -29.75
N LEU E 165 0.58 51.96 -29.97
CA LEU E 165 1.85 51.54 -30.57
C LEU E 165 1.97 51.92 -32.03
N LYS E 166 0.86 52.21 -32.71
CA LYS E 166 0.88 52.54 -34.13
C LYS E 166 0.34 53.93 -34.42
N GLN E 167 0.78 54.95 -33.66
CA GLN E 167 0.29 56.33 -33.75
C GLN E 167 -1.22 56.42 -33.97
N ASN E 168 -1.94 55.78 -33.04
CA ASN E 168 -3.39 55.84 -32.91
C ASN E 168 -4.23 55.36 -34.11
N ARG E 169 -3.80 54.31 -34.81
CA ARG E 169 -4.73 53.73 -35.80
C ARG E 169 -5.81 52.96 -35.05
N PRO E 170 -7.09 53.26 -35.28
CA PRO E 170 -8.16 52.48 -34.63
C PRO E 170 -8.03 50.99 -34.94
N ARG E 171 -8.33 50.17 -33.94
CA ARG E 171 -8.14 48.73 -34.03
C ARG E 171 -9.08 48.10 -35.04
N SER E 172 -8.73 46.89 -35.45
CA SER E 172 -9.59 46.07 -36.29
C SER E 172 -9.74 44.69 -35.67
N SER E 173 -10.81 44.00 -36.05
CA SER E 173 -11.06 42.65 -35.57
C SER E 173 -11.83 41.90 -36.64
N THR E 174 -11.54 40.62 -36.80
CA THR E 174 -12.23 39.77 -37.76
C THR E 174 -13.04 38.72 -37.03
N VAL E 175 -14.32 38.60 -37.38
CA VAL E 175 -15.20 37.65 -36.73
C VAL E 175 -15.21 36.39 -37.59
N MET E 176 -14.77 35.29 -37.02
CA MET E 176 -14.53 34.04 -37.71
C MET E 176 -15.69 33.11 -37.40
N TYR E 177 -16.33 32.54 -38.42
CA TYR E 177 -17.49 31.68 -38.19
C TYR E 177 -17.15 30.28 -38.66
N ILE E 178 -17.25 29.32 -37.75
CA ILE E 178 -17.08 27.90 -38.02
C ILE E 178 -18.11 27.16 -37.17
N CYS E 179 -18.91 26.32 -37.82
CA CYS E 179 -20.03 25.73 -37.12
C CYS E 179 -19.58 24.48 -36.36
N HIS E 180 -20.49 23.96 -35.54
CA HIS E 180 -20.24 22.79 -34.72
C HIS E 180 -21.65 22.33 -34.36
N PRO E 181 -22.04 21.05 -34.61
CA PRO E 181 -23.42 20.69 -34.35
C PRO E 181 -23.98 20.93 -32.94
N GLU E 182 -23.21 20.75 -31.87
CA GLU E 182 -23.62 21.14 -30.52
C GLU E 182 -22.87 22.44 -30.24
N SER E 183 -23.62 23.53 -30.12
CA SER E 183 -23.03 24.84 -29.96
C SER E 183 -23.91 25.74 -29.12
N LYS E 184 -23.27 26.72 -28.47
CA LYS E 184 -23.93 27.69 -27.62
C LYS E 184 -23.42 29.10 -27.90
N HIS E 185 -23.01 29.37 -29.14
CA HIS E 185 -22.45 30.67 -29.55
C HIS E 185 -21.23 31.00 -28.68
N GLU E 186 -20.34 30.02 -28.56
CA GLU E 186 -19.16 30.07 -27.72
C GLU E 186 -17.92 30.46 -28.52
N ILE E 187 -16.88 30.87 -27.80
CA ILE E 187 -15.60 31.23 -28.39
C ILE E 187 -14.63 30.08 -28.17
N LEU E 188 -14.07 29.55 -29.25
CA LEU E 188 -13.08 28.50 -29.15
C LEU E 188 -11.69 29.07 -28.96
N SER E 189 -11.32 30.06 -29.76
CA SER E 189 -9.99 30.63 -29.74
C SER E 189 -10.07 32.11 -30.06
N VAL E 190 -9.11 32.86 -29.53
CA VAL E 190 -8.92 34.27 -29.85
C VAL E 190 -7.45 34.46 -30.23
N ALA E 191 -7.21 35.20 -31.30
CA ALA E 191 -5.88 35.29 -31.87
C ALA E 191 -5.49 36.75 -32.04
N GLU E 192 -4.17 36.99 -32.02
CA GLU E 192 -3.60 38.30 -32.24
C GLU E 192 -2.63 38.15 -33.41
N VAL E 193 -3.15 38.28 -34.64
CA VAL E 193 -2.28 38.13 -35.81
C VAL E 193 -1.24 39.24 -35.86
N THR E 194 -1.62 40.45 -35.45
CA THR E 194 -0.68 41.57 -35.32
C THR E 194 -1.16 42.39 -34.12
N THR E 195 -0.28 43.23 -33.59
CA THR E 195 -0.64 44.06 -32.44
C THR E 195 -1.81 44.96 -32.79
N CYS E 196 -2.78 45.02 -31.88
CA CYS E 196 -4.02 45.81 -31.99
C CYS E 196 -4.85 45.44 -33.22
N GLU E 197 -4.60 44.28 -33.84
CA GLU E 197 -5.47 43.72 -34.86
C GLU E 197 -5.84 42.32 -34.42
N TYR E 198 -7.12 42.02 -34.35
CA TYR E 198 -7.56 40.83 -33.63
C TYR E 198 -8.40 39.91 -34.51
N GLU E 199 -8.45 38.65 -34.10
CA GLU E 199 -9.21 37.62 -34.79
C GLU E 199 -9.89 36.77 -33.73
N VAL E 200 -11.21 36.68 -33.77
CA VAL E 200 -11.95 35.93 -32.77
C VAL E 200 -12.92 34.99 -33.49
N VAL E 201 -13.10 33.79 -32.95
CA VAL E 201 -13.90 32.76 -33.61
C VAL E 201 -15.16 32.49 -32.79
N ILE E 202 -16.22 32.12 -33.49
CA ILE E 202 -17.54 31.86 -32.90
C ILE E 202 -18.06 30.57 -33.49
N LEU E 203 -18.56 29.69 -32.64
CA LEU E 203 -19.12 28.40 -33.05
C LEU E 203 -20.63 28.39 -32.80
N THR E 204 -21.39 28.14 -33.87
CA THR E 204 -22.84 28.19 -33.93
C THR E 204 -23.38 26.94 -34.63
N PRO E 205 -24.56 26.47 -34.26
CA PRO E 205 -25.08 25.23 -34.89
C PRO E 205 -25.90 25.42 -36.16
N LEU E 206 -25.85 26.58 -36.80
CA LEU E 206 -26.85 26.96 -37.79
C LEU E 206 -26.32 27.03 -39.22
N LEU E 207 -25.19 27.72 -39.44
CA LEU E 207 -24.83 28.19 -40.77
C LEU E 207 -24.34 27.09 -41.71
N CYS E 208 -24.10 25.88 -41.23
CA CYS E 208 -23.63 24.79 -42.07
C CYS E 208 -24.75 23.99 -42.70
N SER E 209 -26.00 24.45 -42.59
CA SER E 209 -27.05 23.95 -43.49
C SER E 209 -26.76 24.32 -44.93
N HIS E 210 -25.91 25.32 -45.17
CA HIS E 210 -25.45 25.63 -46.50
C HIS E 210 -24.49 24.54 -46.99
N PRO E 211 -24.38 24.36 -48.31
CA PRO E 211 -23.60 23.22 -48.84
C PRO E 211 -22.14 23.15 -48.39
N LYS E 212 -21.46 24.29 -48.24
CA LYS E 212 -20.01 24.27 -48.19
C LYS E 212 -19.43 24.32 -46.78
N TYR E 213 -20.12 24.94 -45.83
CA TYR E 213 -19.54 25.20 -44.50
C TYR E 213 -19.81 24.08 -43.51
N ARG E 214 -20.09 22.87 -43.97
CA ARG E 214 -20.30 21.71 -43.11
C ARG E 214 -18.96 21.00 -43.00
N PHE E 215 -18.69 20.33 -41.86
CA PHE E 215 -17.37 19.72 -41.70
C PHE E 215 -17.21 18.59 -42.70
N ARG E 216 -16.03 18.49 -43.30
CA ARG E 216 -15.79 17.51 -44.35
C ARG E 216 -15.43 16.19 -43.67
N ALA E 217 -16.47 15.41 -43.39
CA ALA E 217 -16.28 14.05 -42.90
C ALA E 217 -15.84 13.14 -44.04
N SER E 218 -14.75 12.41 -43.82
CA SER E 218 -14.32 11.40 -44.77
C SER E 218 -15.34 10.26 -44.86
N PRO E 219 -15.65 9.79 -46.07
CA PRO E 219 -16.60 8.68 -46.22
C PRO E 219 -16.12 7.43 -45.51
N VAL E 220 -17.05 6.72 -44.87
CA VAL E 220 -16.71 5.55 -44.07
C VAL E 220 -16.60 4.35 -45.00
N ASN E 221 -15.36 3.96 -45.31
CA ASN E 221 -15.09 2.81 -46.18
C ASN E 221 -15.52 1.53 -45.47
N ASP E 222 -16.65 0.98 -45.87
CA ASP E 222 -17.17 -0.24 -45.27
C ASP E 222 -16.43 -1.47 -45.79
N ILE E 223 -16.23 -2.45 -44.90
CA ILE E 223 -15.64 -3.74 -45.24
C ILE E 223 -16.71 -4.79 -45.02
N PHE E 224 -16.82 -5.76 -45.93
CA PHE E 224 -17.85 -6.78 -45.80
C PHE E 224 -17.23 -8.15 -45.61
N CYS E 225 -17.75 -8.91 -44.65
CA CYS E 225 -17.25 -10.27 -44.39
C CYS E 225 -18.35 -11.26 -44.74
N GLN E 226 -18.27 -11.79 -45.96
CA GLN E 226 -19.20 -12.80 -46.42
C GLN E 226 -19.07 -14.07 -45.58
N SER E 227 -20.19 -14.74 -45.36
CA SER E 227 -20.21 -15.99 -44.61
C SER E 227 -20.36 -17.14 -45.60
N LEU E 228 -19.32 -17.96 -45.73
CA LEU E 228 -19.37 -19.10 -46.63
C LEU E 228 -20.34 -20.15 -46.09
N PRO E 229 -20.85 -21.03 -46.97
CA PRO E 229 -21.77 -22.07 -46.51
C PRO E 229 -21.15 -22.94 -45.42
N GLY E 230 -21.98 -23.35 -44.46
CA GLY E 230 -21.54 -24.12 -43.32
C GLY E 230 -21.20 -23.28 -42.10
N SER E 231 -21.32 -21.96 -42.19
CA SER E 231 -21.01 -21.06 -41.10
C SER E 231 -22.12 -20.03 -40.93
N PRO E 232 -22.38 -19.59 -39.69
CA PRO E 232 -23.36 -18.53 -39.49
C PRO E 232 -22.85 -17.19 -39.98
N PHE E 233 -23.80 -16.30 -40.25
CA PHE E 233 -23.47 -14.96 -40.72
C PHE E 233 -22.93 -14.05 -39.62
N LYS E 234 -22.93 -14.51 -38.38
CA LYS E 234 -22.46 -13.71 -37.25
C LYS E 234 -21.67 -14.62 -36.31
N PRO E 235 -20.41 -14.28 -36.00
CA PRO E 235 -19.63 -15.11 -35.09
C PRO E 235 -20.24 -15.16 -33.69
N LEU E 236 -20.04 -16.29 -33.02
CA LEU E 236 -20.70 -16.56 -31.74
C LEU E 236 -20.23 -15.60 -30.66
N THR E 237 -18.92 -15.38 -30.56
CA THR E 237 -18.40 -14.45 -29.54
C THR E 237 -18.93 -13.04 -29.75
N LEU E 238 -18.93 -12.57 -31.00
CA LEU E 238 -19.56 -11.28 -31.29
C LEU E 238 -21.05 -11.31 -31.03
N ARG E 239 -21.69 -12.45 -31.29
CA ARG E 239 -23.13 -12.57 -31.06
C ARG E 239 -23.47 -12.37 -29.59
N GLN E 240 -22.68 -12.96 -28.69
CA GLN E 240 -22.97 -12.73 -27.27
C GLN E 240 -22.52 -11.35 -26.79
N LEU E 241 -21.39 -10.84 -27.30
CA LEU E 241 -20.95 -9.51 -26.90
C LEU E 241 -21.94 -8.42 -27.34
N GLU E 242 -22.68 -8.69 -28.42
CA GLU E 242 -23.66 -7.73 -28.92
C GLU E 242 -24.76 -7.49 -27.88
N GLN E 243 -25.38 -8.56 -27.37
CA GLN E 243 -26.43 -8.30 -26.40
C GLN E 243 -25.85 -8.01 -25.03
N GLN E 244 -24.60 -8.43 -24.78
CA GLN E 244 -23.92 -8.10 -23.53
C GLN E 244 -23.82 -6.59 -23.36
N GLU E 245 -23.39 -5.89 -24.42
CA GLU E 245 -23.28 -4.43 -24.32
C GLU E 245 -24.64 -3.77 -24.11
N GLU E 246 -25.68 -4.23 -24.80
CA GLU E 246 -26.96 -3.52 -24.68
C GLU E 246 -27.66 -3.83 -23.36
N ILE E 247 -27.48 -5.02 -22.79
CA ILE E 247 -28.00 -5.23 -21.45
C ILE E 247 -27.18 -4.46 -20.42
N LEU E 248 -25.87 -4.34 -20.64
CA LEU E 248 -25.05 -3.52 -19.76
C LEU E 248 -25.16 -2.03 -20.07
N ARG E 249 -25.84 -1.66 -21.15
CA ARG E 249 -26.00 -0.25 -21.51
C ARG E 249 -26.96 0.46 -20.55
N LEU F 1 -31.16 -13.31 26.39
CA LEU F 1 -32.38 -12.54 26.60
C LEU F 1 -33.25 -12.54 25.35
N SER F 2 -33.48 -13.73 24.80
CA SER F 2 -34.33 -13.94 23.62
C SER F 2 -33.84 -13.10 22.44
N ASP F 3 -32.63 -13.41 21.98
CA ASP F 3 -32.08 -12.74 20.81
C ASP F 3 -32.84 -13.12 19.54
N ASP F 4 -33.28 -14.37 19.44
CA ASP F 4 -33.82 -14.92 18.22
C ASP F 4 -35.27 -14.53 17.98
N ILE F 5 -35.80 -13.56 18.73
CA ILE F 5 -37.16 -13.07 18.48
C ILE F 5 -37.12 -12.08 17.30
N PRO F 6 -37.92 -12.28 16.27
CA PRO F 6 -37.88 -11.38 15.12
C PRO F 6 -38.88 -10.24 15.26
N PHE F 7 -38.64 -9.20 14.46
CA PHE F 7 -39.55 -8.08 14.41
C PHE F 7 -39.43 -7.43 13.03
N ARG F 8 -40.45 -6.65 12.68
CA ARG F 8 -40.48 -5.94 11.41
C ARG F 8 -41.52 -4.83 11.55
N VAL F 9 -41.14 -3.61 11.20
CA VAL F 9 -42.00 -2.45 11.31
C VAL F 9 -42.61 -2.13 9.96
N ASN F 10 -43.92 -1.96 9.93
CA ASN F 10 -44.62 -1.60 8.70
C ASN F 10 -45.51 -0.40 8.97
N TRP F 11 -45.97 0.24 7.88
CA TRP F 11 -46.77 1.46 7.95
C TRP F 11 -48.09 1.22 7.23
N PRO F 12 -49.09 0.65 7.90
CA PRO F 12 -50.38 0.39 7.24
C PRO F 12 -51.17 1.63 6.89
N GLY F 13 -50.74 2.82 7.31
CA GLY F 13 -51.47 4.02 7.00
C GLY F 13 -52.09 4.65 8.22
N THR F 14 -53.20 5.38 8.02
CA THR F 14 -53.87 6.09 9.12
C THR F 14 -54.86 5.19 9.85
N GLU F 15 -55.86 4.67 9.13
CA GLU F 15 -56.88 3.84 9.73
C GLU F 15 -56.43 2.37 9.69
N PHE F 16 -56.39 1.73 10.85
CA PHE F 16 -55.97 0.35 10.94
C PHE F 16 -56.53 -0.25 12.23
N SER F 17 -56.79 -1.55 12.19
CA SER F 17 -57.30 -2.30 13.34
C SER F 17 -56.27 -3.33 13.77
N LEU F 18 -56.05 -3.40 15.08
CA LEU F 18 -55.06 -4.33 15.62
C LEU F 18 -55.55 -5.77 15.43
N PRO F 19 -54.73 -6.66 14.85
CA PRO F 19 -55.17 -8.05 14.70
C PRO F 19 -55.30 -8.75 16.05
N THR F 20 -56.23 -9.70 16.09
CA THR F 20 -56.50 -10.49 17.29
C THR F 20 -55.82 -11.84 17.29
N THR F 21 -55.80 -12.53 16.15
CA THR F 21 -55.16 -13.84 16.07
C THR F 21 -53.65 -13.72 16.17
N GLY F 22 -53.02 -14.76 16.72
CA GLY F 22 -51.58 -14.75 16.88
C GLY F 22 -51.14 -14.07 18.17
N VAL F 23 -50.69 -12.82 18.04
CA VAL F 23 -50.31 -12.01 19.19
C VAL F 23 -51.41 -11.00 19.46
N LEU F 24 -51.36 -10.41 20.65
CA LEU F 24 -52.32 -9.40 21.08
C LEU F 24 -51.62 -8.04 21.15
N TYR F 25 -52.35 -6.99 20.78
CA TYR F 25 -51.84 -5.63 20.77
C TYR F 25 -52.60 -4.78 21.78
N LYS F 26 -51.87 -4.13 22.68
CA LYS F 26 -52.47 -3.28 23.70
C LYS F 26 -52.42 -1.82 23.23
N GLU F 27 -52.83 -0.91 24.13
CA GLU F 27 -52.87 0.52 23.83
C GLU F 27 -51.94 1.35 24.70
N ASP F 28 -51.64 0.92 25.94
CA ASP F 28 -50.77 1.65 26.84
C ASP F 28 -49.29 1.58 26.45
N ASN F 29 -48.94 0.67 25.55
CA ASN F 29 -47.57 0.47 25.08
C ASN F 29 -47.17 1.45 24.00
N TYR F 30 -48.11 2.30 23.56
CA TYR F 30 -47.88 3.30 22.53
C TYR F 30 -46.71 4.23 22.86
N VAL F 31 -46.12 4.79 21.80
CA VAL F 31 -44.99 5.69 21.88
C VAL F 31 -45.23 6.87 20.93
N ILE F 32 -45.08 8.08 21.47
CA ILE F 32 -44.97 9.33 20.72
C ILE F 32 -43.74 9.30 19.81
N MET F 33 -43.89 9.81 18.59
CA MET F 33 -42.73 9.90 17.71
C MET F 33 -42.79 11.13 16.82
N THR F 34 -41.60 11.68 16.55
CA THR F 34 -41.44 12.82 15.67
C THR F 34 -40.16 12.61 14.86
N THR F 35 -40.19 13.04 13.61
CA THR F 35 -39.09 12.84 12.69
C THR F 35 -38.27 14.12 12.61
N ALA F 36 -37.15 14.05 11.87
CA ALA F 36 -36.29 15.22 11.74
C ALA F 36 -36.95 16.31 10.89
N HIS F 37 -37.90 15.93 10.04
CA HIS F 37 -38.65 16.87 9.20
C HIS F 37 -40.05 17.14 9.74
N LYS F 38 -40.21 17.08 11.06
CA LYS F 38 -41.44 17.44 11.78
C LYS F 38 -42.68 16.68 11.27
N GLU F 39 -42.59 15.36 11.41
CA GLU F 39 -43.70 14.46 11.11
C GLU F 39 -44.08 13.70 12.38
N LYS F 40 -45.37 13.71 12.72
CA LYS F 40 -45.85 13.18 13.99
C LYS F 40 -46.37 11.77 13.75
N TYR F 41 -45.84 10.80 14.49
CA TYR F 41 -46.19 9.40 14.34
C TYR F 41 -46.58 8.83 15.70
N LYS F 42 -47.48 7.86 15.68
CA LYS F 42 -48.00 7.25 16.91
C LYS F 42 -47.83 5.75 16.77
N CYS F 43 -46.94 5.13 17.54
CA CYS F 43 -46.56 3.76 17.23
C CYS F 43 -46.82 2.82 18.40
N ILE F 44 -47.21 1.58 18.08
CA ILE F 44 -47.67 0.60 19.06
C ILE F 44 -46.92 -0.71 18.84
N LEU F 45 -46.72 -1.47 19.92
CA LEU F 45 -46.03 -2.75 19.85
C LEU F 45 -46.82 -3.85 20.55
N PRO F 46 -46.63 -5.10 20.11
CA PRO F 46 -47.29 -6.24 20.78
C PRO F 46 -46.49 -6.82 21.94
N LEU F 47 -47.06 -7.82 22.62
CA LEU F 47 -46.29 -8.62 23.57
C LEU F 47 -45.49 -9.68 22.83
N VAL F 48 -44.20 -9.78 23.14
CA VAL F 48 -43.31 -10.69 22.43
C VAL F 48 -43.28 -12.00 23.23
N THR F 49 -44.19 -12.91 22.87
CA THR F 49 -44.19 -14.25 23.46
C THR F 49 -43.90 -15.33 22.43
N SER F 50 -44.69 -15.40 21.36
CA SER F 50 -44.56 -16.41 20.30
C SER F 50 -44.51 -17.82 20.88
N GLY F 51 -45.34 -18.08 21.88
CA GLY F 51 -45.36 -19.36 22.55
C GLY F 51 -46.31 -20.35 21.91
N ASP F 52 -46.39 -21.53 22.52
CA ASP F 52 -47.27 -22.61 22.12
C ASP F 52 -47.01 -23.10 20.70
N GLU F 53 -47.85 -24.00 20.20
CA GLU F 53 -47.72 -24.53 18.86
C GLU F 53 -49.08 -24.56 18.16
N GLU F 54 -49.85 -23.49 18.35
CA GLU F 54 -51.19 -23.40 17.77
C GLU F 54 -51.12 -22.91 16.32
N GLU F 55 -50.38 -23.65 15.51
CA GLU F 55 -50.22 -23.36 14.09
C GLU F 55 -51.12 -24.21 13.21
N GLU F 56 -52.02 -24.98 13.81
CA GLU F 56 -52.94 -25.89 13.11
C GLU F 56 -52.16 -26.86 12.22
N LYS F 57 -51.25 -27.60 12.86
CA LYS F 57 -50.37 -28.53 12.17
C LYS F 57 -51.17 -29.76 11.76
N ASP F 58 -51.77 -29.70 10.58
CA ASP F 58 -52.52 -30.82 10.00
C ASP F 58 -51.71 -31.38 8.84
N TYR F 59 -51.37 -32.66 8.92
CA TYR F 59 -50.55 -33.32 7.91
C TYR F 59 -51.21 -34.65 7.54
N LYS F 60 -51.82 -34.69 6.36
CA LYS F 60 -52.44 -35.92 5.85
C LYS F 60 -51.46 -36.80 5.08
N GLY F 61 -50.20 -36.38 4.94
CA GLY F 61 -49.22 -37.15 4.22
C GLY F 61 -48.77 -38.37 4.97
N PRO F 62 -48.10 -39.31 4.28
CA PRO F 62 -47.62 -40.52 4.94
C PRO F 62 -46.35 -40.29 5.74
N ASN F 63 -45.78 -41.38 6.27
CA ASN F 63 -44.55 -41.29 7.04
C ASN F 63 -43.38 -40.89 6.13
N PRO F 64 -42.31 -40.36 6.73
CA PRO F 64 -41.18 -39.87 5.92
C PRO F 64 -40.31 -40.98 5.33
N ARG F 65 -40.67 -42.25 5.52
CA ARG F 65 -39.89 -43.34 4.94
C ARG F 65 -39.93 -43.32 3.41
N GLU F 66 -41.10 -43.03 2.83
CA GLU F 66 -41.21 -42.98 1.39
C GLU F 66 -40.50 -41.78 0.78
N LEU F 67 -40.28 -40.73 1.58
CA LEU F 67 -39.60 -39.54 1.08
C LEU F 67 -38.16 -39.83 0.69
N LEU F 68 -37.47 -40.67 1.48
CA LEU F 68 -36.08 -40.99 1.20
C LEU F 68 -35.90 -42.18 0.28
N GLU F 69 -36.99 -42.76 -0.23
CA GLU F 69 -36.87 -43.89 -1.15
C GLU F 69 -36.13 -43.53 -2.42
N PRO F 70 -36.41 -42.39 -3.07
CA PRO F 70 -35.69 -42.07 -4.30
C PRO F 70 -34.19 -41.93 -4.09
N LEU F 71 -33.75 -41.48 -2.91
CA LEU F 71 -32.32 -41.38 -2.67
C LEU F 71 -31.69 -42.77 -2.67
N PHE F 72 -32.39 -43.74 -2.09
CA PHE F 72 -31.92 -45.12 -2.06
C PHE F 72 -31.86 -45.71 -3.46
N LYS F 73 -32.87 -45.42 -4.28
CA LYS F 73 -32.92 -45.99 -5.63
C LYS F 73 -31.94 -45.31 -6.59
N GLN F 74 -31.70 -44.00 -6.40
CA GLN F 74 -30.82 -43.26 -7.30
C GLN F 74 -29.39 -43.76 -7.22
N SER F 75 -28.92 -44.08 -6.01
CA SER F 75 -27.56 -44.57 -5.73
C SER F 75 -26.48 -43.57 -6.15
N SER F 76 -26.83 -42.29 -6.23
CA SER F 76 -25.87 -41.23 -6.50
C SER F 76 -25.39 -40.68 -5.16
N CYS F 77 -24.08 -40.80 -4.90
CA CYS F 77 -23.53 -40.53 -3.58
C CYS F 77 -22.61 -39.31 -3.62
N SER F 78 -22.52 -38.65 -2.46
CA SER F 78 -21.62 -37.53 -2.25
C SER F 78 -20.50 -37.95 -1.30
N TYR F 79 -19.49 -37.10 -1.18
CA TYR F 79 -18.33 -37.38 -0.35
C TYR F 79 -18.10 -36.24 0.63
N ARG F 80 -17.17 -36.47 1.56
CA ARG F 80 -16.79 -35.49 2.57
C ARG F 80 -15.29 -35.60 2.82
N ILE F 81 -14.63 -34.46 2.92
CA ILE F 81 -13.19 -34.40 3.10
C ILE F 81 -12.91 -33.95 4.54
N GLU F 82 -12.13 -34.76 5.26
CA GLU F 82 -11.72 -34.47 6.62
C GLU F 82 -10.21 -34.28 6.66
N SER F 83 -9.68 -34.10 7.87
CA SER F 83 -8.25 -33.86 8.03
C SER F 83 -7.41 -35.04 7.56
N TYR F 84 -7.75 -36.24 8.00
CA TYR F 84 -7.01 -37.44 7.63
C TYR F 84 -7.85 -38.44 6.84
N TRP F 85 -8.99 -38.86 7.40
CA TRP F 85 -9.82 -39.87 6.77
C TRP F 85 -10.79 -39.24 5.77
N THR F 86 -11.39 -40.10 4.94
CA THR F 86 -12.38 -39.69 3.95
C THR F 86 -13.63 -40.51 4.19
N TYR F 87 -14.66 -39.86 4.72
CA TYR F 87 -15.93 -40.51 5.05
C TYR F 87 -16.83 -40.48 3.81
N GLU F 88 -16.99 -41.63 3.16
CA GLU F 88 -17.88 -41.77 2.02
C GLU F 88 -19.21 -42.36 2.52
N VAL F 89 -20.30 -41.62 2.32
CA VAL F 89 -21.58 -41.93 2.92
C VAL F 89 -22.61 -42.15 1.81
N CYS F 90 -23.33 -43.26 1.89
CA CYS F 90 -24.44 -43.55 1.01
C CYS F 90 -25.62 -44.04 1.84
N HIS F 91 -26.83 -43.69 1.38
CA HIS F 91 -28.05 -44.07 2.09
C HIS F 91 -28.63 -45.30 1.40
N GLY F 92 -28.82 -46.36 2.15
CA GLY F 92 -29.43 -47.57 1.66
C GLY F 92 -28.45 -48.67 1.30
N LYS F 93 -27.17 -48.35 1.15
CA LYS F 93 -26.17 -49.35 0.78
C LYS F 93 -25.16 -49.62 1.88
N HIS F 94 -24.43 -48.59 2.34
CA HIS F 94 -23.42 -48.73 3.37
C HIS F 94 -22.83 -47.34 3.66
N ILE F 95 -22.02 -47.28 4.71
CA ILE F 95 -21.21 -46.12 5.07
C ILE F 95 -19.79 -46.62 5.24
N ARG F 96 -18.85 -46.06 4.47
CA ARG F 96 -17.48 -46.53 4.47
C ARG F 96 -16.53 -45.35 4.64
N GLN F 97 -15.44 -45.58 5.34
CA GLN F 97 -14.43 -44.54 5.51
C GLN F 97 -13.07 -45.11 5.18
N TYR F 98 -12.26 -44.33 4.46
CA TYR F 98 -10.96 -44.83 4.04
C TYR F 98 -9.95 -43.70 3.98
N HIS F 99 -8.67 -44.08 4.06
CA HIS F 99 -7.56 -43.15 3.95
C HIS F 99 -6.59 -43.66 2.91
N GLU F 100 -6.24 -42.81 1.94
CA GLU F 100 -5.33 -43.21 0.88
C GLU F 100 -3.89 -43.07 1.32
N GLU F 101 -3.11 -44.13 1.13
CA GLU F 101 -1.67 -44.13 1.41
C GLU F 101 -0.94 -44.24 0.07
N LYS F 102 -0.49 -43.10 -0.46
CA LYS F 102 0.14 -43.05 -1.78
C LYS F 102 1.62 -43.39 -1.64
N GLU F 103 2.01 -44.59 -2.07
CA GLU F 103 3.40 -44.96 -2.08
C GLU F 103 4.14 -44.25 -3.21
N THR F 104 5.47 -44.31 -3.16
CA THR F 104 6.32 -43.52 -4.05
C THR F 104 6.46 -44.18 -5.41
N GLY F 105 5.52 -43.89 -6.31
CA GLY F 105 5.72 -44.16 -7.71
C GLY F 105 4.92 -45.27 -8.36
N GLN F 106 4.76 -46.41 -7.69
CA GLN F 106 4.20 -47.59 -8.31
C GLN F 106 2.83 -47.99 -7.79
N LYS F 107 2.66 -48.10 -6.47
CA LYS F 107 1.44 -48.60 -5.87
C LYS F 107 0.85 -47.56 -4.93
N ILE F 108 -0.39 -47.77 -4.55
CA ILE F 108 -1.08 -46.94 -3.57
C ILE F 108 -1.74 -47.85 -2.55
N ASN F 109 -1.37 -47.71 -1.28
CA ASN F 109 -1.96 -48.50 -0.22
C ASN F 109 -3.29 -47.90 0.20
N ILE F 110 -4.21 -48.77 0.63
CA ILE F 110 -5.56 -48.36 1.04
C ILE F 110 -5.81 -48.88 2.45
N HIS F 111 -6.26 -47.99 3.32
CA HIS F 111 -6.66 -48.33 4.69
C HIS F 111 -8.15 -48.01 4.80
N GLU F 112 -8.98 -48.99 4.43
CA GLU F 112 -10.42 -48.81 4.35
C GLU F 112 -11.10 -49.48 5.54
N TYR F 113 -12.00 -48.75 6.20
CA TYR F 113 -12.79 -49.25 7.31
C TYR F 113 -14.25 -49.35 6.90
N TYR F 114 -15.03 -50.03 7.73
CA TYR F 114 -16.46 -50.23 7.48
C TYR F 114 -17.24 -49.76 8.69
N LEU F 115 -18.02 -48.69 8.52
CA LEU F 115 -18.84 -48.17 9.63
C LEU F 115 -20.03 -49.07 9.89
N GLY F 116 -20.67 -49.58 8.84
CA GLY F 116 -21.82 -50.44 9.00
C GLY F 116 -22.38 -50.82 7.64
N ASN F 117 -23.32 -51.76 7.67
CA ASN F 117 -23.96 -52.26 6.47
C ASN F 117 -25.46 -52.38 6.70
N MET F 118 -26.21 -52.34 5.61
CA MET F 118 -27.67 -52.43 5.63
C MET F 118 -28.10 -53.44 4.58
N LEU F 119 -28.38 -54.67 5.00
CA LEU F 119 -28.81 -55.71 4.09
C LEU F 119 -30.33 -55.80 4.02
N SER F 137 -44.67 -44.08 19.45
CA SER F 137 -43.81 -42.92 19.21
C SER F 137 -44.63 -41.70 18.81
N ASN F 138 -45.09 -40.95 19.81
CA ASN F 138 -45.88 -39.76 19.55
C ASN F 138 -45.04 -38.49 19.50
N GLU F 139 -44.07 -38.35 20.41
CA GLU F 139 -43.18 -37.19 20.43
C GLU F 139 -41.98 -37.49 19.53
N ILE F 140 -41.86 -36.72 18.46
CA ILE F 140 -40.76 -36.89 17.51
C ILE F 140 -39.44 -36.54 18.20
N PRO F 141 -38.39 -37.34 18.05
CA PRO F 141 -37.11 -37.01 18.70
C PRO F 141 -36.56 -35.70 18.17
N THR F 142 -35.94 -34.93 19.06
CA THR F 142 -35.37 -33.63 18.72
C THR F 142 -33.92 -33.59 19.20
N LYS F 143 -33.02 -33.20 18.29
CA LYS F 143 -31.61 -33.05 18.60
C LYS F 143 -31.23 -31.58 18.62
N ASN F 144 -30.11 -31.30 19.27
CA ASN F 144 -29.60 -29.94 19.39
C ASN F 144 -28.43 -29.78 18.42
N ILE F 145 -28.61 -28.93 17.41
CA ILE F 145 -27.61 -28.65 16.41
C ILE F 145 -27.38 -27.14 16.40
N GLU F 146 -26.12 -26.74 16.55
CA GLU F 146 -25.72 -25.32 16.58
C GLU F 146 -26.45 -24.55 17.68
N GLY F 147 -26.77 -25.24 18.77
CA GLY F 147 -27.47 -24.64 19.88
C GLY F 147 -28.97 -24.55 19.71
N GLN F 148 -29.52 -25.04 18.61
CA GLN F 148 -30.95 -24.95 18.32
C GLN F 148 -31.58 -26.34 18.34
N MET F 149 -32.80 -26.41 18.87
CA MET F 149 -33.55 -27.66 18.94
C MET F 149 -34.30 -27.89 17.63
N THR F 150 -34.08 -29.05 17.01
CA THR F 150 -34.74 -29.37 15.75
C THR F 150 -35.02 -30.86 15.70
N PRO F 151 -36.16 -31.27 15.15
CA PRO F 151 -36.46 -32.70 15.07
C PRO F 151 -35.62 -33.41 14.02
N TYR F 152 -35.51 -34.72 14.19
CA TYR F 152 -34.77 -35.56 13.25
C TYR F 152 -35.35 -36.96 13.29
N TYR F 153 -35.11 -37.70 12.20
CA TYR F 153 -35.59 -39.06 12.07
C TYR F 153 -34.42 -40.02 12.18
N PRO F 154 -34.32 -40.82 13.24
CA PRO F 154 -33.17 -41.71 13.41
C PRO F 154 -33.37 -43.05 12.69
N VAL F 155 -32.24 -43.61 12.25
CA VAL F 155 -32.20 -44.91 11.61
C VAL F 155 -31.12 -45.75 12.30
N GLY F 156 -31.29 -47.07 12.21
CA GLY F 156 -30.36 -47.98 12.87
C GLY F 156 -29.76 -49.01 11.94
N MET F 157 -28.43 -49.07 11.92
CA MET F 157 -27.72 -50.06 11.13
C MET F 157 -26.38 -50.36 11.77
N GLY F 158 -25.84 -51.52 11.46
CA GLY F 158 -24.56 -51.96 12.01
C GLY F 158 -23.90 -52.96 11.10
N ASN F 159 -23.32 -54.01 11.70
CA ASN F 159 -22.64 -55.09 10.99
C ASN F 159 -21.49 -54.54 10.11
N GLY F 160 -20.57 -53.84 10.76
CA GLY F 160 -19.41 -53.28 10.11
C GLY F 160 -18.16 -54.06 10.41
N THR F 161 -17.01 -53.40 10.20
CA THR F 161 -15.73 -54.04 10.47
C THR F 161 -15.53 -54.21 11.98
N PRO F 162 -15.06 -55.37 12.42
CA PRO F 162 -14.83 -55.58 13.86
C PRO F 162 -13.71 -54.68 14.38
N CYS F 163 -13.83 -54.31 15.65
CA CYS F 163 -12.85 -53.46 16.31
C CYS F 163 -12.22 -54.21 17.47
N SER F 164 -10.89 -54.17 17.56
CA SER F 164 -10.19 -54.84 18.64
C SER F 164 -10.48 -54.22 20.00
N LEU F 165 -10.78 -52.91 20.02
CA LEU F 165 -11.11 -52.25 21.27
C LEU F 165 -12.45 -52.73 21.85
N LYS F 166 -13.36 -53.20 21.00
CA LYS F 166 -14.64 -53.71 21.46
C LYS F 166 -14.70 -55.23 21.46
N GLN F 167 -13.54 -55.90 21.39
CA GLN F 167 -13.42 -57.36 21.40
C GLN F 167 -14.19 -57.97 20.22
N ASN F 168 -13.78 -57.56 19.02
CA ASN F 168 -14.34 -58.04 17.75
C ASN F 168 -15.85 -57.87 17.70
N ARG F 169 -16.30 -56.64 17.93
CA ARG F 169 -17.72 -56.29 17.89
C ARG F 169 -17.97 -55.40 16.68
N PRO F 170 -18.88 -55.78 15.79
CA PRO F 170 -19.14 -54.95 14.60
C PRO F 170 -19.65 -53.57 14.98
N ARG F 171 -19.21 -52.57 14.23
CA ARG F 171 -19.58 -51.19 14.51
C ARG F 171 -21.02 -50.91 14.09
N SER F 172 -21.62 -49.93 14.75
CA SER F 172 -22.97 -49.49 14.44
C SER F 172 -23.00 -47.96 14.42
N SER F 173 -23.83 -47.40 13.55
CA SER F 173 -23.92 -45.96 13.42
C SER F 173 -25.34 -45.58 13.03
N THR F 174 -25.70 -44.33 13.32
CA THR F 174 -27.01 -43.80 13.02
C THR F 174 -26.87 -42.59 12.11
N VAL F 175 -27.71 -42.52 11.08
CA VAL F 175 -27.68 -41.42 10.12
C VAL F 175 -28.67 -40.36 10.55
N MET F 176 -28.21 -39.11 10.61
CA MET F 176 -29.04 -37.98 11.03
C MET F 176 -29.50 -37.25 9.77
N TYR F 177 -30.75 -36.81 9.78
CA TYR F 177 -31.37 -36.12 8.65
C TYR F 177 -31.78 -34.73 9.09
N ILE F 178 -31.25 -33.72 8.41
CA ILE F 178 -31.62 -32.33 8.70
C ILE F 178 -31.83 -31.61 7.38
N CYS F 179 -32.82 -30.72 7.33
CA CYS F 179 -33.16 -30.05 6.09
C CYS F 179 -32.35 -28.77 5.91
N HIS F 180 -32.12 -28.42 4.66
CA HIS F 180 -31.48 -27.17 4.25
C HIS F 180 -31.84 -26.87 2.80
N PRO F 181 -32.43 -25.72 2.51
CA PRO F 181 -32.83 -25.41 1.12
C PRO F 181 -31.67 -25.36 0.14
N GLU F 182 -30.45 -25.10 0.61
CA GLU F 182 -29.28 -25.03 -0.26
C GLU F 182 -28.35 -26.24 -0.08
N SER F 183 -28.92 -27.38 0.27
CA SER F 183 -28.16 -28.60 0.49
C SER F 183 -28.20 -29.51 -0.73
N LYS F 184 -27.17 -30.32 -0.89
CA LYS F 184 -27.02 -31.26 -1.99
C LYS F 184 -26.62 -32.63 -1.49
N HIS F 185 -27.31 -33.11 -0.43
CA HIS F 185 -27.04 -34.39 0.21
C HIS F 185 -25.59 -34.51 0.68
N GLU F 186 -25.12 -33.44 1.32
CA GLU F 186 -23.76 -33.35 1.82
C GLU F 186 -23.70 -33.73 3.30
N ILE F 187 -22.49 -33.86 3.81
CA ILE F 187 -22.23 -34.21 5.20
C ILE F 187 -21.87 -32.94 5.95
N LEU F 188 -22.61 -32.64 7.02
CA LEU F 188 -22.37 -31.44 7.80
C LEU F 188 -21.18 -31.61 8.76
N SER F 189 -21.18 -32.69 9.54
CA SER F 189 -20.11 -32.93 10.49
C SER F 189 -20.03 -34.42 10.78
N VAL F 190 -18.91 -34.82 11.37
CA VAL F 190 -18.67 -36.21 11.76
C VAL F 190 -18.37 -36.24 13.24
N ALA F 191 -19.05 -37.12 13.96
CA ALA F 191 -18.92 -37.24 15.40
C ALA F 191 -19.10 -38.68 15.81
N GLU F 192 -18.62 -39.01 17.00
CA GLU F 192 -18.73 -40.36 17.53
C GLU F 192 -19.25 -40.30 18.96
N VAL F 193 -20.03 -41.32 19.33
CA VAL F 193 -20.60 -41.39 20.67
C VAL F 193 -19.75 -42.30 21.54
N THR F 194 -19.13 -43.30 20.92
CA THR F 194 -18.28 -44.21 21.68
C THR F 194 -17.20 -44.73 20.74
N THR F 195 -16.26 -45.51 21.30
CA THR F 195 -15.25 -46.12 20.45
C THR F 195 -15.95 -47.06 19.49
N CYS F 196 -15.53 -47.01 18.23
CA CYS F 196 -16.11 -47.78 17.13
C CYS F 196 -17.62 -47.52 16.98
N GLU F 197 -18.13 -46.44 17.58
CA GLU F 197 -19.55 -46.06 17.45
C GLU F 197 -19.60 -44.58 17.10
N TYR F 198 -19.88 -44.30 15.83
CA TYR F 198 -19.86 -42.96 15.26
C TYR F 198 -21.25 -42.53 14.84
N GLU F 199 -21.36 -41.26 14.44
CA GLU F 199 -22.61 -40.67 13.99
C GLU F 199 -22.34 -39.74 12.82
N VAL F 200 -23.19 -39.81 11.80
CA VAL F 200 -23.03 -39.02 10.58
C VAL F 200 -24.25 -38.12 10.43
N VAL F 201 -24.00 -36.84 10.18
CA VAL F 201 -25.04 -35.83 9.97
C VAL F 201 -25.14 -35.54 8.47
N ILE F 202 -26.34 -35.70 7.91
CA ILE F 202 -26.57 -35.51 6.48
C ILE F 202 -27.69 -34.50 6.29
N LEU F 203 -27.47 -33.56 5.37
CA LEU F 203 -28.43 -32.51 5.07
C LEU F 203 -29.16 -32.87 3.78
N THR F 204 -30.45 -33.17 3.90
CA THR F 204 -31.31 -33.50 2.78
C THR F 204 -32.38 -32.44 2.62
N PRO F 205 -32.57 -31.88 1.42
CA PRO F 205 -33.48 -30.74 1.26
C PRO F 205 -34.94 -31.11 1.05
N LEU F 206 -35.29 -32.40 1.08
CA LEU F 206 -36.64 -32.83 0.78
C LEU F 206 -37.44 -33.22 2.02
N LEU F 207 -36.79 -33.52 3.14
CA LEU F 207 -37.50 -34.05 4.30
C LEU F 207 -38.32 -32.98 5.03
N CYS F 208 -37.97 -31.70 4.88
CA CYS F 208 -38.63 -30.64 5.62
C CYS F 208 -39.95 -30.22 5.02
N SER F 209 -40.35 -30.79 3.88
CA SER F 209 -41.64 -30.46 3.27
C SER F 209 -42.80 -30.75 4.21
N HIS F 210 -42.68 -31.78 5.04
CA HIS F 210 -43.68 -32.04 6.07
C HIS F 210 -43.60 -30.94 7.13
N PRO F 211 -44.75 -30.42 7.59
CA PRO F 211 -44.72 -29.36 8.60
C PRO F 211 -44.05 -29.80 9.91
N LYS F 212 -44.21 -31.06 10.29
CA LYS F 212 -43.57 -31.55 11.51
C LYS F 212 -42.05 -31.58 11.37
N TYR F 213 -41.56 -31.97 10.20
CA TYR F 213 -40.12 -32.09 9.95
C TYR F 213 -39.51 -30.81 9.39
N ARG F 214 -40.29 -29.74 9.25
CA ARG F 214 -39.76 -28.49 8.75
C ARG F 214 -38.84 -27.85 9.79
N PHE F 215 -37.97 -26.95 9.31
CA PHE F 215 -37.06 -26.24 10.20
C PHE F 215 -37.84 -25.39 11.20
N ARG F 216 -37.46 -25.49 12.47
CA ARG F 216 -38.15 -24.77 13.54
C ARG F 216 -37.76 -23.30 13.50
N ALA F 217 -38.51 -22.51 12.74
CA ALA F 217 -38.32 -21.08 12.63
C ALA F 217 -39.44 -20.36 13.37
N SER F 218 -39.08 -19.45 14.26
CA SER F 218 -40.10 -18.69 14.98
C SER F 218 -40.86 -17.80 14.02
N PRO F 219 -42.20 -17.82 14.03
CA PRO F 219 -42.96 -16.92 13.15
C PRO F 219 -42.69 -15.46 13.48
N VAL F 220 -42.62 -14.63 12.44
CA VAL F 220 -42.33 -13.22 12.64
C VAL F 220 -43.48 -12.54 13.37
N ASN F 221 -43.14 -11.57 14.21
CA ASN F 221 -44.12 -10.78 14.94
C ASN F 221 -44.02 -9.35 14.41
N ASP F 222 -45.10 -8.87 13.78
CA ASP F 222 -45.07 -7.61 13.03
C ASP F 222 -45.52 -6.46 13.93
N ILE F 223 -44.74 -5.37 13.92
CA ILE F 223 -45.09 -4.13 14.60
C ILE F 223 -45.49 -3.07 13.59
N PHE F 224 -46.72 -2.56 13.73
CA PHE F 224 -47.19 -1.43 12.96
C PHE F 224 -47.09 -0.14 13.77
N CYS F 225 -46.64 0.93 13.11
CA CYS F 225 -46.51 2.23 13.74
C CYS F 225 -47.36 3.19 12.92
N GLN F 226 -48.45 3.67 13.50
CA GLN F 226 -49.47 4.41 12.77
C GLN F 226 -49.01 5.84 12.46
N SER F 227 -49.48 6.35 11.33
CA SER F 227 -49.21 7.70 10.87
C SER F 227 -50.50 8.51 10.91
N LEU F 228 -50.53 9.53 11.77
CA LEU F 228 -51.71 10.36 11.91
C LEU F 228 -51.81 11.34 10.74
N PRO F 229 -53.04 11.72 10.34
CA PRO F 229 -53.23 12.73 9.32
C PRO F 229 -52.38 13.99 9.47
N GLY F 230 -52.19 14.72 8.37
CA GLY F 230 -51.27 15.84 8.34
C GLY F 230 -49.84 15.44 8.05
N SER F 231 -49.55 14.15 7.98
CA SER F 231 -48.27 13.59 7.61
C SER F 231 -48.51 12.43 6.67
N PRO F 232 -47.59 12.17 5.75
CA PRO F 232 -47.75 11.03 4.84
C PRO F 232 -47.72 9.70 5.57
N PHE F 233 -48.18 8.67 4.85
CA PHE F 233 -48.45 7.36 5.43
C PHE F 233 -47.20 6.71 6.02
N LYS F 234 -46.03 7.16 5.58
CA LYS F 234 -44.74 6.62 6.01
C LYS F 234 -43.67 7.69 5.76
N PRO F 235 -42.56 7.66 6.51
CA PRO F 235 -41.69 8.81 6.56
C PRO F 235 -40.93 9.12 5.27
N LEU F 236 -40.36 10.33 5.24
CA LEU F 236 -39.94 10.94 3.98
C LEU F 236 -38.51 10.65 3.52
N THR F 237 -37.62 10.14 4.37
CA THR F 237 -36.26 9.90 3.92
C THR F 237 -36.09 8.53 3.30
N LEU F 238 -36.83 7.52 3.80
CA LEU F 238 -36.68 6.19 3.24
C LEU F 238 -37.26 6.09 1.83
N ARG F 239 -38.01 7.09 1.35
CA ARG F 239 -38.29 7.21 -0.08
C ARG F 239 -37.01 7.24 -0.90
N GLN F 240 -36.23 8.33 -0.77
CA GLN F 240 -35.00 8.42 -1.55
C GLN F 240 -34.02 7.33 -1.19
N LEU F 241 -34.10 6.79 0.03
CA LEU F 241 -33.31 5.59 0.32
C LEU F 241 -33.74 4.42 -0.56
N GLU F 242 -35.05 4.23 -0.78
CA GLU F 242 -35.49 3.08 -1.55
C GLU F 242 -35.25 3.22 -3.05
N GLN F 243 -35.47 4.39 -3.65
CA GLN F 243 -34.98 4.54 -5.03
C GLN F 243 -33.45 4.40 -5.11
N GLN F 244 -32.70 4.93 -4.15
CA GLN F 244 -31.26 4.77 -4.19
C GLN F 244 -30.85 3.30 -4.15
N GLU F 245 -31.47 2.50 -3.28
CA GLU F 245 -31.12 1.10 -3.26
C GLU F 245 -31.64 0.37 -4.50
N GLU F 246 -32.66 0.91 -5.17
CA GLU F 246 -33.12 0.29 -6.40
C GLU F 246 -32.19 0.54 -7.59
N ILE F 247 -31.67 1.77 -7.75
CA ILE F 247 -30.81 1.98 -8.91
C ILE F 247 -29.33 1.67 -8.64
N LEU F 248 -28.96 1.40 -7.39
CA LEU F 248 -27.70 0.71 -7.12
C LEU F 248 -27.96 -0.80 -7.07
N ALA G 1 0.09 31.45 -4.85
CA ALA G 1 -0.27 32.62 -5.64
C ALA G 1 -1.18 32.23 -6.81
N ASN G 2 -0.75 31.23 -7.56
CA ASN G 2 -1.49 30.77 -8.74
C ASN G 2 -1.36 29.26 -8.83
N ALA G 3 -2.49 28.57 -8.74
CA ALA G 3 -2.50 27.11 -8.83
C ALA G 3 -3.85 26.61 -9.30
N ALA H 1 4.80 -25.84 6.29
CA ALA H 1 4.35 -27.23 6.37
C ALA H 1 2.94 -27.37 5.82
N ASN H 2 1.95 -27.06 6.65
CA ASN H 2 0.54 -27.15 6.29
C ASN H 2 0.01 -25.76 6.00
N ALA H 3 -0.57 -25.57 4.81
CA ALA H 3 -1.11 -24.29 4.42
C ALA H 3 -2.25 -24.45 3.43
C1 NAG I . -1.58 33.77 -11.59
C2 NAG I . -0.41 34.04 -12.54
C3 NAG I . 0.12 35.47 -12.33
C4 NAG I . -1.02 36.47 -12.48
C5 NAG I . -2.14 36.12 -11.50
C6 NAG I . -3.35 37.01 -11.65
C7 NAG I . 1.04 32.21 -13.33
C8 NAG I . 0.30 32.31 -14.63
N2 NAG I . 0.66 33.07 -12.37
O3 NAG I . 1.15 35.70 -13.29
O4 NAG I . -0.62 37.81 -12.22
O5 NAG I . -2.60 34.77 -11.75
O6 NAG I . -3.44 37.93 -10.56
O7 NAG I . 1.95 31.41 -13.15
C1 NAG I . 0.13 38.62 -13.19
C2 NAG I . -0.51 38.88 -14.58
C3 NAG I . 0.27 39.95 -15.34
C4 NAG I . 0.57 41.18 -14.49
C5 NAG I . 1.17 40.77 -13.15
C6 NAG I . 1.35 41.94 -12.21
C7 NAG I . -1.73 37.06 -15.71
C8 NAG I . -1.60 35.82 -16.53
N2 NAG I . -0.58 37.66 -15.37
O3 NAG I . -0.46 40.33 -16.49
O4 NAG I . 1.54 41.97 -15.16
O5 NAG I . 0.30 39.85 -12.49
O6 NAG I . 2.60 41.87 -11.53
O7 NAG I . -2.82 37.48 -15.33
C1 MAN I . 1.04 43.23 -15.67
C2 MAN I . 1.89 44.34 -14.97
C3 MAN I . 1.04 45.58 -14.72
C4 MAN I . 0.06 45.83 -15.87
C5 MAN I . -0.96 44.66 -15.91
C6 MAN I . -1.60 44.43 -17.28
O2 MAN I . 2.96 44.77 -15.79
O3 MAN I . 1.86 46.71 -14.50
O4 MAN I . -0.64 47.04 -15.61
O5 MAN I . -0.36 43.39 -15.44
O6 MAN I . -0.59 44.18 -18.24
C1 MAN I . -1.13 43.23 -19.19
C2 MAN I . 0.02 42.29 -19.66
C3 MAN I . 0.96 42.97 -20.68
C4 MAN I . 0.17 43.79 -21.70
C5 MAN I . -0.79 44.72 -21.00
C6 MAN I . -1.59 45.53 -21.97
O2 MAN I . -0.51 41.16 -20.36
O3 MAN I . 1.76 41.98 -21.34
O4 MAN I . 1.04 44.58 -22.49
O5 MAN I . -1.71 43.91 -20.27
O6 MAN I . -0.76 45.80 -23.09
C1 MAN I . 3.14 42.37 -21.58
C2 MAN I . 3.79 42.80 -20.21
C3 MAN I . 5.04 43.68 -20.41
C4 MAN I . 5.51 43.69 -21.87
C5 MAN I . 4.36 44.26 -22.68
C6 MAN I . 4.71 44.45 -24.15
O2 MAN I . 4.25 41.67 -19.48
O3 MAN I . 6.10 43.28 -19.54
O4 MAN I . 6.65 44.51 -22.01
O5 MAN I . 3.20 43.37 -22.62
O6 MAN I . 5.26 43.25 -24.64
C1 MAN I . -1.51 45.63 -24.31
C2 MAN I . -1.36 46.95 -25.11
C3 MAN I . -2.50 47.13 -26.11
C4 MAN I . -3.17 45.80 -26.44
C5 MAN I . -3.82 45.28 -25.15
C6 MAN I . -4.36 43.89 -25.25
O2 MAN I . -0.16 46.94 -25.88
O3 MAN I . -2.09 47.78 -27.30
O4 MAN I . -4.15 45.98 -27.44
O5 MAN I . -2.88 45.31 -24.04
O6 MAN I . -5.53 43.91 -26.07
C1 MAN I . -0.68 47.92 -16.76
C2 MAN I . 0.69 48.62 -16.92
C3 MAN I . 0.89 49.61 -15.76
C4 MAN I . -0.31 50.56 -15.64
C5 MAN I . -1.59 49.74 -15.47
C6 MAN I . -2.85 50.58 -15.39
O2 MAN I . 0.73 49.41 -18.10
O3 MAN I . 2.09 50.35 -15.91
O4 MAN I . -0.14 51.41 -14.51
O5 MAN I . -1.72 48.85 -16.61
O6 MAN I . -2.66 51.55 -14.35
C1 NAG J . -0.85 -31.48 8.16
C2 NAG J . -0.29 -31.91 9.52
C3 NAG J . -0.13 -33.42 9.57
C4 NAG J . -1.43 -34.12 9.21
C5 NAG J . -1.96 -33.59 7.88
C6 NAG J . -3.33 -34.12 7.52
C7 NAG J . 1.09 -30.26 10.71
C8 NAG J . -0.16 -29.87 11.44
N2 NAG J . 0.97 -31.24 9.80
O3 NAG J . 0.30 -33.76 10.89
O4 NAG J . -1.28 -35.53 9.04
O5 NAG J . -2.09 -32.15 7.93
O6 NAG J . -4.36 -33.43 8.22
O7 NAG J . 2.17 -29.71 10.93
C1 NAG J . -1.16 -36.41 10.20
C2 NAG J . -2.49 -36.78 10.88
C3 NAG J . -2.24 -37.84 11.97
C4 NAG J . -1.47 -39.03 11.43
C5 NAG J . -0.20 -38.56 10.73
C6 NAG J . 0.55 -39.68 10.05
C7 NAG J . -4.27 -35.09 10.99
C8 NAG J . -4.79 -33.89 11.71
N2 NAG J . -3.13 -35.61 11.46
O3 NAG J . -3.50 -38.26 12.49
O4 NAG J . -1.07 -39.86 12.52
O5 NAG J . -0.52 -37.59 9.72
O6 NAG J . 1.04 -40.63 10.99
O7 NAG J . -4.84 -35.56 10.02
C1 MAN J . -1.85 -41.07 12.67
C2 MAN J . -1.26 -41.76 13.93
C3 MAN J . -0.39 -42.93 13.51
C4 MAN J . -1.26 -43.98 12.83
C5 MAN J . -2.04 -43.36 11.65
C6 MAN J . -3.55 -43.65 11.67
O2 MAN J . -2.27 -42.32 14.75
O3 MAN J . 0.30 -43.50 14.61
O4 MAN J . -0.42 -45.04 12.35
O5 MAN J . -1.80 -41.90 11.51
O6 MAN J . -4.06 -43.51 13.00
C1 MAN J . -5.34 -42.83 12.92
C2 MAN J . -5.46 -41.84 14.14
C3 MAN J . -5.84 -42.59 15.42
C4 MAN J . -7.07 -43.47 15.18
C5 MAN J . -6.78 -44.49 14.06
C6 MAN J . -7.99 -45.37 13.72
O2 MAN J . -6.49 -40.88 13.93
O3 MAN J . -6.10 -41.67 16.48
O4 MAN J . -7.39 -44.18 16.37
O5 MAN J . -6.43 -43.77 12.84
O6 MAN J . -8.56 -45.90 14.93
C1 MAN J . -5.38 -42.03 17.68
C2 MAN J . -3.89 -41.60 17.51
C3 MAN J . -2.96 -42.62 18.18
C4 MAN J . -3.56 -43.13 19.50
C5 MAN J . -4.86 -43.91 19.19
C6 MAN J . -5.89 -43.84 20.31
O2 MAN J . -3.63 -40.35 18.15
O3 MAN J . -1.66 -42.08 18.41
O4 MAN J . -2.64 -44.00 20.14
O5 MAN J . -5.49 -43.43 17.97
O6 MAN J . -7.17 -44.14 19.76
C1 MAN J . -9.99 -45.60 15.02
C2 MAN J . -10.78 -46.95 15.00
C3 MAN J . -12.31 -46.71 15.01
C4 MAN J . -12.69 -45.27 14.61
C5 MAN J . -11.77 -44.80 13.47
C6 MAN J . -12.15 -43.45 12.91
O2 MAN J . -10.50 -47.74 16.17
O3 MAN J . -12.89 -47.06 16.28
O4 MAN J . -14.04 -45.23 14.18
O5 MAN J . -10.40 -44.70 13.96
O6 MAN J . -13.48 -43.54 12.40
C1 MAN J . -1.10 -46.30 12.57
C2 MAN J . -0.56 -46.90 13.90
C3 MAN J . 0.87 -47.43 13.71
C4 MAN J . 0.97 -48.34 12.47
C5 MAN J . 0.48 -47.57 11.24
C6 MAN J . 0.50 -48.41 9.97
O2 MAN J . -1.33 -48.02 14.32
O3 MAN J . 1.33 -48.12 14.87
O4 MAN J . 2.32 -48.74 12.27
O5 MAN J . -0.89 -47.17 11.47
O6 MAN J . -0.56 -49.36 10.05
C1 NAG K . -36.72 24.75 27.37
C2 NAG K . -37.32 23.42 27.86
C3 NAG K . -38.06 23.62 29.17
C4 NAG K . -37.17 24.32 30.19
C5 NAG K . -36.58 25.60 29.59
C6 NAG K . -35.60 26.29 30.53
C7 NAG K . -38.44 21.52 26.77
C8 NAG K . -39.37 21.09 25.69
N2 NAG K . -38.20 22.83 26.86
O3 NAG K . -38.48 22.36 29.70
O4 NAG K . -37.92 24.65 31.35
O5 NAG K . -35.87 25.30 28.39
O6 NAG K . -36.23 27.35 31.24
O7 NAG K . -37.92 20.71 27.54
C1 NAG L . -40.71 -1.67 33.14
C2 NAG L . -41.17 -0.75 34.28
C3 NAG L . -41.60 -1.57 35.48
C4 NAG L . -42.63 -2.62 35.07
C5 NAG L . -42.11 -3.45 33.91
C6 NAG L . -43.13 -4.43 33.38
C7 NAG L . -40.04 1.43 34.15
C8 NAG L . -38.89 2.26 34.64
N2 NAG L . -40.12 0.19 34.65
O3 NAG L . -42.13 -0.72 36.49
O4 NAG L . -42.92 -3.47 36.18
O5 NAG L . -41.75 -2.60 32.83
O6 NAG L . -43.92 -3.84 32.35
O7 NAG L . -40.86 1.86 33.34
C1 NAG M . -32.81 -11.46 41.33
C2 NAG M . -32.64 -11.50 42.84
C3 NAG M . -33.10 -12.86 43.39
C4 NAG M . -33.94 -13.65 42.38
C5 NAG M . -34.83 -12.78 41.47
C6 NAG M . -36.12 -12.34 42.14
C7 NAG M . -30.92 -10.55 44.31
C8 NAG M . -29.45 -10.37 44.55
N2 NAG M . -31.25 -11.24 43.22
O3 NAG M . -33.86 -12.64 44.58
O4 NAG M . -33.12 -14.54 41.61
O5 NAG M . -34.18 -11.58 41.01
O6 NAG M . -36.43 -13.17 43.26
O7 NAG M . -31.76 -10.06 45.06
C1 NAG N . 3.46 -28.97 -40.89
C2 NAG N . 4.36 -28.10 -41.80
C3 NAG N . 4.91 -28.92 -42.96
C4 NAG N . 5.53 -30.23 -42.47
C5 NAG N . 4.53 -30.99 -41.63
C6 NAG N . 5.09 -32.27 -41.05
C7 NAG N . 4.26 -25.86 -42.81
C8 NAG N . 3.37 -24.78 -43.33
N2 NAG N . 3.65 -26.94 -42.30
O3 NAG N . 5.89 -28.18 -43.67
O4 NAG N . 5.91 -31.02 -43.59
O5 NAG N . 4.14 -30.17 -40.52
O6 NAG N . 6.49 -32.35 -41.23
O7 NAG N . 5.48 -25.77 -42.85
C1 NAG O . 2.30 -3.68 -51.37
C2 NAG O . 1.97 -4.81 -52.38
C3 NAG O . 3.19 -5.17 -53.24
C4 NAG O . 3.80 -3.92 -53.87
C5 NAG O . 4.16 -2.92 -52.79
C6 NAG O . 4.70 -1.63 -53.35
C7 NAG O . 0.49 -6.76 -52.21
C8 NAG O . 0.10 -7.94 -51.37
N2 NAG O . 1.46 -5.99 -51.70
O3 NAG O . 2.80 -6.08 -54.25
O4 NAG O . 4.96 -4.27 -54.61
O5 NAG O . 2.99 -2.59 -52.03
O6 NAG O . 4.19 -1.36 -54.64
O7 NAG O . -0.05 -6.51 -53.28
C1 NAG P . 12.87 7.67 -51.06
C2 NAG P . 13.70 6.59 -51.78
C3 NAG P . 13.57 6.71 -53.31
C4 NAG P . 14.02 8.09 -53.81
C5 NAG P . 13.79 9.16 -52.75
C6 NAG P . 13.49 10.52 -53.35
C7 NAG P . 15.95 5.63 -51.48
C8 NAG P . 17.35 5.89 -51.02
N2 NAG P . 15.10 6.65 -51.38
O3 NAG P . 12.21 6.47 -53.67
O4 NAG P . 15.39 8.05 -54.15
O5 NAG P . 12.65 8.79 -51.96
O6 NAG P . 13.54 10.48 -54.76
O7 NAG P . 15.60 4.53 -51.90
#